data_2MX2
#
_entry.id   2MX2
#
_entity_poly.entity_id   1
_entity_poly.type   'polypeptide(L)'
_entity_poly.pdbx_seq_one_letter_code
;GSDHSKEKKIRITTNDGRQSMVTLKSSTTFFELQESIAREFNIPPYLQCIRYGFPPKELMPPQAGMEKEPVPLQHGDRIT
IEILKG
;
_entity_poly.pdbx_strand_id   A
#
# COMPACT_ATOMS: atom_id res chain seq x y z
N LYS A 6 13.48 -9.17 -8.61
CA LYS A 6 12.33 -9.68 -9.35
C LYS A 6 11.08 -9.66 -8.48
N GLU A 7 10.32 -8.57 -8.57
CA GLU A 7 9.11 -8.41 -7.78
C GLU A 7 7.91 -8.07 -8.67
N LYS A 8 6.79 -7.72 -8.05
CA LYS A 8 5.59 -7.36 -8.80
C LYS A 8 5.40 -5.86 -8.84
N LYS A 9 4.60 -5.39 -9.80
CA LYS A 9 4.33 -3.98 -9.95
C LYS A 9 2.85 -3.68 -9.68
N ILE A 10 2.59 -2.60 -8.96
CA ILE A 10 1.23 -2.23 -8.62
C ILE A 10 1.03 -0.72 -8.74
N ARG A 11 -0.23 -0.29 -8.81
CA ARG A 11 -0.55 1.13 -8.93
C ARG A 11 -1.04 1.71 -7.61
N ILE A 12 -0.87 3.02 -7.45
CA ILE A 12 -1.30 3.70 -6.24
C ILE A 12 -2.03 5.00 -6.57
N THR A 13 -2.97 5.38 -5.70
CA THR A 13 -3.73 6.60 -5.90
C THR A 13 -4.18 7.19 -4.57
N THR A 14 -3.74 8.40 -4.27
CA THR A 14 -4.12 9.07 -3.02
C THR A 14 -5.38 9.90 -3.20
N ASN A 15 -6.21 9.88 -2.17
CA ASN A 15 -7.46 10.62 -2.15
C ASN A 15 -7.26 12.07 -2.56
N ASP A 16 -6.06 12.60 -2.32
CA ASP A 16 -5.76 13.98 -2.68
C ASP A 16 -5.95 14.20 -4.18
N GLY A 17 -5.90 13.11 -4.94
CA GLY A 17 -6.08 13.20 -6.37
C GLY A 17 -4.80 12.91 -7.13
N ARG A 18 -3.93 12.09 -6.55
CA ARG A 18 -2.66 11.75 -7.21
C ARG A 18 -2.45 10.24 -7.25
N GLN A 19 -1.63 9.78 -8.18
CA GLN A 19 -1.35 8.36 -8.32
C GLN A 19 0.09 8.10 -8.75
N SER A 20 0.57 6.89 -8.48
CA SER A 20 1.93 6.50 -8.83
C SER A 20 2.09 4.98 -8.76
N MET A 21 2.95 4.44 -9.60
CA MET A 21 3.18 3.00 -9.64
C MET A 21 4.38 2.63 -8.78
N VAL A 22 4.44 1.35 -8.42
CA VAL A 22 5.53 0.87 -7.58
C VAL A 22 5.93 -0.56 -7.95
N THR A 23 7.02 -1.03 -7.35
CA THR A 23 7.51 -2.37 -7.61
C THR A 23 7.43 -3.22 -6.35
N LEU A 24 6.27 -3.22 -5.71
CA LEU A 24 6.05 -3.97 -4.48
C LEU A 24 6.69 -5.37 -4.56
N LYS A 25 7.42 -5.73 -3.51
CA LYS A 25 8.08 -7.02 -3.45
C LYS A 25 7.08 -8.14 -3.19
N SER A 26 7.45 -9.36 -3.59
CA SER A 26 6.58 -10.53 -3.40
C SER A 26 6.22 -10.70 -1.93
N SER A 27 7.23 -10.66 -1.07
CA SER A 27 7.03 -10.82 0.37
C SER A 27 6.90 -9.46 1.05
N THR A 28 6.21 -8.53 0.40
CA THR A 28 6.01 -7.19 0.94
C THR A 28 4.78 -7.13 1.82
N THR A 29 4.99 -7.02 3.13
CA THR A 29 3.89 -6.93 4.08
C THR A 29 3.34 -5.51 4.11
N PHE A 30 2.22 -5.33 4.82
CA PHE A 30 1.59 -4.01 4.92
C PHE A 30 2.63 -2.94 5.24
N PHE A 31 3.61 -3.29 6.07
CA PHE A 31 4.66 -2.34 6.44
C PHE A 31 5.54 -2.01 5.24
N GLU A 32 6.00 -3.05 4.54
CA GLU A 32 6.84 -2.86 3.37
C GLU A 32 6.11 -2.06 2.30
N LEU A 33 4.79 -2.21 2.25
CA LEU A 33 3.97 -1.51 1.28
C LEU A 33 3.86 -0.03 1.65
N GLN A 34 3.63 0.23 2.94
CA GLN A 34 3.51 1.59 3.42
C GLN A 34 4.77 2.39 3.16
N GLU A 35 5.91 1.69 3.13
CA GLU A 35 7.19 2.33 2.88
C GLU A 35 7.36 2.68 1.40
N SER A 36 6.68 1.91 0.54
CA SER A 36 6.75 2.15 -0.90
C SER A 36 6.00 3.42 -1.27
N ILE A 37 4.74 3.51 -0.84
CA ILE A 37 3.91 4.67 -1.12
C ILE A 37 4.58 5.95 -0.62
N ALA A 38 5.19 5.86 0.55
CA ALA A 38 5.88 7.00 1.14
C ALA A 38 6.96 7.54 0.21
N ARG A 39 7.39 6.70 -0.74
CA ARG A 39 8.41 7.09 -1.70
C ARG A 39 7.77 7.69 -2.95
N GLU A 40 6.85 6.95 -3.55
CA GLU A 40 6.15 7.39 -4.75
C GLU A 40 5.39 8.68 -4.50
N PHE A 41 4.98 8.90 -3.25
CA PHE A 41 4.23 10.09 -2.90
C PHE A 41 4.91 10.87 -1.78
N ASN A 42 4.22 11.86 -1.23
CA ASN A 42 4.78 12.67 -0.16
C ASN A 42 4.01 12.49 1.15
N ILE A 43 3.80 11.24 1.54
CA ILE A 43 3.08 10.95 2.78
C ILE A 43 3.79 9.83 3.56
N PRO A 44 3.93 10.01 4.88
CA PRO A 44 4.60 9.02 5.74
C PRO A 44 3.78 7.75 5.90
N PRO A 45 4.41 6.67 6.40
CA PRO A 45 3.73 5.38 6.60
C PRO A 45 2.61 5.46 7.65
N TYR A 46 2.68 6.46 8.52
CA TYR A 46 1.67 6.63 9.56
C TYR A 46 0.56 7.57 9.12
N LEU A 47 0.55 7.93 7.83
CA LEU A 47 -0.47 8.82 7.29
C LEU A 47 -1.01 8.32 5.96
N GLN A 48 -0.58 7.13 5.55
CA GLN A 48 -1.04 6.55 4.29
C GLN A 48 -1.96 5.37 4.53
N CYS A 49 -3.23 5.54 4.19
CA CYS A 49 -4.21 4.47 4.34
C CYS A 49 -4.53 3.85 2.99
N ILE A 50 -3.99 2.65 2.76
CA ILE A 50 -4.19 1.94 1.51
C ILE A 50 -5.57 1.30 1.42
N ARG A 51 -6.06 1.16 0.20
CA ARG A 51 -7.36 0.55 -0.05
C ARG A 51 -7.33 -0.29 -1.32
N TYR A 52 -8.03 -1.43 -1.29
CA TYR A 52 -8.07 -2.32 -2.45
C TYR A 52 -9.44 -2.97 -2.58
N GLY A 53 -9.72 -3.47 -3.77
CA GLY A 53 -11.01 -4.13 -4.02
C GLY A 53 -12.15 -3.14 -4.12
N PHE A 54 -13.24 -3.58 -4.73
CA PHE A 54 -14.42 -2.73 -4.90
C PHE A 54 -15.61 -3.29 -4.10
N PRO A 55 -16.13 -2.52 -3.13
CA PRO A 55 -15.64 -1.18 -2.78
C PRO A 55 -14.24 -1.21 -2.19
N PRO A 56 -13.60 -0.04 -2.03
CA PRO A 56 -12.26 0.06 -1.47
C PRO A 56 -12.22 -0.29 0.00
N LYS A 57 -11.39 -1.27 0.35
CA LYS A 57 -11.25 -1.71 1.72
C LYS A 57 -10.18 -0.91 2.45
N GLU A 58 -10.01 -1.17 3.74
CA GLU A 58 -9.03 -0.48 4.54
C GLU A 58 -7.94 -1.43 5.01
N LEU A 59 -7.07 -1.85 4.08
CA LEU A 59 -5.98 -2.77 4.36
C LEU A 59 -5.31 -2.45 5.70
N MET A 60 -5.85 -3.03 6.76
CA MET A 60 -5.32 -2.82 8.10
C MET A 60 -3.96 -3.47 8.27
N PRO A 61 -3.14 -2.97 9.21
CA PRO A 61 -1.80 -3.50 9.47
C PRO A 61 -1.84 -4.83 10.24
N PRO A 62 -0.95 -5.77 9.88
CA PRO A 62 -0.89 -7.08 10.54
C PRO A 62 -0.39 -6.98 11.98
N GLN A 63 -0.13 -8.13 12.58
CA GLN A 63 0.36 -8.17 13.95
C GLN A 63 1.47 -9.21 14.10
N ALA A 64 1.83 -9.54 15.34
CA ALA A 64 2.87 -10.51 15.61
C ALA A 64 2.57 -11.86 14.94
N GLY A 65 3.32 -12.18 13.91
CA GLY A 65 3.12 -13.43 13.20
C GLY A 65 2.63 -13.22 11.79
N MET A 66 1.82 -12.18 11.59
CA MET A 66 1.27 -11.87 10.29
C MET A 66 2.09 -10.78 9.59
N GLU A 67 2.83 -10.01 10.38
CA GLU A 67 3.66 -8.93 9.85
C GLU A 67 4.56 -9.43 8.71
N LYS A 68 4.91 -10.71 8.77
CA LYS A 68 5.76 -11.31 7.75
C LYS A 68 4.98 -11.60 6.48
N GLU A 69 3.66 -11.74 6.62
CA GLU A 69 2.80 -12.03 5.48
C GLU A 69 2.78 -10.85 4.50
N PRO A 70 2.78 -11.13 3.19
CA PRO A 70 2.77 -10.09 2.15
C PRO A 70 1.40 -9.43 1.99
N VAL A 71 1.38 -8.33 1.26
CA VAL A 71 0.14 -7.59 1.02
C VAL A 71 -0.84 -8.41 0.18
N PRO A 72 -2.13 -8.02 0.19
CA PRO A 72 -3.17 -8.74 -0.57
C PRO A 72 -3.16 -8.37 -2.05
N LEU A 73 -2.20 -7.56 -2.46
CA LEU A 73 -2.09 -7.11 -3.85
C LEU A 73 -1.01 -7.89 -4.59
N GLN A 74 -1.18 -8.01 -5.91
CA GLN A 74 -0.22 -8.73 -6.74
C GLN A 74 0.15 -7.94 -7.98
N HIS A 75 1.03 -8.52 -8.80
CA HIS A 75 1.47 -7.87 -10.02
C HIS A 75 0.30 -7.52 -10.93
N GLY A 76 0.01 -6.23 -11.03
CA GLY A 76 -1.09 -5.78 -11.88
C GLY A 76 -2.30 -5.31 -11.08
N ASP A 77 -2.14 -5.22 -9.76
CA ASP A 77 -3.23 -4.77 -8.90
C ASP A 77 -3.28 -3.26 -8.81
N ARG A 78 -4.28 -2.74 -8.10
CA ARG A 78 -4.43 -1.30 -7.92
C ARG A 78 -4.89 -0.99 -6.50
N ILE A 79 -4.41 0.12 -5.96
CA ILE A 79 -4.76 0.52 -4.60
C ILE A 79 -4.99 2.02 -4.49
N THR A 80 -5.61 2.42 -3.40
CA THR A 80 -5.89 3.82 -3.15
C THR A 80 -5.44 4.21 -1.74
N ILE A 81 -4.68 5.30 -1.65
CA ILE A 81 -4.18 5.78 -0.39
C ILE A 81 -4.98 6.97 0.12
N GLU A 82 -4.98 7.16 1.43
CA GLU A 82 -5.71 8.28 2.04
C GLU A 82 -4.85 8.96 3.09
N ILE A 83 -4.53 10.22 2.85
CA ILE A 83 -3.71 10.99 3.78
C ILE A 83 -4.44 11.18 5.11
N LEU A 84 -3.97 10.46 6.13
CA LEU A 84 -4.57 10.54 7.45
C LEU A 84 -4.23 11.88 8.12
N LYS A 85 -4.88 12.15 9.25
CA LYS A 85 -4.65 13.37 9.99
C LYS A 85 -3.63 13.16 11.10
N GLY A 86 -2.38 13.51 10.83
CA GLY A 86 -1.33 13.35 11.81
C GLY A 86 -1.60 14.11 13.09
N LYS A 6 12.29 -11.17 -10.03
CA LYS A 6 11.93 -9.80 -9.70
C LYS A 6 10.68 -9.77 -8.83
N GLU A 7 10.34 -8.59 -8.32
CA GLU A 7 9.18 -8.42 -7.46
C GLU A 7 7.92 -8.17 -8.29
N LYS A 8 6.87 -7.66 -7.65
CA LYS A 8 5.62 -7.38 -8.33
C LYS A 8 5.40 -5.87 -8.45
N LYS A 9 4.52 -5.48 -9.37
CA LYS A 9 4.21 -4.08 -9.59
C LYS A 9 2.71 -3.82 -9.40
N ILE A 10 2.39 -2.79 -8.65
CA ILE A 10 0.99 -2.44 -8.38
C ILE A 10 0.75 -0.95 -8.61
N ARG A 11 -0.52 -0.58 -8.74
CA ARG A 11 -0.90 0.81 -8.96
C ARG A 11 -1.25 1.49 -7.64
N ILE A 12 -1.12 2.81 -7.59
CA ILE A 12 -1.44 3.56 -6.39
C ILE A 12 -2.16 4.85 -6.73
N THR A 13 -3.05 5.27 -5.83
CA THR A 13 -3.81 6.50 -6.02
C THR A 13 -4.19 7.11 -4.69
N THR A 14 -3.73 8.34 -4.46
CA THR A 14 -4.04 9.04 -3.21
C THR A 14 -5.26 9.93 -3.37
N ASN A 15 -6.05 9.99 -2.30
CA ASN A 15 -7.27 10.79 -2.27
C ASN A 15 -7.02 12.23 -2.69
N ASP A 16 -5.78 12.69 -2.51
CA ASP A 16 -5.44 14.06 -2.89
C ASP A 16 -5.65 14.28 -4.39
N GLY A 17 -5.74 13.18 -5.14
CA GLY A 17 -5.95 13.28 -6.57
C GLY A 17 -4.71 12.91 -7.36
N ARG A 18 -3.89 12.03 -6.81
CA ARG A 18 -2.67 11.61 -7.49
C ARG A 18 -2.54 10.09 -7.52
N GLN A 19 -1.76 9.58 -8.47
CA GLN A 19 -1.56 8.15 -8.61
C GLN A 19 -0.16 7.84 -9.14
N SER A 20 0.34 6.66 -8.80
CA SER A 20 1.66 6.23 -9.23
C SER A 20 1.82 4.72 -9.05
N MET A 21 2.73 4.13 -9.83
CA MET A 21 2.98 2.70 -9.76
C MET A 21 4.20 2.41 -8.90
N VAL A 22 4.27 1.20 -8.38
CA VAL A 22 5.39 0.79 -7.54
C VAL A 22 5.85 -0.62 -7.85
N THR A 23 6.96 -1.01 -7.24
CA THR A 23 7.52 -2.34 -7.43
C THR A 23 7.46 -3.14 -6.14
N LEU A 24 6.29 -3.15 -5.51
CA LEU A 24 6.08 -3.86 -4.25
C LEU A 24 6.77 -5.22 -4.24
N LYS A 25 7.53 -5.48 -3.18
CA LYS A 25 8.25 -6.74 -3.05
C LYS A 25 7.28 -7.91 -2.85
N SER A 26 7.70 -9.10 -3.28
CA SER A 26 6.87 -10.29 -3.16
C SER A 26 6.45 -10.52 -1.71
N SER A 27 7.39 -10.35 -0.80
CA SER A 27 7.11 -10.53 0.63
C SER A 27 6.92 -9.20 1.32
N THR A 28 6.23 -8.28 0.64
CA THR A 28 5.97 -6.95 1.18
C THR A 28 4.72 -6.95 2.06
N THR A 29 4.94 -6.95 3.37
CA THR A 29 3.83 -6.93 4.32
C THR A 29 3.23 -5.54 4.41
N PHE A 30 2.10 -5.42 5.10
CA PHE A 30 1.43 -4.13 5.28
C PHE A 30 2.42 -3.03 5.65
N PHE A 31 3.47 -3.42 6.38
CA PHE A 31 4.49 -2.47 6.81
C PHE A 31 5.39 -2.09 5.62
N GLU A 32 5.81 -3.11 4.87
CA GLU A 32 6.66 -2.88 3.72
C GLU A 32 5.94 -2.07 2.66
N LEU A 33 4.63 -2.26 2.58
CA LEU A 33 3.81 -1.53 1.61
C LEU A 33 3.72 -0.06 2.00
N GLN A 34 3.51 0.20 3.29
CA GLN A 34 3.42 1.57 3.79
C GLN A 34 4.69 2.36 3.47
N GLU A 35 5.80 1.64 3.33
CA GLU A 35 7.08 2.27 3.03
C GLU A 35 7.27 2.44 1.52
N SER A 36 6.56 1.61 0.74
CA SER A 36 6.66 1.68 -0.71
C SER A 36 5.99 2.94 -1.24
N ILE A 37 4.76 3.18 -0.79
CA ILE A 37 4.01 4.36 -1.20
C ILE A 37 4.73 5.63 -0.77
N ALA A 38 5.36 5.58 0.39
CA ALA A 38 6.09 6.73 0.91
C ALA A 38 7.22 7.15 -0.04
N ARG A 39 7.59 6.25 -0.94
CA ARG A 39 8.64 6.54 -1.91
C ARG A 39 8.06 7.12 -3.19
N GLU A 40 6.97 6.52 -3.65
CA GLU A 40 6.31 6.97 -4.87
C GLU A 40 5.58 8.29 -4.64
N PHE A 41 5.15 8.52 -3.41
CA PHE A 41 4.44 9.74 -3.07
C PHE A 41 5.15 10.51 -1.97
N ASN A 42 4.53 11.60 -1.50
CA ASN A 42 5.13 12.42 -0.45
C ASN A 42 4.37 12.28 0.87
N ILE A 43 4.09 11.04 1.25
CA ILE A 43 3.38 10.78 2.50
C ILE A 43 4.05 9.65 3.28
N PRO A 44 4.23 9.83 4.61
CA PRO A 44 4.86 8.83 5.46
C PRO A 44 4.00 7.59 5.66
N PRO A 45 4.56 6.52 6.22
CA PRO A 45 3.84 5.26 6.45
C PRO A 45 2.73 5.42 7.48
N TYR A 46 2.86 6.42 8.34
CA TYR A 46 1.85 6.66 9.37
C TYR A 46 0.77 7.64 8.91
N LEU A 47 0.81 8.00 7.62
CA LEU A 47 -0.17 8.92 7.05
C LEU A 47 -0.75 8.39 5.75
N GLN A 48 -0.36 7.17 5.36
CA GLN A 48 -0.85 6.57 4.13
C GLN A 48 -1.81 5.42 4.42
N CYS A 49 -3.08 5.62 4.10
CA CYS A 49 -4.10 4.60 4.29
C CYS A 49 -4.43 3.94 2.97
N ILE A 50 -3.92 2.73 2.77
CA ILE A 50 -4.14 1.98 1.53
C ILE A 50 -5.53 1.37 1.48
N ARG A 51 -6.03 1.20 0.26
CA ARG A 51 -7.35 0.61 0.05
C ARG A 51 -7.38 -0.19 -1.25
N TYR A 52 -8.12 -1.30 -1.24
CA TYR A 52 -8.22 -2.15 -2.42
C TYR A 52 -9.64 -2.68 -2.59
N GLY A 53 -9.95 -3.16 -3.79
CA GLY A 53 -11.27 -3.69 -4.06
C GLY A 53 -12.36 -2.63 -3.99
N PHE A 54 -13.58 -3.02 -4.28
CA PHE A 54 -14.71 -2.10 -4.25
C PHE A 54 -15.88 -2.69 -3.46
N PRO A 55 -16.35 -2.00 -2.40
CA PRO A 55 -15.80 -0.72 -1.95
C PRO A 55 -14.40 -0.86 -1.36
N PRO A 56 -13.49 0.09 -1.66
CA PRO A 56 -12.12 0.07 -1.16
C PRO A 56 -12.06 -0.14 0.35
N LYS A 57 -11.24 -1.10 0.76
CA LYS A 57 -11.07 -1.41 2.17
C LYS A 57 -9.97 -0.55 2.79
N GLU A 58 -9.77 -0.69 4.10
CA GLU A 58 -8.76 0.07 4.80
C GLU A 58 -7.43 -0.68 4.87
N LEU A 59 -7.48 -1.99 4.65
CA LEU A 59 -6.28 -2.82 4.69
C LEU A 59 -5.58 -2.70 6.04
N MET A 60 -6.17 -3.32 7.07
CA MET A 60 -5.62 -3.28 8.40
C MET A 60 -4.27 -4.01 8.47
N PRO A 61 -3.42 -3.65 9.45
CA PRO A 61 -2.11 -4.27 9.63
C PRO A 61 -2.21 -5.69 10.17
N PRO A 62 -1.26 -6.57 9.78
CA PRO A 62 -1.24 -7.96 10.23
C PRO A 62 -1.14 -8.08 11.75
N GLN A 63 -0.97 -9.30 12.22
CA GLN A 63 -0.86 -9.55 13.66
C GLN A 63 0.38 -10.39 13.97
N ALA A 64 0.47 -10.88 15.20
CA ALA A 64 1.60 -11.70 15.62
C ALA A 64 1.76 -12.92 14.73
N GLY A 65 2.74 -12.88 13.82
CA GLY A 65 2.97 -13.99 12.92
C GLY A 65 2.69 -13.63 11.47
N MET A 66 1.69 -12.79 11.26
CA MET A 66 1.32 -12.37 9.91
C MET A 66 2.14 -11.15 9.47
N GLU A 67 2.82 -10.51 10.42
CA GLU A 67 3.63 -9.35 10.11
C GLU A 67 4.62 -9.63 8.98
N LYS A 68 5.02 -10.90 8.86
CA LYS A 68 5.95 -11.31 7.81
C LYS A 68 5.23 -11.58 6.50
N GLU A 69 3.93 -11.85 6.59
CA GLU A 69 3.13 -12.12 5.40
C GLU A 69 3.01 -10.89 4.52
N PRO A 70 3.01 -11.08 3.18
CA PRO A 70 2.90 -9.97 2.23
C PRO A 70 1.51 -9.36 2.19
N VAL A 71 1.39 -8.24 1.48
CA VAL A 71 0.12 -7.54 1.35
C VAL A 71 -0.87 -8.33 0.49
N PRO A 72 -2.17 -8.00 0.59
CA PRO A 72 -3.23 -8.68 -0.18
C PRO A 72 -3.17 -8.36 -1.67
N LEU A 73 -2.27 -7.46 -2.05
CA LEU A 73 -2.14 -7.06 -3.44
C LEU A 73 -1.01 -7.82 -4.13
N GLN A 74 -1.16 -8.04 -5.43
CA GLN A 74 -0.16 -8.77 -6.20
C GLN A 74 0.22 -8.01 -7.47
N HIS A 75 1.13 -8.60 -8.24
CA HIS A 75 1.60 -8.00 -9.49
C HIS A 75 0.44 -7.73 -10.44
N GLY A 76 0.10 -6.46 -10.61
CA GLY A 76 -0.99 -6.10 -11.50
C GLY A 76 -2.23 -5.65 -10.76
N ASP A 77 -2.11 -5.42 -9.46
CA ASP A 77 -3.25 -4.99 -8.66
C ASP A 77 -3.35 -3.47 -8.63
N ARG A 78 -4.32 -2.96 -7.89
CA ARG A 78 -4.52 -1.52 -7.76
C ARG A 78 -4.97 -1.16 -6.36
N ILE A 79 -4.57 0.00 -5.88
CA ILE A 79 -4.93 0.44 -4.55
C ILE A 79 -5.13 1.95 -4.47
N THR A 80 -5.68 2.40 -3.35
CA THR A 80 -5.93 3.82 -3.14
C THR A 80 -5.45 4.24 -1.75
N ILE A 81 -4.63 5.27 -1.71
CA ILE A 81 -4.09 5.77 -0.46
C ILE A 81 -4.85 7.00 0.02
N GLU A 82 -4.83 7.23 1.32
CA GLU A 82 -5.50 8.38 1.91
C GLU A 82 -4.60 9.06 2.94
N ILE A 83 -4.25 10.31 2.66
CA ILE A 83 -3.40 11.08 3.55
C ILE A 83 -4.10 11.32 4.89
N LEU A 84 -3.65 10.62 5.92
CA LEU A 84 -4.24 10.77 7.24
C LEU A 84 -3.86 12.12 7.85
N LYS A 85 -4.37 12.39 9.05
CA LYS A 85 -4.09 13.65 9.72
C LYS A 85 -2.92 13.50 10.69
N GLY A 86 -1.74 13.90 10.23
CA GLY A 86 -0.54 13.80 11.04
C GLY A 86 0.37 15.00 10.87
N LYS A 6 12.95 -10.53 -7.61
CA LYS A 6 11.72 -10.36 -8.39
C LYS A 6 10.68 -9.57 -7.60
N GLU A 7 10.33 -8.40 -8.12
CA GLU A 7 9.35 -7.55 -7.47
C GLU A 7 8.10 -7.41 -8.34
N LYS A 8 6.97 -7.18 -7.68
CA LYS A 8 5.69 -7.02 -8.37
C LYS A 8 5.37 -5.55 -8.54
N LYS A 9 4.62 -5.22 -9.58
CA LYS A 9 4.25 -3.84 -9.85
C LYS A 9 2.76 -3.63 -9.59
N ILE A 10 2.43 -2.55 -8.89
CA ILE A 10 1.06 -2.24 -8.57
C ILE A 10 0.77 -0.75 -8.74
N ARG A 11 -0.50 -0.40 -8.83
CA ARG A 11 -0.90 1.00 -9.00
C ARG A 11 -1.27 1.64 -7.66
N ILE A 12 -1.03 2.94 -7.54
CA ILE A 12 -1.35 3.66 -6.32
C ILE A 12 -2.09 4.96 -6.63
N THR A 13 -3.01 5.33 -5.76
CA THR A 13 -3.78 6.55 -5.94
C THR A 13 -4.21 7.14 -4.61
N THR A 14 -3.77 8.36 -4.33
CA THR A 14 -4.12 9.03 -3.08
C THR A 14 -5.38 9.88 -3.24
N ASN A 15 -6.19 9.86 -2.19
CA ASN A 15 -7.44 10.60 -2.16
C ASN A 15 -7.25 12.05 -2.57
N ASP A 16 -6.05 12.59 -2.35
CA ASP A 16 -5.76 13.96 -2.72
C ASP A 16 -5.98 14.19 -4.21
N GLY A 17 -5.94 13.09 -4.97
CA GLY A 17 -6.14 13.18 -6.40
C GLY A 17 -4.88 12.89 -7.19
N ARG A 18 -4.01 12.06 -6.63
CA ARG A 18 -2.77 11.71 -7.30
C ARG A 18 -2.56 10.20 -7.33
N GLN A 19 -1.73 9.73 -8.26
CA GLN A 19 -1.45 8.30 -8.39
C GLN A 19 -0.02 8.04 -8.81
N SER A 20 0.44 6.81 -8.57
CA SER A 20 1.79 6.40 -8.92
C SER A 20 1.93 4.89 -8.92
N MET A 21 3.02 4.39 -9.48
CA MET A 21 3.27 2.95 -9.55
C MET A 21 4.49 2.57 -8.72
N VAL A 22 4.50 1.34 -8.23
CA VAL A 22 5.60 0.86 -7.42
C VAL A 22 5.99 -0.56 -7.82
N THR A 23 7.08 -1.05 -7.25
CA THR A 23 7.56 -2.40 -7.54
C THR A 23 7.55 -3.24 -6.26
N LEU A 24 6.43 -3.22 -5.57
CA LEU A 24 6.27 -3.97 -4.32
C LEU A 24 6.98 -5.33 -4.39
N LYS A 25 7.73 -5.64 -3.34
CA LYS A 25 8.47 -6.89 -3.28
C LYS A 25 7.52 -8.07 -3.05
N SER A 26 7.95 -9.26 -3.46
CA SER A 26 7.13 -10.45 -3.30
C SER A 26 6.80 -10.71 -1.83
N SER A 27 7.77 -10.49 -0.96
CA SER A 27 7.58 -10.69 0.47
C SER A 27 7.45 -9.35 1.19
N THR A 28 6.68 -8.44 0.61
CA THR A 28 6.48 -7.12 1.21
C THR A 28 5.18 -7.09 2.00
N THR A 29 5.31 -7.00 3.32
CA THR A 29 4.14 -6.95 4.21
C THR A 29 3.55 -5.54 4.22
N PHE A 30 2.45 -5.39 4.94
CA PHE A 30 1.77 -4.09 5.04
C PHE A 30 2.78 -2.98 5.35
N PHE A 31 3.73 -3.27 6.24
CA PHE A 31 4.75 -2.30 6.62
C PHE A 31 5.62 -1.97 5.42
N GLU A 32 6.13 -2.99 4.75
CA GLU A 32 6.97 -2.81 3.59
C GLU A 32 6.23 -2.05 2.50
N LEU A 33 4.92 -2.25 2.43
CA LEU A 33 4.08 -1.59 1.45
C LEU A 33 3.92 -0.12 1.81
N GLN A 34 3.66 0.15 3.08
CA GLN A 34 3.48 1.52 3.55
C GLN A 34 4.73 2.34 3.28
N GLU A 35 5.89 1.68 3.32
CA GLU A 35 7.16 2.35 3.08
C GLU A 35 7.37 2.61 1.59
N SER A 36 6.73 1.81 0.75
CA SER A 36 6.85 1.96 -0.70
C SER A 36 6.11 3.20 -1.18
N ILE A 37 4.85 3.33 -0.77
CA ILE A 37 4.03 4.47 -1.16
C ILE A 37 4.68 5.77 -0.70
N ALA A 38 5.29 5.74 0.48
CA ALA A 38 5.96 6.91 1.02
C ALA A 38 7.07 7.39 0.09
N ARG A 39 7.51 6.51 -0.81
CA ARG A 39 8.57 6.85 -1.76
C ARG A 39 7.98 7.42 -3.04
N GLU A 40 6.92 6.78 -3.52
CA GLU A 40 6.25 7.22 -4.74
C GLU A 40 5.45 8.50 -4.51
N PHE A 41 5.03 8.71 -3.26
CA PHE A 41 4.25 9.88 -2.92
C PHE A 41 4.92 10.68 -1.79
N ASN A 42 4.22 11.69 -1.29
CA ASN A 42 4.75 12.53 -0.22
C ASN A 42 3.98 12.33 1.08
N ILE A 43 3.77 11.07 1.47
CA ILE A 43 3.07 10.76 2.70
C ILE A 43 3.77 9.63 3.45
N PRO A 44 3.94 9.78 4.78
CA PRO A 44 4.60 8.77 5.61
C PRO A 44 3.74 7.51 5.78
N PRO A 45 4.33 6.44 6.33
CA PRO A 45 3.61 5.17 6.54
C PRO A 45 2.52 5.28 7.59
N TYR A 46 2.61 6.30 8.44
CA TYR A 46 1.61 6.50 9.49
C TYR A 46 0.51 7.48 9.05
N LEU A 47 0.55 7.89 7.78
CA LEU A 47 -0.45 8.82 7.24
C LEU A 47 -1.02 8.30 5.92
N GLN A 48 -0.62 7.10 5.52
CA GLN A 48 -1.11 6.53 4.27
C GLN A 48 -2.06 5.36 4.53
N CYS A 49 -3.33 5.56 4.20
CA CYS A 49 -4.33 4.52 4.37
C CYS A 49 -4.62 3.86 3.03
N ILE A 50 -4.18 2.61 2.88
CA ILE A 50 -4.35 1.88 1.63
C ILE A 50 -5.76 1.30 1.50
N ARG A 51 -6.19 1.15 0.25
CA ARG A 51 -7.52 0.60 -0.05
C ARG A 51 -7.48 -0.21 -1.35
N TYR A 52 -8.10 -1.38 -1.34
CA TYR A 52 -8.13 -2.23 -2.52
C TYR A 52 -9.51 -2.85 -2.72
N GLY A 53 -9.74 -3.40 -3.90
CA GLY A 53 -11.01 -4.03 -4.21
C GLY A 53 -12.15 -3.04 -4.28
N PHE A 54 -13.24 -3.43 -4.93
CA PHE A 54 -14.41 -2.57 -5.07
C PHE A 54 -15.61 -3.17 -4.32
N PRO A 55 -16.15 -2.45 -3.31
CA PRO A 55 -15.65 -1.13 -2.90
C PRO A 55 -14.26 -1.18 -2.28
N PRO A 56 -13.64 -0.01 -2.08
CA PRO A 56 -12.29 0.07 -1.50
C PRO A 56 -12.28 -0.33 -0.03
N LYS A 57 -11.42 -1.28 0.30
CA LYS A 57 -11.30 -1.78 1.67
C LYS A 57 -10.28 -0.95 2.44
N GLU A 58 -10.14 -1.25 3.73
CA GLU A 58 -9.19 -0.54 4.58
C GLU A 58 -8.08 -1.47 5.05
N LEU A 59 -7.18 -1.82 4.12
CA LEU A 59 -6.06 -2.71 4.41
C LEU A 59 -5.38 -2.34 5.73
N MET A 60 -5.91 -2.88 6.82
CA MET A 60 -5.38 -2.62 8.15
C MET A 60 -4.04 -3.32 8.35
N PRO A 61 -3.21 -2.81 9.29
CA PRO A 61 -1.90 -3.39 9.58
C PRO A 61 -2.00 -4.76 10.27
N PRO A 62 -1.15 -5.72 9.88
CA PRO A 62 -1.16 -7.06 10.46
C PRO A 62 -0.67 -7.08 11.90
N GLN A 63 -0.46 -8.28 12.44
CA GLN A 63 0.00 -8.42 13.81
C GLN A 63 1.03 -9.55 13.90
N ALA A 64 1.32 -9.98 15.13
CA ALA A 64 2.29 -11.05 15.35
C ALA A 64 1.91 -12.31 14.59
N GLY A 65 2.47 -12.46 13.40
CA GLY A 65 2.17 -13.62 12.57
C GLY A 65 1.83 -13.27 11.15
N MET A 66 1.28 -12.07 10.95
CA MET A 66 0.91 -11.60 9.62
C MET A 66 1.88 -10.53 9.13
N GLU A 67 2.49 -9.81 10.07
CA GLU A 67 3.44 -8.75 9.73
C GLU A 67 4.56 -9.29 8.85
N LYS A 68 4.88 -10.57 9.02
CA LYS A 68 5.94 -11.19 8.24
C LYS A 68 5.43 -11.59 6.85
N GLU A 69 4.12 -11.78 6.74
CA GLU A 69 3.51 -12.15 5.47
C GLU A 69 3.36 -10.94 4.55
N PRO A 70 3.46 -11.15 3.23
CA PRO A 70 3.34 -10.07 2.25
C PRO A 70 1.92 -9.52 2.14
N VAL A 71 1.77 -8.42 1.43
CA VAL A 71 0.47 -7.79 1.23
C VAL A 71 -0.44 -8.65 0.36
N PRO A 72 -1.77 -8.40 0.42
CA PRO A 72 -2.75 -9.14 -0.37
C PRO A 72 -2.74 -8.77 -1.84
N LEU A 73 -1.88 -7.83 -2.22
CA LEU A 73 -1.79 -7.36 -3.60
C LEU A 73 -0.63 -8.04 -4.32
N GLN A 74 -0.72 -8.11 -5.65
CA GLN A 74 0.32 -8.73 -6.45
C GLN A 74 0.58 -7.94 -7.74
N HIS A 75 1.51 -8.44 -8.54
CA HIS A 75 1.87 -7.80 -9.80
C HIS A 75 0.65 -7.62 -10.70
N GLY A 76 0.21 -6.38 -10.85
CA GLY A 76 -0.95 -6.10 -11.69
C GLY A 76 -2.17 -5.65 -10.90
N ASP A 77 -1.99 -5.44 -9.60
CA ASP A 77 -3.09 -5.02 -8.75
C ASP A 77 -3.20 -3.50 -8.72
N ARG A 78 -4.09 -2.98 -7.87
CA ARG A 78 -4.29 -1.55 -7.73
C ARG A 78 -4.71 -1.20 -6.32
N ILE A 79 -4.35 -0.01 -5.86
CA ILE A 79 -4.69 0.42 -4.52
C ILE A 79 -4.92 1.93 -4.44
N THR A 80 -5.55 2.35 -3.35
CA THR A 80 -5.83 3.76 -3.14
C THR A 80 -5.39 4.18 -1.74
N ILE A 81 -4.60 5.26 -1.68
CA ILE A 81 -4.10 5.75 -0.41
C ILE A 81 -4.92 6.94 0.08
N GLU A 82 -4.91 7.16 1.38
CA GLU A 82 -5.63 8.28 1.98
C GLU A 82 -4.77 8.98 3.03
N ILE A 83 -4.45 10.24 2.78
CA ILE A 83 -3.64 11.01 3.70
C ILE A 83 -4.35 11.21 5.03
N LEU A 84 -3.89 10.53 6.06
CA LEU A 84 -4.49 10.63 7.39
C LEU A 84 -4.11 11.95 8.04
N LYS A 85 -4.74 12.26 9.17
CA LYS A 85 -4.48 13.49 9.90
C LYS A 85 -3.45 13.25 11.00
N GLY A 86 -2.20 13.57 10.70
CA GLY A 86 -1.13 13.38 11.67
C GLY A 86 -1.34 14.23 12.92
N LYS A 6 12.61 -8.79 -9.71
CA LYS A 6 11.85 -10.03 -9.67
C LYS A 6 10.68 -9.91 -8.69
N GLU A 7 9.90 -8.85 -8.84
CA GLU A 7 8.75 -8.61 -7.97
C GLU A 7 7.52 -8.23 -8.80
N LYS A 8 6.43 -7.89 -8.11
CA LYS A 8 5.19 -7.51 -8.78
C LYS A 8 5.05 -6.00 -8.88
N LYS A 9 4.28 -5.55 -9.85
CA LYS A 9 4.03 -4.12 -10.05
C LYS A 9 2.58 -3.78 -9.75
N ILE A 10 2.36 -2.70 -9.03
CA ILE A 10 1.00 -2.29 -8.67
C ILE A 10 0.82 -0.78 -8.80
N ARG A 11 -0.43 -0.34 -8.85
CA ARG A 11 -0.73 1.09 -8.97
C ARG A 11 -1.14 1.68 -7.63
N ILE A 12 -0.99 2.99 -7.50
CA ILE A 12 -1.35 3.68 -6.25
C ILE A 12 -2.07 4.99 -6.55
N THR A 13 -2.98 5.37 -5.66
CA THR A 13 -3.72 6.61 -5.81
C THR A 13 -4.13 7.18 -4.46
N THR A 14 -3.68 8.39 -4.17
CA THR A 14 -4.02 9.04 -2.90
C THR A 14 -5.20 9.97 -3.04
N ASN A 15 -6.02 10.00 -2.00
CA ASN A 15 -7.21 10.84 -1.96
C ASN A 15 -6.89 12.30 -2.29
N ASP A 16 -5.65 12.71 -2.07
CA ASP A 16 -5.25 14.08 -2.37
C ASP A 16 -5.45 14.38 -3.85
N GLY A 17 -5.50 13.33 -4.66
CA GLY A 17 -5.69 13.49 -6.09
C GLY A 17 -4.45 13.12 -6.86
N ARG A 18 -3.65 12.22 -6.31
CA ARG A 18 -2.42 11.79 -6.98
C ARG A 18 -2.36 10.28 -7.11
N GLN A 19 -1.57 9.80 -8.07
CA GLN A 19 -1.41 8.37 -8.32
C GLN A 19 -0.01 8.05 -8.81
N SER A 20 0.45 6.84 -8.51
CA SER A 20 1.77 6.39 -8.92
C SER A 20 1.89 4.87 -8.81
N MET A 21 2.70 4.28 -9.68
CA MET A 21 2.89 2.84 -9.67
C MET A 21 4.14 2.46 -8.89
N VAL A 22 4.26 1.18 -8.55
CA VAL A 22 5.39 0.70 -7.79
C VAL A 22 5.74 -0.73 -8.16
N THR A 23 6.86 -1.21 -7.64
CA THR A 23 7.31 -2.57 -7.90
C THR A 23 7.26 -3.42 -6.64
N LEU A 24 6.15 -3.33 -5.93
CA LEU A 24 5.95 -4.07 -4.68
C LEU A 24 6.55 -5.48 -4.76
N LYS A 25 7.30 -5.84 -3.72
CA LYS A 25 7.93 -7.15 -3.65
C LYS A 25 6.90 -8.25 -3.39
N SER A 26 7.24 -9.48 -3.78
CA SER A 26 6.33 -10.61 -3.58
C SER A 26 6.02 -10.80 -2.11
N SER A 27 7.06 -10.73 -1.28
CA SER A 27 6.89 -10.91 0.17
C SER A 27 6.81 -9.55 0.86
N THR A 28 6.13 -8.60 0.22
CA THR A 28 5.99 -7.26 0.78
C THR A 28 4.78 -7.18 1.71
N THR A 29 5.05 -7.06 3.00
CA THR A 29 3.99 -6.97 3.99
C THR A 29 3.45 -5.54 4.06
N PHE A 30 2.38 -5.35 4.83
CA PHE A 30 1.77 -4.03 4.98
C PHE A 30 2.83 -2.96 5.26
N PHE A 31 3.85 -3.33 6.01
CA PHE A 31 4.94 -2.41 6.35
C PHE A 31 5.76 -2.07 5.11
N GLU A 32 6.22 -3.10 4.41
CA GLU A 32 7.02 -2.91 3.20
C GLU A 32 6.24 -2.08 2.18
N LEU A 33 4.92 -2.21 2.19
CA LEU A 33 4.07 -1.48 1.27
C LEU A 33 3.94 -0.02 1.70
N GLN A 34 3.71 0.19 3.00
CA GLN A 34 3.58 1.54 3.55
C GLN A 34 4.82 2.36 3.26
N GLU A 35 5.96 1.68 3.17
CA GLU A 35 7.23 2.35 2.91
C GLU A 35 7.41 2.60 1.40
N SER A 36 6.74 1.78 0.59
CA SER A 36 6.83 1.93 -0.86
C SER A 36 6.10 3.19 -1.33
N ILE A 37 4.87 3.36 -0.86
CA ILE A 37 4.07 4.52 -1.23
C ILE A 37 4.76 5.80 -0.77
N ALA A 38 5.39 5.74 0.40
CA ALA A 38 6.09 6.89 0.95
C ALA A 38 7.18 7.37 0.00
N ARG A 39 7.58 6.50 -0.94
CA ARG A 39 8.62 6.84 -1.91
C ARG A 39 7.99 7.44 -3.16
N GLU A 40 6.95 6.79 -3.66
CA GLU A 40 6.27 7.25 -4.86
C GLU A 40 5.49 8.53 -4.59
N PHE A 41 5.06 8.71 -3.34
CA PHE A 41 4.30 9.90 -2.96
C PHE A 41 5.03 10.68 -1.87
N ASN A 42 4.38 11.73 -1.36
CA ASN A 42 4.96 12.56 -0.32
C ASN A 42 4.23 12.38 1.01
N ILE A 43 3.89 11.13 1.33
CA ILE A 43 3.19 10.83 2.57
C ILE A 43 3.92 9.73 3.35
N PRO A 44 4.06 9.92 4.66
CA PRO A 44 4.75 8.94 5.53
C PRO A 44 3.94 7.66 5.71
N PRO A 45 4.59 6.60 6.24
CA PRO A 45 3.93 5.31 6.47
C PRO A 45 2.87 5.36 7.56
N TYR A 46 2.96 6.37 8.43
CA TYR A 46 2.00 6.51 9.52
C TYR A 46 0.85 7.44 9.14
N LEU A 47 0.74 7.76 7.86
CA LEU A 47 -0.33 8.63 7.37
C LEU A 47 -0.90 8.13 6.05
N GLN A 48 -0.49 6.94 5.62
CA GLN A 48 -0.98 6.38 4.36
C GLN A 48 -1.91 5.20 4.61
N CYS A 49 -3.18 5.38 4.29
CA CYS A 49 -4.18 4.34 4.47
C CYS A 49 -4.48 3.70 3.11
N ILE A 50 -3.97 2.49 2.91
CA ILE A 50 -4.15 1.78 1.65
C ILE A 50 -5.55 1.17 1.53
N ARG A 51 -6.02 1.05 0.30
CA ARG A 51 -7.33 0.48 0.02
C ARG A 51 -7.31 -0.28 -1.30
N TYR A 52 -7.96 -1.44 -1.33
CA TYR A 52 -8.00 -2.27 -2.55
C TYR A 52 -9.40 -2.80 -2.81
N GLY A 53 -9.61 -3.31 -4.01
CA GLY A 53 -10.90 -3.87 -4.37
C GLY A 53 -12.00 -2.83 -4.42
N PHE A 54 -13.08 -3.16 -5.12
CA PHE A 54 -14.21 -2.25 -5.24
C PHE A 54 -15.45 -2.83 -4.55
N PRO A 55 -15.99 -2.14 -3.52
CA PRO A 55 -15.47 -0.86 -3.03
C PRO A 55 -14.10 -0.99 -2.39
N PRO A 56 -13.41 0.14 -2.14
CA PRO A 56 -12.09 0.16 -1.54
C PRO A 56 -12.11 -0.26 -0.07
N LYS A 57 -11.28 -1.24 0.25
CA LYS A 57 -11.19 -1.74 1.62
C LYS A 57 -10.15 -0.95 2.41
N GLU A 58 -10.02 -1.26 3.69
CA GLU A 58 -9.06 -0.57 4.54
C GLU A 58 -8.00 -1.54 5.05
N LEU A 59 -7.09 -1.94 4.15
CA LEU A 59 -6.01 -2.85 4.48
C LEU A 59 -5.36 -2.49 5.81
N MET A 60 -5.94 -2.99 6.90
CA MET A 60 -5.45 -2.71 8.24
C MET A 60 -4.04 -3.28 8.43
N PRO A 61 -3.27 -2.72 9.38
CA PRO A 61 -1.91 -3.16 9.66
C PRO A 61 -1.88 -4.50 10.41
N PRO A 62 -0.93 -5.38 10.06
CA PRO A 62 -0.80 -6.70 10.69
C PRO A 62 -0.33 -6.60 12.13
N GLN A 63 -0.01 -7.75 12.72
CA GLN A 63 0.46 -7.80 14.10
C GLN A 63 1.54 -8.87 14.26
N ALA A 64 1.90 -9.14 15.51
CA ALA A 64 2.93 -10.14 15.80
C ALA A 64 2.56 -11.50 15.21
N GLY A 65 3.07 -11.77 14.01
CA GLY A 65 2.78 -13.04 13.37
C GLY A 65 2.28 -12.86 11.94
N MET A 66 1.62 -11.73 11.69
CA MET A 66 1.08 -11.45 10.36
C MET A 66 1.95 -10.41 9.63
N GLU A 67 2.71 -9.64 10.39
CA GLU A 67 3.58 -8.62 9.82
C GLU A 67 4.51 -9.22 8.77
N LYS A 68 4.77 -10.51 8.88
CA LYS A 68 5.64 -11.20 7.93
C LYS A 68 4.90 -11.55 6.64
N GLU A 69 3.57 -11.63 6.73
CA GLU A 69 2.76 -11.95 5.56
C GLU A 69 2.75 -10.80 4.56
N PRO A 70 2.70 -11.11 3.25
CA PRO A 70 2.69 -10.11 2.19
C PRO A 70 1.34 -9.43 2.03
N VAL A 71 1.32 -8.33 1.29
CA VAL A 71 0.09 -7.58 1.05
C VAL A 71 -0.90 -8.38 0.20
N PRO A 72 -2.17 -7.98 0.19
CA PRO A 72 -3.23 -8.66 -0.57
C PRO A 72 -3.23 -8.28 -2.05
N LEU A 73 -2.25 -7.49 -2.46
CA LEU A 73 -2.14 -7.05 -3.84
C LEU A 73 -1.11 -7.85 -4.62
N GLN A 74 -1.26 -7.90 -5.94
CA GLN A 74 -0.35 -8.65 -6.79
C GLN A 74 0.00 -7.87 -8.05
N HIS A 75 0.83 -8.47 -8.90
CA HIS A 75 1.25 -7.85 -10.15
C HIS A 75 0.06 -7.50 -11.03
N GLY A 76 -0.24 -6.21 -11.14
CA GLY A 76 -1.35 -5.78 -11.95
C GLY A 76 -2.54 -5.30 -11.14
N ASP A 77 -2.37 -5.22 -9.82
CA ASP A 77 -3.44 -4.78 -8.94
C ASP A 77 -3.46 -3.26 -8.83
N ARG A 78 -4.42 -2.75 -8.08
CA ARG A 78 -4.56 -1.31 -7.88
C ARG A 78 -4.97 -1.01 -6.45
N ILE A 79 -4.52 0.12 -5.92
CA ILE A 79 -4.84 0.50 -4.56
C ILE A 79 -5.05 2.00 -4.43
N THR A 80 -5.65 2.40 -3.31
CA THR A 80 -5.90 3.81 -3.05
C THR A 80 -5.44 4.17 -1.64
N ILE A 81 -4.65 5.23 -1.55
CA ILE A 81 -4.12 5.68 -0.28
C ILE A 81 -4.90 6.89 0.24
N GLU A 82 -4.91 7.05 1.55
CA GLU A 82 -5.61 8.17 2.18
C GLU A 82 -4.74 8.84 3.23
N ILE A 83 -4.39 10.10 3.00
CA ILE A 83 -3.57 10.84 3.93
C ILE A 83 -4.27 11.01 5.28
N LEU A 84 -3.79 10.29 6.28
CA LEU A 84 -4.38 10.35 7.61
C LEU A 84 -3.98 11.64 8.32
N LYS A 85 -4.59 11.88 9.49
CA LYS A 85 -4.30 13.08 10.27
C LYS A 85 -3.24 12.80 11.33
N GLY A 86 -2.00 13.14 11.01
CA GLY A 86 -0.91 12.90 11.95
C GLY A 86 -1.11 13.64 13.26
N LYS A 6 12.46 -11.55 -9.15
CA LYS A 6 12.13 -10.14 -8.97
C LYS A 6 10.88 -9.99 -8.10
N GLU A 7 10.27 -8.81 -8.15
CA GLU A 7 9.07 -8.54 -7.35
C GLU A 7 7.88 -8.21 -8.26
N LYS A 8 6.76 -7.81 -7.65
CA LYS A 8 5.57 -7.48 -8.40
C LYS A 8 5.40 -5.96 -8.51
N LYS A 9 4.65 -5.54 -9.54
CA LYS A 9 4.39 -4.13 -9.76
C LYS A 9 2.92 -3.82 -9.55
N ILE A 10 2.63 -2.73 -8.85
CA ILE A 10 1.26 -2.34 -8.57
C ILE A 10 1.06 -0.84 -8.74
N ARG A 11 -0.20 -0.42 -8.85
CA ARG A 11 -0.52 0.99 -9.03
C ARG A 11 -0.97 1.61 -7.70
N ILE A 12 -0.86 2.94 -7.61
CA ILE A 12 -1.25 3.64 -6.41
C ILE A 12 -1.99 4.93 -6.76
N THR A 13 -2.92 5.32 -5.90
CA THR A 13 -3.67 6.55 -6.10
C THR A 13 -4.12 7.16 -4.78
N THR A 14 -3.67 8.38 -4.52
CA THR A 14 -4.03 9.06 -3.28
C THR A 14 -5.26 9.94 -3.46
N ASN A 15 -6.07 10.01 -2.42
CA ASN A 15 -7.30 10.79 -2.42
C ASN A 15 -7.04 12.23 -2.85
N ASP A 16 -5.83 12.71 -2.62
CA ASP A 16 -5.47 14.07 -3.00
C ASP A 16 -5.65 14.29 -4.50
N GLY A 17 -5.70 13.19 -5.26
CA GLY A 17 -5.87 13.28 -6.69
C GLY A 17 -4.60 12.94 -7.44
N ARG A 18 -3.79 12.07 -6.86
CA ARG A 18 -2.54 11.66 -7.49
C ARG A 18 -2.40 10.14 -7.52
N GLN A 19 -1.55 9.65 -8.42
CA GLN A 19 -1.32 8.21 -8.54
C GLN A 19 0.12 7.92 -8.98
N SER A 20 0.58 6.71 -8.68
CA SER A 20 1.93 6.30 -9.04
C SER A 20 2.07 4.78 -8.92
N MET A 21 3.00 4.22 -9.70
CA MET A 21 3.24 2.79 -9.69
C MET A 21 4.43 2.44 -8.80
N VAL A 22 4.51 1.18 -8.41
CA VAL A 22 5.59 0.73 -7.55
C VAL A 22 6.00 -0.71 -7.87
N THR A 23 7.08 -1.15 -7.25
CA THR A 23 7.59 -2.50 -7.46
C THR A 23 7.53 -3.31 -6.16
N LEU A 24 6.37 -3.25 -5.50
CA LEU A 24 6.15 -3.95 -4.24
C LEU A 24 6.75 -5.36 -4.27
N LYS A 25 7.49 -5.70 -3.21
CA LYS A 25 8.13 -7.00 -3.10
C LYS A 25 7.09 -8.08 -2.83
N SER A 26 7.38 -9.30 -3.29
CA SER A 26 6.48 -10.43 -3.10
C SER A 26 6.17 -10.63 -1.62
N SER A 27 7.19 -10.52 -0.79
CA SER A 27 7.02 -10.68 0.65
C SER A 27 6.89 -9.33 1.35
N THR A 28 6.20 -8.41 0.69
CA THR A 28 5.99 -7.07 1.24
C THR A 28 4.72 -7.02 2.08
N THR A 29 4.89 -6.90 3.39
CA THR A 29 3.76 -6.81 4.30
C THR A 29 3.23 -5.39 4.37
N PHE A 30 2.13 -5.19 5.08
CA PHE A 30 1.53 -3.86 5.21
C PHE A 30 2.58 -2.81 5.54
N PHE A 31 3.55 -3.19 6.36
CA PHE A 31 4.63 -2.27 6.75
C PHE A 31 5.52 -1.95 5.56
N GLU A 32 5.97 -2.99 4.87
CA GLU A 32 6.83 -2.82 3.70
C GLU A 32 6.12 -2.02 2.62
N LEU A 33 4.79 -2.16 2.56
CA LEU A 33 3.99 -1.44 1.58
C LEU A 33 3.95 0.04 1.92
N GLN A 34 3.73 0.36 3.19
CA GLN A 34 3.67 1.74 3.64
C GLN A 34 4.97 2.48 3.33
N GLU A 35 6.06 1.72 3.26
CA GLU A 35 7.37 2.30 2.97
C GLU A 35 7.53 2.56 1.48
N SER A 36 6.82 1.78 0.67
CA SER A 36 6.88 1.93 -0.78
C SER A 36 6.15 3.20 -1.22
N ILE A 37 4.90 3.32 -0.82
CA ILE A 37 4.10 4.48 -1.17
C ILE A 37 4.74 5.76 -0.65
N ALA A 38 5.37 5.67 0.51
CA ALA A 38 6.05 6.81 1.11
C ALA A 38 7.13 7.35 0.19
N ARG A 39 7.55 6.51 -0.78
CA ARG A 39 8.57 6.91 -1.73
C ARG A 39 7.94 7.54 -2.97
N GLU A 40 7.03 6.79 -3.59
CA GLU A 40 6.35 7.25 -4.79
C GLU A 40 5.58 8.54 -4.52
N PHE A 41 5.12 8.71 -3.28
CA PHE A 41 4.37 9.90 -2.90
C PHE A 41 5.10 10.67 -1.81
N ASN A 42 4.44 11.72 -1.30
CA ASN A 42 5.02 12.54 -0.25
C ASN A 42 4.27 12.39 1.06
N ILE A 43 3.91 11.15 1.40
CA ILE A 43 3.19 10.87 2.63
C ILE A 43 3.88 9.75 3.42
N PRO A 44 4.03 9.93 4.74
CA PRO A 44 4.68 8.95 5.61
C PRO A 44 3.84 7.68 5.76
N PRO A 45 4.44 6.61 6.32
CA PRO A 45 3.74 5.33 6.52
C PRO A 45 2.60 5.44 7.54
N TYR A 46 2.66 6.47 8.37
CA TYR A 46 1.63 6.67 9.39
C TYR A 46 0.54 7.64 8.90
N LEU A 47 0.61 8.03 7.63
CA LEU A 47 -0.37 8.95 7.06
C LEU A 47 -0.92 8.41 5.73
N GLN A 48 -0.52 7.20 5.37
CA GLN A 48 -0.99 6.60 4.12
C GLN A 48 -1.95 5.45 4.37
N CYS A 49 -3.21 5.65 4.02
CA CYS A 49 -4.23 4.62 4.20
C CYS A 49 -4.52 3.96 2.86
N ILE A 50 -3.98 2.76 2.67
CA ILE A 50 -4.16 2.02 1.43
C ILE A 50 -5.54 1.36 1.36
N ARG A 51 -6.01 1.15 0.13
CA ARG A 51 -7.31 0.52 -0.10
C ARG A 51 -7.26 -0.35 -1.35
N TYR A 52 -7.99 -1.47 -1.33
CA TYR A 52 -8.03 -2.38 -2.45
C TYR A 52 -9.38 -3.09 -2.55
N GLY A 53 -9.63 -3.72 -3.69
CA GLY A 53 -10.88 -4.43 -3.89
C GLY A 53 -12.08 -3.52 -3.95
N PHE A 54 -13.24 -4.09 -4.21
CA PHE A 54 -14.48 -3.32 -4.29
C PHE A 54 -15.58 -3.97 -3.45
N PRO A 55 -16.12 -3.25 -2.45
CA PRO A 55 -15.72 -1.88 -2.12
C PRO A 55 -14.32 -1.80 -1.53
N PRO A 56 -13.55 -0.75 -1.86
CA PRO A 56 -12.19 -0.57 -1.37
C PRO A 56 -12.10 -0.74 0.15
N LYS A 57 -11.16 -1.57 0.57
CA LYS A 57 -10.95 -1.84 1.98
C LYS A 57 -9.96 -0.84 2.58
N GLU A 58 -9.75 -0.93 3.88
CA GLU A 58 -8.83 -0.03 4.58
C GLU A 58 -7.44 -0.65 4.71
N LEU A 59 -7.36 -1.96 4.53
CA LEU A 59 -6.09 -2.68 4.64
C LEU A 59 -5.38 -2.33 5.95
N MET A 60 -5.86 -2.93 7.03
CA MET A 60 -5.29 -2.68 8.36
C MET A 60 -3.96 -3.41 8.53
N PRO A 61 -3.09 -2.91 9.43
CA PRO A 61 -1.79 -3.52 9.69
C PRO A 61 -1.91 -4.88 10.36
N PRO A 62 -1.08 -5.86 9.94
CA PRO A 62 -1.10 -7.21 10.50
C PRO A 62 -0.57 -7.25 11.93
N GLN A 63 -0.51 -8.45 12.51
CA GLN A 63 -0.02 -8.62 13.86
C GLN A 63 0.90 -9.85 13.95
N ALA A 64 1.17 -10.29 15.16
CA ALA A 64 2.04 -11.43 15.38
C ALA A 64 1.55 -12.66 14.62
N GLY A 65 2.20 -12.94 13.48
CA GLY A 65 1.80 -14.08 12.67
C GLY A 65 1.41 -13.67 11.26
N MET A 66 0.93 -12.44 11.11
CA MET A 66 0.51 -11.93 9.81
C MET A 66 1.50 -10.89 9.29
N GLU A 67 2.27 -10.29 10.19
CA GLU A 67 3.25 -9.28 9.82
C GLU A 67 4.18 -9.79 8.73
N LYS A 68 4.70 -11.01 8.94
CA LYS A 68 5.62 -11.63 7.99
C LYS A 68 4.92 -11.88 6.64
N GLU A 69 3.59 -11.86 6.66
CA GLU A 69 2.81 -12.09 5.45
C GLU A 69 2.79 -10.85 4.57
N PRO A 70 2.78 -11.03 3.24
CA PRO A 70 2.76 -9.91 2.29
C PRO A 70 1.38 -9.29 2.13
N VAL A 71 1.32 -8.16 1.44
CA VAL A 71 0.07 -7.45 1.21
C VAL A 71 -0.89 -8.29 0.36
N PRO A 72 -2.18 -7.92 0.35
CA PRO A 72 -3.22 -8.64 -0.42
C PRO A 72 -3.18 -8.30 -1.91
N LEU A 73 -2.21 -7.50 -2.32
CA LEU A 73 -2.09 -7.10 -3.70
C LEU A 73 -1.00 -7.89 -4.43
N GLN A 74 -1.15 -8.02 -5.75
CA GLN A 74 -0.19 -8.77 -6.55
C GLN A 74 0.22 -7.99 -7.80
N HIS A 75 1.09 -8.60 -8.60
CA HIS A 75 1.58 -7.98 -9.83
C HIS A 75 0.43 -7.64 -10.76
N GLY A 76 0.14 -6.34 -10.89
CA GLY A 76 -0.92 -5.91 -11.77
C GLY A 76 -2.16 -5.44 -11.02
N ASP A 77 -2.04 -5.32 -9.69
CA ASP A 77 -3.16 -4.88 -8.87
C ASP A 77 -3.21 -3.35 -8.80
N ARG A 78 -4.21 -2.84 -8.09
CA ARG A 78 -4.38 -1.39 -7.94
C ARG A 78 -4.84 -1.06 -6.54
N ILE A 79 -4.38 0.06 -6.02
CA ILE A 79 -4.74 0.48 -4.67
C ILE A 79 -4.96 1.98 -4.59
N THR A 80 -5.58 2.40 -3.49
CA THR A 80 -5.85 3.82 -3.26
C THR A 80 -5.39 4.23 -1.87
N ILE A 81 -4.62 5.31 -1.80
CA ILE A 81 -4.12 5.80 -0.53
C ILE A 81 -4.91 7.03 -0.07
N GLU A 82 -4.92 7.24 1.25
CA GLU A 82 -5.63 8.38 1.82
C GLU A 82 -4.75 9.07 2.87
N ILE A 83 -4.41 10.32 2.60
CA ILE A 83 -3.58 11.09 3.52
C ILE A 83 -4.30 11.32 4.84
N LEU A 84 -3.84 10.65 5.88
CA LEU A 84 -4.44 10.76 7.21
C LEU A 84 -4.06 12.10 7.85
N LYS A 85 -4.66 12.38 9.01
CA LYS A 85 -4.39 13.61 9.73
C LYS A 85 -3.31 13.40 10.77
N GLY A 86 -2.08 13.76 10.43
CA GLY A 86 -0.97 13.61 11.34
C GLY A 86 -0.66 14.88 12.09
N LYS A 6 13.29 -10.29 -8.44
CA LYS A 6 12.09 -10.16 -9.26
C LYS A 6 10.86 -9.93 -8.41
N GLU A 7 10.46 -8.66 -8.28
CA GLU A 7 9.30 -8.30 -7.48
C GLU A 7 8.10 -8.02 -8.38
N LYS A 8 6.98 -7.64 -7.77
CA LYS A 8 5.76 -7.35 -8.51
C LYS A 8 5.54 -5.85 -8.60
N LYS A 9 4.71 -5.44 -9.55
CA LYS A 9 4.40 -4.02 -9.74
C LYS A 9 2.93 -3.76 -9.48
N ILE A 10 2.65 -2.71 -8.73
CA ILE A 10 1.28 -2.35 -8.41
C ILE A 10 1.03 -0.85 -8.59
N ARG A 11 -0.23 -0.47 -8.66
CA ARG A 11 -0.59 0.94 -8.83
C ARG A 11 -1.00 1.57 -7.51
N ILE A 12 -0.88 2.89 -7.43
CA ILE A 12 -1.24 3.62 -6.23
C ILE A 12 -2.00 4.90 -6.57
N THR A 13 -2.93 5.29 -5.71
CA THR A 13 -3.70 6.50 -5.94
C THR A 13 -4.16 7.12 -4.62
N THR A 14 -3.71 8.34 -4.36
CA THR A 14 -4.08 9.03 -3.12
C THR A 14 -5.34 9.86 -3.31
N ASN A 15 -6.17 9.85 -2.27
CA ASN A 15 -7.44 10.58 -2.26
C ASN A 15 -7.26 12.02 -2.69
N ASP A 16 -6.07 12.57 -2.46
CA ASP A 16 -5.79 13.95 -2.84
C ASP A 16 -5.99 14.15 -4.34
N GLY A 17 -5.92 13.05 -5.09
CA GLY A 17 -6.11 13.12 -6.53
C GLY A 17 -4.84 12.83 -7.29
N ARG A 18 -3.97 12.01 -6.70
CA ARG A 18 -2.71 11.67 -7.36
C ARG A 18 -2.49 10.15 -7.36
N GLN A 19 -1.67 9.67 -8.29
CA GLN A 19 -1.39 8.25 -8.40
C GLN A 19 0.02 7.97 -8.89
N SER A 20 0.51 6.77 -8.61
CA SER A 20 1.84 6.36 -9.02
C SER A 20 1.98 4.84 -8.91
N MET A 21 3.01 4.29 -9.57
CA MET A 21 3.24 2.86 -9.54
C MET A 21 4.48 2.52 -8.72
N VAL A 22 4.52 1.29 -8.22
CA VAL A 22 5.64 0.85 -7.41
C VAL A 22 6.05 -0.58 -7.77
N THR A 23 7.16 -1.02 -7.21
CA THR A 23 7.67 -2.36 -7.46
C THR A 23 7.66 -3.20 -6.19
N LEU A 24 6.54 -3.16 -5.47
CA LEU A 24 6.38 -3.89 -4.23
C LEU A 24 7.03 -5.28 -4.32
N LYS A 25 7.81 -5.63 -3.31
CA LYS A 25 8.48 -6.92 -3.28
C LYS A 25 7.48 -8.05 -3.02
N SER A 26 7.86 -9.26 -3.42
CA SER A 26 7.00 -10.43 -3.24
C SER A 26 6.72 -10.67 -1.76
N SER A 27 7.75 -10.53 -0.94
CA SER A 27 7.61 -10.74 0.50
C SER A 27 7.52 -9.42 1.24
N THR A 28 6.79 -8.46 0.66
CA THR A 28 6.63 -7.15 1.27
C THR A 28 5.32 -7.08 2.05
N THR A 29 5.43 -7.02 3.38
CA THR A 29 4.27 -6.94 4.24
C THR A 29 3.75 -5.51 4.31
N PHE A 30 2.64 -5.31 5.02
CA PHE A 30 2.04 -3.98 5.16
C PHE A 30 3.10 -2.93 5.49
N PHE A 31 4.00 -3.28 6.41
CA PHE A 31 5.06 -2.35 6.81
C PHE A 31 5.93 -1.97 5.61
N GLU A 32 6.43 -2.98 4.91
CA GLU A 32 7.28 -2.76 3.75
C GLU A 32 6.52 -1.95 2.69
N LEU A 33 5.21 -2.15 2.63
CA LEU A 33 4.37 -1.43 1.67
C LEU A 33 4.22 0.03 2.08
N GLN A 34 3.92 0.25 3.36
CA GLN A 34 3.74 1.60 3.87
C GLN A 34 4.98 2.46 3.59
N GLU A 35 6.14 1.80 3.49
CA GLU A 35 7.39 2.50 3.23
C GLU A 35 7.57 2.74 1.73
N SER A 36 6.92 1.91 0.91
CA SER A 36 7.01 2.04 -0.53
C SER A 36 6.24 3.27 -1.02
N ILE A 37 4.97 3.36 -0.60
CA ILE A 37 4.13 4.49 -1.00
C ILE A 37 4.74 5.80 -0.54
N ALA A 38 5.34 5.78 0.65
CA ALA A 38 5.98 6.97 1.20
C ALA A 38 7.06 7.49 0.27
N ARG A 39 7.53 6.64 -0.65
CA ARG A 39 8.55 7.01 -1.60
C ARG A 39 7.93 7.56 -2.87
N GLU A 40 7.04 6.76 -3.47
CA GLU A 40 6.36 7.14 -4.69
C GLU A 40 5.53 8.41 -4.48
N PHE A 41 5.13 8.65 -3.24
CA PHE A 41 4.33 9.83 -2.92
C PHE A 41 5.00 10.66 -1.82
N ASN A 42 4.30 11.70 -1.37
CA ASN A 42 4.83 12.58 -0.34
C ASN A 42 4.05 12.43 0.97
N ILE A 43 3.73 11.20 1.33
CA ILE A 43 3.00 10.94 2.56
C ILE A 43 3.73 9.89 3.41
N PRO A 44 3.84 10.15 4.73
CA PRO A 44 4.52 9.23 5.65
C PRO A 44 3.72 7.95 5.88
N PRO A 45 4.37 6.92 6.45
CA PRO A 45 3.73 5.63 6.72
C PRO A 45 2.63 5.73 7.76
N TYR A 46 2.67 6.78 8.58
CA TYR A 46 1.66 6.97 9.62
C TYR A 46 0.53 7.87 9.13
N LEU A 47 0.48 8.15 7.83
CA LEU A 47 -0.56 8.98 7.26
C LEU A 47 -1.05 8.42 5.92
N GLN A 48 -0.63 7.21 5.58
CA GLN A 48 -1.04 6.59 4.34
C GLN A 48 -2.00 5.43 4.58
N CYS A 49 -3.25 5.61 4.18
CA CYS A 49 -4.27 4.59 4.33
C CYS A 49 -4.57 3.94 2.99
N ILE A 50 -4.06 2.72 2.81
CA ILE A 50 -4.24 1.99 1.56
C ILE A 50 -5.61 1.34 1.47
N ARG A 51 -6.09 1.17 0.24
CA ARG A 51 -7.39 0.55 -0.01
C ARG A 51 -7.34 -0.31 -1.27
N TYR A 52 -8.10 -1.40 -1.27
CA TYR A 52 -8.12 -2.30 -2.42
C TYR A 52 -9.49 -2.93 -2.59
N GLY A 53 -9.71 -3.54 -3.76
CA GLY A 53 -10.98 -4.19 -4.03
C GLY A 53 -12.14 -3.22 -4.05
N PHE A 54 -13.27 -3.67 -4.63
CA PHE A 54 -14.46 -2.84 -4.71
C PHE A 54 -15.58 -3.43 -3.85
N PRO A 55 -16.10 -2.67 -2.86
CA PRO A 55 -15.65 -1.30 -2.57
C PRO A 55 -14.23 -1.25 -2.01
N PRO A 56 -13.65 -0.05 -1.89
CA PRO A 56 -12.29 0.13 -1.37
C PRO A 56 -12.20 -0.27 0.10
N LYS A 57 -11.25 -1.14 0.38
CA LYS A 57 -11.04 -1.63 1.75
C LYS A 57 -10.06 -0.72 2.49
N GLU A 58 -9.85 -1.02 3.76
CA GLU A 58 -8.93 -0.25 4.59
C GLU A 58 -7.75 -1.12 5.04
N LEU A 59 -6.88 -1.43 4.08
CA LEU A 59 -5.70 -2.26 4.35
C LEU A 59 -4.98 -1.82 5.62
N MET A 60 -5.43 -2.36 6.74
CA MET A 60 -4.84 -2.04 8.04
C MET A 60 -3.63 -2.94 8.30
N PRO A 61 -2.81 -2.59 9.32
CA PRO A 61 -1.62 -3.37 9.66
C PRO A 61 -1.98 -4.77 10.15
N PRO A 62 -1.12 -5.76 9.84
CA PRO A 62 -1.34 -7.15 10.24
C PRO A 62 -1.04 -7.39 11.71
N GLN A 63 -1.01 -8.66 12.10
CA GLN A 63 -0.74 -9.05 13.47
C GLN A 63 0.15 -10.30 13.51
N ALA A 64 0.25 -10.90 14.68
CA ALA A 64 1.07 -12.11 14.85
C ALA A 64 0.70 -13.17 13.83
N GLY A 65 1.61 -13.40 12.88
CA GLY A 65 1.36 -14.38 11.83
C GLY A 65 1.06 -13.75 10.49
N MET A 66 0.77 -12.46 10.49
CA MET A 66 0.46 -11.74 9.26
C MET A 66 1.43 -10.58 9.03
N GLU A 67 2.42 -10.45 9.91
CA GLU A 67 3.41 -9.39 9.79
C GLU A 67 4.55 -9.81 8.86
N LYS A 68 4.84 -11.11 8.86
CA LYS A 68 5.89 -11.66 8.01
C LYS A 68 5.37 -11.92 6.60
N GLU A 69 4.05 -12.05 6.46
CA GLU A 69 3.44 -12.30 5.17
C GLU A 69 3.34 -11.02 4.35
N PRO A 70 3.45 -11.12 3.02
CA PRO A 70 3.37 -9.96 2.13
C PRO A 70 1.96 -9.38 2.02
N VAL A 71 1.86 -8.24 1.36
CA VAL A 71 0.57 -7.57 1.19
C VAL A 71 -0.38 -8.41 0.33
N PRO A 72 -1.70 -8.12 0.41
CA PRO A 72 -2.72 -8.85 -0.35
C PRO A 72 -2.72 -8.50 -1.83
N LEU A 73 -1.86 -7.57 -2.21
CA LEU A 73 -1.76 -7.12 -3.61
C LEU A 73 -0.63 -7.83 -4.33
N GLN A 74 -0.81 -8.07 -5.63
CA GLN A 74 0.20 -8.75 -6.43
C GLN A 74 0.48 -7.98 -7.72
N HIS A 75 1.40 -8.52 -8.53
CA HIS A 75 1.77 -7.91 -9.80
C HIS A 75 0.55 -7.68 -10.69
N GLY A 76 0.17 -6.41 -10.84
CA GLY A 76 -0.97 -6.08 -11.67
C GLY A 76 -2.16 -5.60 -10.87
N ASP A 77 -1.98 -5.43 -9.57
CA ASP A 77 -3.06 -4.98 -8.70
C ASP A 77 -3.11 -3.46 -8.63
N ARG A 78 -4.09 -2.93 -7.92
CA ARG A 78 -4.24 -1.49 -7.77
C ARG A 78 -4.74 -1.15 -6.38
N ILE A 79 -4.33 0.01 -5.87
CA ILE A 79 -4.73 0.44 -4.54
C ILE A 79 -4.95 1.94 -4.48
N THR A 80 -5.56 2.38 -3.39
CA THR A 80 -5.84 3.80 -3.18
C THR A 80 -5.42 4.23 -1.78
N ILE A 81 -4.59 5.27 -1.71
CA ILE A 81 -4.10 5.77 -0.44
C ILE A 81 -4.93 6.95 0.03
N GLU A 82 -4.93 7.18 1.34
CA GLU A 82 -5.67 8.30 1.92
C GLU A 82 -4.84 9.00 2.98
N ILE A 83 -4.54 10.27 2.73
CA ILE A 83 -3.74 11.06 3.66
C ILE A 83 -4.50 11.25 4.97
N LEU A 84 -4.03 10.58 6.02
CA LEU A 84 -4.66 10.67 7.34
C LEU A 84 -4.32 12.01 8.01
N LYS A 85 -4.94 12.26 9.16
CA LYS A 85 -4.71 13.48 9.89
C LYS A 85 -3.65 13.28 10.97
N GLY A 86 -2.42 13.65 10.66
CA GLY A 86 -1.33 13.51 11.61
C GLY A 86 -1.29 14.63 12.62
N LYS A 6 12.80 -11.18 -9.43
CA LYS A 6 12.05 -9.94 -9.63
C LYS A 6 10.87 -9.86 -8.67
N GLU A 7 10.17 -8.71 -8.69
CA GLU A 7 9.03 -8.49 -7.82
C GLU A 7 7.78 -8.15 -8.64
N LYS A 8 6.68 -7.85 -7.96
CA LYS A 8 5.45 -7.49 -8.64
C LYS A 8 5.26 -5.99 -8.68
N LYS A 9 4.59 -5.52 -9.73
CA LYS A 9 4.34 -4.09 -9.90
C LYS A 9 2.86 -3.79 -9.67
N ILE A 10 2.59 -2.71 -8.94
CA ILE A 10 1.22 -2.33 -8.64
C ILE A 10 1.03 -0.82 -8.76
N ARG A 11 -0.23 -0.39 -8.85
CA ARG A 11 -0.55 1.02 -8.98
C ARG A 11 -0.95 1.63 -7.64
N ILE A 12 -0.81 2.94 -7.52
CA ILE A 12 -1.17 3.63 -6.29
C ILE A 12 -1.88 4.95 -6.60
N THR A 13 -2.81 5.32 -5.73
CA THR A 13 -3.56 6.56 -5.92
C THR A 13 -4.01 7.14 -4.58
N THR A 14 -3.55 8.36 -4.28
CA THR A 14 -3.93 9.01 -3.03
C THR A 14 -5.18 9.87 -3.20
N ASN A 15 -6.01 9.86 -2.17
CA ASN A 15 -7.24 10.63 -2.15
C ASN A 15 -7.01 12.08 -2.54
N ASP A 16 -5.81 12.58 -2.29
CA ASP A 16 -5.48 13.95 -2.63
C ASP A 16 -5.66 14.20 -4.12
N GLY A 17 -5.63 13.12 -4.90
CA GLY A 17 -5.79 13.23 -6.33
C GLY A 17 -4.51 12.94 -7.08
N ARG A 18 -3.67 12.08 -6.52
CA ARG A 18 -2.41 11.73 -7.16
C ARG A 18 -2.23 10.22 -7.21
N GLN A 19 -1.38 9.75 -8.13
CA GLN A 19 -1.14 8.31 -8.28
C GLN A 19 0.28 8.03 -8.75
N SER A 20 0.73 6.81 -8.50
CA SER A 20 2.07 6.38 -8.90
C SER A 20 2.19 4.85 -8.85
N MET A 21 3.19 4.31 -9.54
CA MET A 21 3.39 2.86 -9.57
C MET A 21 4.59 2.47 -8.72
N VAL A 22 4.59 1.21 -8.29
CA VAL A 22 5.67 0.70 -7.46
C VAL A 22 6.05 -0.73 -7.85
N THR A 23 7.13 -1.22 -7.27
CA THR A 23 7.60 -2.58 -7.55
C THR A 23 7.51 -3.44 -6.30
N LEU A 24 6.36 -3.39 -5.64
CA LEU A 24 6.12 -4.16 -4.42
C LEU A 24 6.73 -5.56 -4.51
N LYS A 25 7.48 -5.93 -3.48
CA LYS A 25 8.13 -7.24 -3.44
C LYS A 25 7.10 -8.36 -3.29
N SER A 26 7.46 -9.55 -3.75
CA SER A 26 6.57 -10.70 -3.67
C SER A 26 6.15 -10.97 -2.23
N SER A 27 7.10 -10.90 -1.31
CA SER A 27 6.83 -11.13 0.11
C SER A 27 6.82 -9.81 0.89
N THR A 28 6.16 -8.80 0.33
CA THR A 28 6.09 -7.51 0.98
C THR A 28 4.82 -7.39 1.82
N THR A 29 5.00 -7.27 3.13
CA THR A 29 3.86 -7.16 4.05
C THR A 29 3.36 -5.72 4.08
N PHE A 30 2.26 -5.51 4.80
CA PHE A 30 1.67 -4.17 4.91
C PHE A 30 2.73 -3.11 5.23
N PHE A 31 3.62 -3.45 6.17
CA PHE A 31 4.69 -2.53 6.55
C PHE A 31 5.57 -2.20 5.36
N GLU A 32 6.01 -3.24 4.65
CA GLU A 32 6.86 -3.06 3.48
C GLU A 32 6.14 -2.25 2.42
N LEU A 33 4.83 -2.43 2.34
CA LEU A 33 4.01 -1.71 1.36
C LEU A 33 3.90 -0.23 1.75
N GLN A 34 3.68 0.03 3.03
CA GLN A 34 3.55 1.39 3.53
C GLN A 34 4.83 2.18 3.27
N GLU A 35 5.96 1.47 3.24
CA GLU A 35 7.26 2.10 3.00
C GLU A 35 7.44 2.40 1.52
N SER A 36 6.77 1.62 0.66
CA SER A 36 6.87 1.80 -0.78
C SER A 36 6.15 3.07 -1.20
N ILE A 37 4.91 3.22 -0.75
CA ILE A 37 4.11 4.39 -1.09
C ILE A 37 4.80 5.66 -0.61
N ALA A 38 5.42 5.59 0.56
CA ALA A 38 6.11 6.73 1.13
C ALA A 38 7.21 7.22 0.21
N ARG A 39 7.62 6.37 -0.73
CA ARG A 39 8.67 6.72 -1.69
C ARG A 39 8.06 7.33 -2.94
N GLU A 40 7.05 6.66 -3.48
CA GLU A 40 6.38 7.12 -4.69
C GLU A 40 5.61 8.42 -4.42
N PHE A 41 5.17 8.60 -3.18
CA PHE A 41 4.42 9.79 -2.80
C PHE A 41 5.11 10.55 -1.68
N ASN A 42 4.47 11.62 -1.21
CA ASN A 42 5.03 12.43 -0.15
C ASN A 42 4.25 12.25 1.16
N ILE A 43 3.98 11.00 1.52
CA ILE A 43 3.26 10.70 2.74
C ILE A 43 3.95 9.59 3.52
N PRO A 44 4.08 9.75 4.85
CA PRO A 44 4.73 8.76 5.71
C PRO A 44 3.90 7.49 5.86
N PRO A 45 4.51 6.41 6.38
CA PRO A 45 3.83 5.13 6.58
C PRO A 45 2.71 5.22 7.62
N TYR A 46 2.79 6.20 8.50
CA TYR A 46 1.79 6.38 9.54
C TYR A 46 0.69 7.35 9.11
N LEU A 47 0.65 7.67 7.82
CA LEU A 47 -0.35 8.59 7.29
C LEU A 47 -0.92 8.09 5.96
N GLN A 48 -0.52 6.89 5.54
CA GLN A 48 -0.99 6.33 4.29
C GLN A 48 -1.96 5.16 4.52
N CYS A 49 -3.22 5.38 4.17
CA CYS A 49 -4.24 4.34 4.32
C CYS A 49 -4.56 3.74 2.95
N ILE A 50 -4.09 2.51 2.74
CA ILE A 50 -4.30 1.83 1.47
C ILE A 50 -5.70 1.23 1.36
N ARG A 51 -6.18 1.10 0.12
CA ARG A 51 -7.49 0.54 -0.16
C ARG A 51 -7.45 -0.29 -1.43
N TYR A 52 -8.04 -1.48 -1.39
CA TYR A 52 -8.07 -2.36 -2.55
C TYR A 52 -9.42 -3.03 -2.71
N GLY A 53 -9.65 -3.63 -3.88
CA GLY A 53 -10.91 -4.29 -4.15
C GLY A 53 -12.08 -3.34 -4.25
N PHE A 54 -13.15 -3.79 -4.87
CA PHE A 54 -14.35 -2.98 -5.04
C PHE A 54 -15.54 -3.60 -4.29
N PRO A 55 -16.12 -2.89 -3.30
CA PRO A 55 -15.67 -1.55 -2.89
C PRO A 55 -14.27 -1.55 -2.29
N PRO A 56 -13.66 -0.37 -2.13
CA PRO A 56 -12.33 -0.23 -1.56
C PRO A 56 -12.29 -0.57 -0.07
N LYS A 57 -11.42 -1.50 0.29
CA LYS A 57 -11.27 -1.92 1.67
C LYS A 57 -10.26 -1.05 2.39
N GLU A 58 -10.10 -1.28 3.69
CA GLU A 58 -9.15 -0.52 4.50
C GLU A 58 -8.03 -1.42 5.02
N LEU A 59 -7.13 -1.82 4.12
CA LEU A 59 -6.01 -2.69 4.46
C LEU A 59 -5.37 -2.27 5.77
N MET A 60 -5.91 -2.77 6.87
CA MET A 60 -5.40 -2.45 8.21
C MET A 60 -4.04 -3.11 8.45
N PRO A 61 -3.26 -2.55 9.39
CA PRO A 61 -1.93 -3.09 9.71
C PRO A 61 -2.00 -4.44 10.39
N PRO A 62 -1.08 -5.37 10.03
CA PRO A 62 -1.05 -6.71 10.61
C PRO A 62 -0.69 -6.70 12.09
N GLN A 63 -0.47 -7.89 12.65
CA GLN A 63 -0.12 -8.03 14.05
C GLN A 63 0.76 -9.25 14.28
N ALA A 64 0.90 -9.66 15.53
CA ALA A 64 1.71 -10.82 15.87
C ALA A 64 1.28 -12.04 15.09
N GLY A 65 2.09 -12.40 14.08
CA GLY A 65 1.77 -13.56 13.25
C GLY A 65 1.31 -13.16 11.85
N MET A 66 0.96 -11.90 11.68
CA MET A 66 0.50 -11.40 10.39
C MET A 66 1.46 -10.34 9.84
N GLU A 67 2.28 -9.77 10.72
CA GLU A 67 3.24 -8.75 10.32
C GLU A 67 4.23 -9.30 9.30
N LYS A 68 4.43 -10.63 9.34
CA LYS A 68 5.35 -11.29 8.43
C LYS A 68 4.62 -11.88 7.23
N GLU A 69 3.41 -11.37 6.97
CA GLU A 69 2.62 -11.86 5.85
C GLU A 69 2.57 -10.82 4.73
N PRO A 70 2.66 -11.26 3.46
CA PRO A 70 2.63 -10.36 2.30
C PRO A 70 1.26 -9.71 2.10
N VAL A 71 1.26 -8.61 1.34
CA VAL A 71 0.02 -7.89 1.06
C VAL A 71 -0.91 -8.69 0.15
N PRO A 72 -2.21 -8.32 0.12
CA PRO A 72 -3.21 -9.02 -0.71
C PRO A 72 -3.16 -8.61 -2.18
N LEU A 73 -2.19 -7.79 -2.54
CA LEU A 73 -2.05 -7.30 -3.90
C LEU A 73 -0.94 -8.05 -4.64
N GLN A 74 -1.08 -8.16 -5.96
CA GLN A 74 -0.10 -8.85 -6.79
C GLN A 74 0.25 -8.04 -8.03
N HIS A 75 1.13 -8.60 -8.85
CA HIS A 75 1.56 -7.94 -10.09
C HIS A 75 0.37 -7.63 -10.99
N GLY A 76 0.03 -6.36 -11.09
CA GLY A 76 -1.09 -5.95 -11.94
C GLY A 76 -2.29 -5.49 -11.14
N ASP A 77 -2.12 -5.31 -9.83
CA ASP A 77 -3.20 -4.87 -8.97
C ASP A 77 -3.26 -3.35 -8.90
N ARG A 78 -4.18 -2.84 -8.09
CA ARG A 78 -4.33 -1.40 -7.92
C ARG A 78 -4.76 -1.08 -6.50
N ILE A 79 -4.29 0.05 -5.97
CA ILE A 79 -4.64 0.45 -4.61
C ILE A 79 -4.83 1.95 -4.49
N THR A 80 -5.49 2.35 -3.42
CA THR A 80 -5.75 3.77 -3.17
C THR A 80 -5.30 4.15 -1.76
N ILE A 81 -4.52 5.22 -1.68
CA ILE A 81 -4.02 5.69 -0.39
C ILE A 81 -4.82 6.89 0.11
N GLU A 82 -4.84 7.08 1.43
CA GLU A 82 -5.55 8.19 2.02
C GLU A 82 -4.70 8.85 3.10
N ILE A 83 -4.36 10.12 2.88
CA ILE A 83 -3.54 10.87 3.83
C ILE A 83 -4.28 11.04 5.16
N LEU A 84 -3.82 10.32 6.18
CA LEU A 84 -4.42 10.40 7.49
C LEU A 84 -4.07 11.71 8.19
N LYS A 85 -4.66 11.93 9.36
CA LYS A 85 -4.41 13.15 10.12
C LYS A 85 -3.35 12.90 11.18
N GLY A 86 -2.12 13.27 10.87
CA GLY A 86 -1.02 13.10 11.80
C GLY A 86 -0.91 14.23 12.79
N LYS A 6 13.31 -10.69 -8.34
CA LYS A 6 12.29 -9.82 -8.93
C LYS A 6 11.09 -9.69 -8.00
N GLU A 7 10.25 -8.70 -8.27
CA GLU A 7 9.06 -8.46 -7.45
C GLU A 7 7.86 -8.11 -8.33
N LYS A 8 6.73 -7.79 -7.71
CA LYS A 8 5.53 -7.44 -8.43
C LYS A 8 5.36 -5.93 -8.53
N LYS A 9 4.59 -5.49 -9.52
CA LYS A 9 4.33 -4.08 -9.72
C LYS A 9 2.86 -3.77 -9.49
N ILE A 10 2.59 -2.73 -8.72
CA ILE A 10 1.22 -2.35 -8.42
C ILE A 10 1.01 -0.84 -8.60
N ARG A 11 -0.25 -0.43 -8.68
CA ARG A 11 -0.57 0.98 -8.87
C ARG A 11 -1.02 1.62 -7.56
N ILE A 12 -0.87 2.94 -7.48
CA ILE A 12 -1.26 3.68 -6.28
C ILE A 12 -2.00 4.97 -6.65
N THR A 13 -2.95 5.36 -5.80
CA THR A 13 -3.71 6.58 -6.04
C THR A 13 -4.17 7.20 -4.72
N THR A 14 -3.73 8.44 -4.47
CA THR A 14 -4.11 9.13 -3.25
C THR A 14 -5.37 9.97 -3.44
N ASN A 15 -6.20 9.97 -2.40
CA ASN A 15 -7.45 10.71 -2.40
C ASN A 15 -7.26 12.15 -2.86
N ASP A 16 -6.06 12.69 -2.65
CA ASP A 16 -5.78 14.06 -3.05
C ASP A 16 -6.00 14.23 -4.56
N GLY A 17 -5.92 13.11 -5.29
CA GLY A 17 -6.12 13.15 -6.72
C GLY A 17 -4.86 12.84 -7.49
N ARG A 18 -3.98 12.05 -6.89
CA ARG A 18 -2.73 11.69 -7.54
C ARG A 18 -2.50 10.17 -7.51
N GLN A 19 -1.64 9.68 -8.40
CA GLN A 19 -1.36 8.25 -8.46
C GLN A 19 0.10 7.99 -8.81
N SER A 20 0.55 6.77 -8.53
CA SER A 20 1.93 6.37 -8.80
C SER A 20 2.07 4.85 -8.75
N MET A 21 3.02 4.31 -9.51
CA MET A 21 3.24 2.87 -9.54
C MET A 21 4.48 2.50 -8.72
N VAL A 22 4.49 1.27 -8.25
CA VAL A 22 5.59 0.78 -7.42
C VAL A 22 5.96 -0.65 -7.79
N THR A 23 7.06 -1.12 -7.22
CA THR A 23 7.55 -2.47 -7.47
C THR A 23 7.47 -3.31 -6.20
N LEU A 24 6.32 -3.23 -5.51
CA LEU A 24 6.10 -3.97 -4.27
C LEU A 24 6.69 -5.38 -4.33
N LYS A 25 7.41 -5.75 -3.28
CA LYS A 25 8.03 -7.06 -3.21
C LYS A 25 6.99 -8.15 -2.96
N SER A 26 7.20 -9.33 -3.55
CA SER A 26 6.28 -10.45 -3.40
C SER A 26 6.03 -10.76 -1.93
N SER A 27 7.04 -10.52 -1.10
CA SER A 27 6.93 -10.77 0.33
C SER A 27 6.82 -9.45 1.10
N THR A 28 6.17 -8.47 0.48
CA THR A 28 5.99 -7.17 1.08
C THR A 28 4.75 -7.14 1.97
N THR A 29 4.95 -7.18 3.28
CA THR A 29 3.84 -7.13 4.22
C THR A 29 3.32 -5.71 4.36
N PHE A 30 2.22 -5.55 5.08
CA PHE A 30 1.60 -4.24 5.29
C PHE A 30 2.65 -3.19 5.64
N PHE A 31 3.61 -3.56 6.49
CA PHE A 31 4.67 -2.64 6.89
C PHE A 31 5.54 -2.25 5.71
N GLU A 32 6.00 -3.25 4.96
CA GLU A 32 6.84 -3.01 3.80
C GLU A 32 6.12 -2.15 2.77
N LEU A 33 4.80 -2.31 2.68
CA LEU A 33 4.00 -1.55 1.74
C LEU A 33 3.91 -0.08 2.17
N GLN A 34 3.68 0.15 3.45
CA GLN A 34 3.58 1.50 3.98
C GLN A 34 4.85 2.30 3.71
N GLU A 35 5.96 1.59 3.55
CA GLU A 35 7.24 2.23 3.28
C GLU A 35 7.43 2.48 1.79
N SER A 36 6.70 1.75 0.96
CA SER A 36 6.79 1.89 -0.49
C SER A 36 6.09 3.17 -0.94
N ILE A 37 4.80 3.27 -0.63
CA ILE A 37 4.01 4.43 -1.01
C ILE A 37 4.68 5.73 -0.57
N ALA A 38 5.28 5.71 0.62
CA ALA A 38 5.96 6.87 1.16
C ALA A 38 7.08 7.34 0.22
N ARG A 39 7.52 6.44 -0.66
CA ARG A 39 8.58 6.76 -1.61
C ARG A 39 7.99 7.30 -2.91
N GLU A 40 6.97 6.63 -3.41
CA GLU A 40 6.32 7.04 -4.65
C GLU A 40 5.54 8.33 -4.47
N PHE A 41 5.10 8.60 -3.24
CA PHE A 41 4.34 9.81 -2.95
C PHE A 41 5.02 10.65 -1.88
N ASN A 42 4.37 11.75 -1.50
CA ASN A 42 4.92 12.64 -0.48
C ASN A 42 4.16 12.53 0.84
N ILE A 43 3.83 11.30 1.22
CA ILE A 43 3.12 11.05 2.47
C ILE A 43 3.82 9.98 3.30
N PRO A 44 3.98 10.21 4.60
CA PRO A 44 4.64 9.27 5.51
C PRO A 44 3.80 8.02 5.76
N PRO A 45 4.41 6.98 6.35
CA PRO A 45 3.71 5.71 6.63
C PRO A 45 2.58 5.88 7.65
N TYR A 46 2.69 6.90 8.49
CA TYR A 46 1.67 7.15 9.50
C TYR A 46 0.58 8.08 8.98
N LEU A 47 0.60 8.38 7.68
CA LEU A 47 -0.39 9.25 7.08
C LEU A 47 -0.92 8.68 5.76
N GLN A 48 -0.49 7.46 5.43
CA GLN A 48 -0.92 6.82 4.19
C GLN A 48 -1.88 5.67 4.47
N CYS A 49 -3.14 5.84 4.08
CA CYS A 49 -4.15 4.81 4.28
C CYS A 49 -4.46 4.13 2.96
N ILE A 50 -3.89 2.94 2.76
CA ILE A 50 -4.09 2.17 1.53
C ILE A 50 -5.45 1.49 1.51
N ARG A 51 -5.96 1.28 0.30
CA ARG A 51 -7.25 0.62 0.11
C ARG A 51 -7.23 -0.26 -1.13
N TYR A 52 -7.94 -1.38 -1.09
CA TYR A 52 -7.99 -2.30 -2.21
C TYR A 52 -9.36 -2.99 -2.29
N GLY A 53 -9.63 -3.64 -3.42
CA GLY A 53 -10.88 -4.34 -3.61
C GLY A 53 -12.07 -3.42 -3.64
N PHE A 54 -13.21 -3.95 -4.06
CA PHE A 54 -14.44 -3.17 -4.15
C PHE A 54 -15.55 -3.82 -3.31
N PRO A 55 -16.08 -3.11 -2.29
CA PRO A 55 -15.67 -1.75 -1.94
C PRO A 55 -14.22 -1.68 -1.44
N PRO A 56 -13.62 -0.48 -1.46
CA PRO A 56 -12.24 -0.28 -1.02
C PRO A 56 -12.10 -0.42 0.49
N LYS A 57 -11.18 -1.30 0.90
CA LYS A 57 -10.94 -1.55 2.32
C LYS A 57 -9.87 -0.59 2.84
N GLU A 58 -9.61 -0.67 4.14
CA GLU A 58 -8.61 0.19 4.77
C GLU A 58 -7.25 -0.50 4.86
N LEU A 59 -7.24 -1.81 4.67
CA LEU A 59 -6.00 -2.58 4.74
C LEU A 59 -5.27 -2.33 6.05
N MET A 60 -5.54 -3.18 7.04
CA MET A 60 -4.93 -3.04 8.35
C MET A 60 -3.63 -3.85 8.44
N PRO A 61 -2.84 -3.60 9.49
CA PRO A 61 -1.57 -4.29 9.72
C PRO A 61 -1.77 -5.72 10.21
N PRO A 62 -0.85 -6.63 9.84
CA PRO A 62 -0.92 -8.04 10.24
C PRO A 62 -0.63 -8.23 11.73
N GLN A 63 -0.49 -9.48 12.15
CA GLN A 63 -0.21 -9.80 13.54
C GLN A 63 0.83 -10.91 13.64
N ALA A 64 1.03 -11.41 14.85
CA ALA A 64 2.01 -12.48 15.08
C ALA A 64 1.72 -13.69 14.19
N GLY A 65 2.51 -13.83 13.13
CA GLY A 65 2.32 -14.94 12.21
C GLY A 65 2.00 -14.48 10.80
N MET A 66 1.36 -13.32 10.69
CA MET A 66 0.99 -12.77 9.39
C MET A 66 1.94 -11.64 8.99
N GLU A 67 2.69 -11.12 9.95
CA GLU A 67 3.63 -10.04 9.68
C GLU A 67 4.60 -10.42 8.57
N LYS A 68 4.89 -11.71 8.45
CA LYS A 68 5.80 -12.21 7.43
C LYS A 68 5.08 -12.37 6.09
N GLU A 69 3.75 -12.37 6.12
CA GLU A 69 2.95 -12.52 4.90
C GLU A 69 2.89 -11.19 4.15
N PRO A 70 2.89 -11.24 2.81
CA PRO A 70 2.83 -10.04 1.97
C PRO A 70 1.44 -9.41 1.94
N VAL A 71 1.36 -8.24 1.32
CA VAL A 71 0.10 -7.51 1.22
C VAL A 71 -0.91 -8.26 0.33
N PRO A 72 -2.19 -7.91 0.42
CA PRO A 72 -3.26 -8.54 -0.37
C PRO A 72 -3.19 -8.20 -1.85
N LEU A 73 -2.23 -7.37 -2.22
CA LEU A 73 -2.07 -6.94 -3.61
C LEU A 73 -0.95 -7.72 -4.29
N GLN A 74 -1.14 -7.99 -5.58
CA GLN A 74 -0.16 -8.74 -6.37
C GLN A 74 0.18 -8.01 -7.66
N HIS A 75 1.07 -8.62 -8.45
CA HIS A 75 1.49 -8.03 -9.72
C HIS A 75 0.30 -7.75 -10.62
N GLY A 76 -0.02 -6.47 -10.79
CA GLY A 76 -1.13 -6.10 -11.64
C GLY A 76 -2.33 -5.60 -10.86
N ASP A 77 -2.15 -5.39 -9.56
CA ASP A 77 -3.24 -4.91 -8.71
C ASP A 77 -3.25 -3.38 -8.65
N ARG A 78 -4.21 -2.84 -7.92
CA ARG A 78 -4.34 -1.39 -7.76
C ARG A 78 -4.81 -1.05 -6.36
N ILE A 79 -4.36 0.09 -5.85
CA ILE A 79 -4.72 0.52 -4.52
C ILE A 79 -4.96 2.03 -4.44
N THR A 80 -5.59 2.47 -3.37
CA THR A 80 -5.87 3.88 -3.16
C THR A 80 -5.41 4.32 -1.78
N ILE A 81 -4.64 5.40 -1.74
CA ILE A 81 -4.13 5.92 -0.49
C ILE A 81 -4.93 7.13 -0.02
N GLU A 82 -4.94 7.35 1.28
CA GLU A 82 -5.66 8.49 1.86
C GLU A 82 -4.78 9.21 2.88
N ILE A 83 -4.48 10.47 2.59
CA ILE A 83 -3.66 11.27 3.48
C ILE A 83 -4.37 11.52 4.80
N LEU A 84 -3.90 10.87 5.86
CA LEU A 84 -4.49 11.02 7.18
C LEU A 84 -4.15 12.39 7.78
N LYS A 85 -4.78 12.71 8.90
CA LYS A 85 -4.54 13.98 9.57
C LYS A 85 -3.50 13.82 10.67
N GLY A 86 -2.26 14.18 10.35
CA GLY A 86 -1.18 14.07 11.31
C GLY A 86 -1.26 15.13 12.39
N LYS A 6 12.00 -11.51 -9.64
CA LYS A 6 11.87 -10.12 -9.20
C LYS A 6 10.63 -9.93 -8.34
N GLU A 7 10.26 -8.67 -8.12
CA GLU A 7 9.08 -8.35 -7.32
C GLU A 7 7.89 -8.06 -8.21
N LYS A 8 6.76 -7.71 -7.60
CA LYS A 8 5.54 -7.41 -8.34
C LYS A 8 5.35 -5.90 -8.47
N LYS A 9 4.56 -5.51 -9.47
CA LYS A 9 4.28 -4.10 -9.70
C LYS A 9 2.80 -3.82 -9.48
N ILE A 10 2.51 -2.76 -8.73
CA ILE A 10 1.14 -2.40 -8.43
C ILE A 10 0.91 -0.89 -8.60
N ARG A 11 -0.35 -0.50 -8.70
CA ARG A 11 -0.70 0.91 -8.88
C ARG A 11 -1.10 1.56 -7.57
N ILE A 12 -0.92 2.87 -7.47
CA ILE A 12 -1.26 3.61 -6.27
C ILE A 12 -1.99 4.91 -6.62
N THR A 13 -2.89 5.32 -5.74
CA THR A 13 -3.64 6.56 -5.96
C THR A 13 -4.05 7.20 -4.64
N THR A 14 -3.51 8.38 -4.37
CA THR A 14 -3.84 9.09 -3.13
C THR A 14 -5.11 9.91 -3.28
N ASN A 15 -5.88 9.93 -2.20
CA ASN A 15 -7.15 10.66 -2.15
C ASN A 15 -6.98 12.10 -2.61
N ASP A 16 -5.77 12.63 -2.46
CA ASP A 16 -5.49 14.00 -2.87
C ASP A 16 -5.77 14.18 -4.35
N GLY A 17 -5.75 13.07 -5.09
CA GLY A 17 -6.01 13.13 -6.52
C GLY A 17 -4.78 12.80 -7.34
N ARG A 18 -3.89 11.98 -6.81
CA ARG A 18 -2.67 11.60 -7.52
C ARG A 18 -2.47 10.10 -7.52
N GLN A 19 -1.70 9.60 -8.48
CA GLN A 19 -1.44 8.16 -8.58
C GLN A 19 0.00 7.88 -9.00
N SER A 20 0.47 6.69 -8.67
CA SER A 20 1.83 6.28 -9.01
C SER A 20 2.00 4.77 -8.87
N MET A 21 2.89 4.20 -9.67
CA MET A 21 3.15 2.76 -9.64
C MET A 21 4.34 2.43 -8.76
N VAL A 22 4.40 1.18 -8.31
CA VAL A 22 5.48 0.73 -7.45
C VAL A 22 5.90 -0.69 -7.78
N THR A 23 6.99 -1.13 -7.17
CA THR A 23 7.51 -2.47 -7.38
C THR A 23 7.44 -3.28 -6.09
N LEU A 24 6.27 -3.25 -5.45
CA LEU A 24 6.05 -3.97 -4.19
C LEU A 24 6.71 -5.34 -4.21
N LYS A 25 7.49 -5.62 -3.17
CA LYS A 25 8.18 -6.90 -3.06
C LYS A 25 7.20 -8.03 -2.78
N SER A 26 7.51 -9.22 -3.30
CA SER A 26 6.66 -10.39 -3.11
C SER A 26 6.34 -10.61 -1.64
N SER A 27 7.34 -10.41 -0.78
CA SER A 27 7.16 -10.59 0.66
C SER A 27 6.97 -9.24 1.34
N THR A 28 6.24 -8.35 0.68
CA THR A 28 5.97 -7.01 1.22
C THR A 28 4.72 -7.01 2.08
N THR A 29 4.90 -6.95 3.39
CA THR A 29 3.78 -6.92 4.32
C THR A 29 3.20 -5.51 4.41
N PHE A 30 2.07 -5.38 5.10
CA PHE A 30 1.42 -4.08 5.26
C PHE A 30 2.42 -3.00 5.63
N PHE A 31 3.47 -3.38 6.33
CA PHE A 31 4.51 -2.45 6.75
C PHE A 31 5.38 -2.05 5.57
N GLU A 32 5.88 -3.04 4.84
CA GLU A 32 6.72 -2.80 3.68
C GLU A 32 5.97 -1.97 2.64
N LEU A 33 4.66 -2.18 2.56
CA LEU A 33 3.83 -1.45 1.61
C LEU A 33 3.72 0.01 2.01
N GLN A 34 3.50 0.25 3.30
CA GLN A 34 3.37 1.60 3.81
C GLN A 34 4.66 2.40 3.56
N GLU A 35 5.78 1.69 3.48
CA GLU A 35 7.07 2.33 3.24
C GLU A 35 7.29 2.55 1.74
N SER A 36 6.61 1.75 0.91
CA SER A 36 6.74 1.87 -0.53
C SER A 36 6.05 3.13 -1.04
N ILE A 37 4.81 3.34 -0.60
CA ILE A 37 4.04 4.51 -1.01
C ILE A 37 4.77 5.79 -0.61
N ALA A 38 5.37 5.78 0.57
CA ALA A 38 6.10 6.93 1.06
C ALA A 38 7.24 7.31 0.11
N ARG A 39 7.62 6.38 -0.77
CA ARG A 39 8.69 6.64 -1.72
C ARG A 39 8.13 7.19 -3.02
N GLU A 40 7.02 6.60 -3.47
CA GLU A 40 6.39 7.03 -4.71
C GLU A 40 5.68 8.37 -4.56
N PHE A 41 5.26 8.68 -3.33
CA PHE A 41 4.58 9.93 -3.06
C PHE A 41 5.27 10.72 -1.94
N ASN A 42 4.62 11.80 -1.50
CA ASN A 42 5.19 12.63 -0.45
C ASN A 42 4.39 12.50 0.84
N ILE A 43 4.11 11.26 1.25
CA ILE A 43 3.36 11.01 2.47
C ILE A 43 4.05 9.93 3.30
N PRO A 44 4.17 10.14 4.62
CA PRO A 44 4.81 9.19 5.53
C PRO A 44 3.95 7.95 5.76
N PRO A 45 4.54 6.90 6.38
CA PRO A 45 3.83 5.66 6.65
C PRO A 45 2.73 5.82 7.70
N TYR A 46 2.82 6.87 8.50
CA TYR A 46 1.82 7.13 9.54
C TYR A 46 0.71 8.06 9.04
N LEU A 47 0.70 8.32 7.73
CA LEU A 47 -0.32 9.20 7.15
C LEU A 47 -0.83 8.63 5.83
N GLN A 48 -0.43 7.41 5.49
CA GLN A 48 -0.86 6.79 4.25
C GLN A 48 -1.83 5.64 4.51
N CYS A 49 -3.09 5.84 4.11
CA CYS A 49 -4.11 4.81 4.30
C CYS A 49 -4.43 4.16 2.96
N ILE A 50 -3.95 2.94 2.77
CA ILE A 50 -4.16 2.20 1.53
C ILE A 50 -5.57 1.61 1.46
N ARG A 51 -6.03 1.39 0.23
CA ARG A 51 -7.35 0.81 0.00
C ARG A 51 -7.35 -0.05 -1.26
N TYR A 52 -8.19 -1.07 -1.28
CA TYR A 52 -8.28 -1.97 -2.43
C TYR A 52 -9.67 -2.56 -2.56
N GLY A 53 -9.97 -3.12 -3.73
CA GLY A 53 -11.26 -3.72 -3.97
C GLY A 53 -12.39 -2.70 -3.95
N PHE A 54 -13.60 -3.15 -4.25
CA PHE A 54 -14.76 -2.28 -4.25
C PHE A 54 -15.91 -2.90 -3.44
N PRO A 55 -16.41 -2.19 -2.41
CA PRO A 55 -15.92 -0.87 -2.01
C PRO A 55 -14.51 -0.92 -1.43
N PRO A 56 -13.69 0.12 -1.69
CA PRO A 56 -12.32 0.20 -1.20
C PRO A 56 -12.21 -0.10 0.29
N LYS A 57 -11.35 -1.03 0.62
CA LYS A 57 -11.13 -1.42 2.01
C LYS A 57 -10.05 -0.56 2.66
N GLU A 58 -9.82 -0.76 3.95
CA GLU A 58 -8.81 0.00 4.67
C GLU A 58 -7.50 -0.76 4.80
N LEU A 59 -7.51 -2.03 4.39
CA LEU A 59 -6.32 -2.86 4.47
C LEU A 59 -5.70 -2.81 5.87
N MET A 60 -6.31 -3.52 6.81
CA MET A 60 -5.84 -3.54 8.18
C MET A 60 -4.44 -4.14 8.27
N PRO A 61 -3.67 -3.74 9.30
CA PRO A 61 -2.31 -4.23 9.50
C PRO A 61 -2.28 -5.65 10.08
N PRO A 62 -1.26 -6.44 9.71
CA PRO A 62 -1.12 -7.82 10.19
C PRO A 62 -0.90 -7.88 11.70
N GLN A 63 -0.61 -9.09 12.20
CA GLN A 63 -0.37 -9.29 13.62
C GLN A 63 0.72 -10.32 13.86
N ALA A 64 0.85 -10.77 15.10
CA ALA A 64 1.86 -11.76 15.44
C ALA A 64 1.78 -12.99 14.54
N GLY A 65 2.69 -13.06 13.57
CA GLY A 65 2.69 -14.17 12.64
C GLY A 65 2.31 -13.76 11.24
N MET A 66 1.51 -12.70 11.13
CA MET A 66 1.06 -12.20 9.85
C MET A 66 1.94 -11.04 9.37
N GLU A 67 2.62 -10.39 10.32
CA GLU A 67 3.49 -9.27 10.00
C GLU A 67 4.50 -9.65 8.91
N LYS A 68 4.85 -10.92 8.86
CA LYS A 68 5.80 -11.42 7.87
C LYS A 68 5.11 -11.69 6.54
N GLU A 69 3.81 -11.90 6.57
CA GLU A 69 3.04 -12.17 5.36
C GLU A 69 2.94 -10.93 4.48
N PRO A 70 2.97 -11.10 3.15
CA PRO A 70 2.88 -9.99 2.20
C PRO A 70 1.47 -9.43 2.07
N VAL A 71 1.36 -8.28 1.41
CA VAL A 71 0.07 -7.63 1.21
C VAL A 71 -0.87 -8.50 0.35
N PRO A 72 -2.18 -8.21 0.40
CA PRO A 72 -3.18 -8.96 -0.36
C PRO A 72 -3.17 -8.63 -1.86
N LEU A 73 -2.25 -7.76 -2.26
CA LEU A 73 -2.15 -7.35 -3.65
C LEU A 73 -0.99 -8.06 -4.35
N GLN A 74 -1.10 -8.18 -5.68
CA GLN A 74 -0.07 -8.84 -6.46
C GLN A 74 0.25 -8.07 -7.73
N HIS A 75 1.19 -8.59 -8.52
CA HIS A 75 1.60 -7.95 -9.77
C HIS A 75 0.40 -7.66 -10.66
N GLY A 76 0.07 -6.38 -10.81
CA GLY A 76 -1.05 -6.00 -11.64
C GLY A 76 -2.24 -5.49 -10.85
N ASP A 77 -2.11 -5.43 -9.53
CA ASP A 77 -3.20 -4.97 -8.68
C ASP A 77 -3.24 -3.44 -8.65
N ARG A 78 -4.17 -2.90 -7.86
CA ARG A 78 -4.31 -1.46 -7.74
C ARG A 78 -4.77 -1.08 -6.34
N ILE A 79 -4.34 0.08 -5.87
CA ILE A 79 -4.71 0.54 -4.54
C ILE A 79 -4.89 2.05 -4.49
N THR A 80 -5.47 2.52 -3.40
CA THR A 80 -5.71 3.94 -3.21
C THR A 80 -5.29 4.36 -1.81
N ILE A 81 -4.45 5.39 -1.74
CA ILE A 81 -3.97 5.90 -0.46
C ILE A 81 -4.76 7.12 -0.02
N GLU A 82 -4.73 7.40 1.27
CA GLU A 82 -5.43 8.55 1.82
C GLU A 82 -4.57 9.26 2.87
N ILE A 83 -4.22 10.51 2.58
CA ILE A 83 -3.42 11.30 3.50
C ILE A 83 -4.16 11.54 4.81
N LEU A 84 -3.72 10.89 5.86
CA LEU A 84 -4.35 11.03 7.17
C LEU A 84 -3.97 12.36 7.81
N LYS A 85 -4.55 12.65 8.97
CA LYS A 85 -4.28 13.89 9.67
C LYS A 85 -3.18 13.70 10.70
N GLY A 86 -1.96 14.07 10.33
CA GLY A 86 -0.83 13.93 11.23
C GLY A 86 -0.30 15.28 11.69
N LYS A 6 11.97 -11.16 -10.43
CA LYS A 6 11.93 -9.95 -9.61
C LYS A 6 10.61 -9.83 -8.85
N GLU A 7 10.44 -8.71 -8.17
CA GLU A 7 9.23 -8.46 -7.40
C GLU A 7 8.03 -8.20 -8.30
N LYS A 8 6.93 -7.73 -7.71
CA LYS A 8 5.72 -7.45 -8.46
C LYS A 8 5.49 -5.94 -8.57
N LYS A 9 4.67 -5.54 -9.55
CA LYS A 9 4.36 -4.13 -9.75
C LYS A 9 2.89 -3.88 -9.51
N ILE A 10 2.58 -2.78 -8.84
CA ILE A 10 1.19 -2.43 -8.53
C ILE A 10 0.94 -0.94 -8.70
N ARG A 11 -0.33 -0.57 -8.79
CA ARG A 11 -0.70 0.83 -8.96
C ARG A 11 -1.10 1.47 -7.63
N ILE A 12 -1.04 2.79 -7.57
CA ILE A 12 -1.41 3.51 -6.36
C ILE A 12 -2.17 4.79 -6.69
N THR A 13 -3.07 5.17 -5.80
CA THR A 13 -3.86 6.38 -5.99
C THR A 13 -4.27 7.00 -4.65
N THR A 14 -3.81 8.21 -4.40
CA THR A 14 -4.13 8.89 -3.16
C THR A 14 -5.35 9.78 -3.31
N ASN A 15 -6.15 9.84 -2.25
CA ASN A 15 -7.38 10.62 -2.22
C ASN A 15 -7.12 12.07 -2.61
N ASP A 16 -5.89 12.55 -2.43
CA ASP A 16 -5.54 13.91 -2.78
C ASP A 16 -5.78 14.16 -4.27
N GLY A 17 -5.81 13.08 -5.03
CA GLY A 17 -6.04 13.18 -6.46
C GLY A 17 -4.81 12.82 -7.26
N ARG A 18 -3.98 11.94 -6.71
CA ARG A 18 -2.76 11.52 -7.38
C ARG A 18 -2.64 10.00 -7.43
N GLN A 19 -1.78 9.51 -8.31
CA GLN A 19 -1.56 8.07 -8.46
C GLN A 19 -0.15 7.78 -8.96
N SER A 20 0.34 6.58 -8.66
CA SER A 20 1.67 6.18 -9.09
C SER A 20 1.84 4.67 -8.96
N MET A 21 2.78 4.12 -9.73
CA MET A 21 3.06 2.69 -9.71
C MET A 21 4.27 2.39 -8.84
N VAL A 22 4.37 1.15 -8.39
CA VAL A 22 5.48 0.73 -7.55
C VAL A 22 5.92 -0.68 -7.88
N THR A 23 7.04 -1.09 -7.28
CA THR A 23 7.58 -2.43 -7.50
C THR A 23 7.53 -3.23 -6.20
N LEU A 24 6.38 -3.21 -5.53
CA LEU A 24 6.20 -3.92 -4.27
C LEU A 24 6.89 -5.29 -4.29
N LYS A 25 7.65 -5.57 -3.24
CA LYS A 25 8.36 -6.84 -3.14
C LYS A 25 7.39 -7.99 -2.94
N SER A 26 7.72 -9.15 -3.52
CA SER A 26 6.88 -10.33 -3.42
C SER A 26 6.51 -10.62 -1.96
N SER A 27 7.47 -10.43 -1.07
CA SER A 27 7.25 -10.66 0.36
C SER A 27 7.10 -9.34 1.10
N THR A 28 6.37 -8.40 0.50
CA THR A 28 6.15 -7.10 1.10
C THR A 28 4.87 -7.10 1.93
N THR A 29 5.03 -6.91 3.25
CA THR A 29 3.89 -6.88 4.15
C THR A 29 3.35 -5.46 4.25
N PHE A 30 2.26 -5.29 5.00
CA PHE A 30 1.64 -3.98 5.18
C PHE A 30 2.69 -2.91 5.47
N PHE A 31 3.66 -3.25 6.30
CA PHE A 31 4.73 -2.31 6.64
C PHE A 31 5.55 -1.96 5.42
N GLU A 32 6.17 -2.97 4.81
CA GLU A 32 6.99 -2.79 3.62
C GLU A 32 6.23 -2.01 2.55
N LEU A 33 4.93 -2.23 2.48
CA LEU A 33 4.09 -1.55 1.49
C LEU A 33 4.03 -0.06 1.79
N GLN A 34 3.75 0.28 3.05
CA GLN A 34 3.65 1.67 3.46
C GLN A 34 4.94 2.42 3.15
N GLU A 35 6.05 1.69 3.08
CA GLU A 35 7.35 2.29 2.78
C GLU A 35 7.51 2.55 1.29
N SER A 36 6.83 1.75 0.48
CA SER A 36 6.90 1.89 -0.97
C SER A 36 6.14 3.14 -1.42
N ILE A 37 4.92 3.29 -0.95
CA ILE A 37 4.10 4.44 -1.31
C ILE A 37 4.76 5.74 -0.85
N ALA A 38 5.41 5.69 0.30
CA ALA A 38 6.08 6.85 0.85
C ALA A 38 7.16 7.36 -0.11
N ARG A 39 7.57 6.51 -1.04
CA ARG A 39 8.59 6.87 -2.02
C ARG A 39 7.95 7.46 -3.27
N GLU A 40 6.93 6.78 -3.77
CA GLU A 40 6.22 7.23 -4.97
C GLU A 40 5.48 8.54 -4.72
N PHE A 41 4.97 8.70 -3.50
CA PHE A 41 4.24 9.90 -3.14
C PHE A 41 4.96 10.69 -2.05
N ASN A 42 4.33 11.75 -1.55
CA ASN A 42 4.92 12.58 -0.51
C ASN A 42 4.19 12.41 0.82
N ILE A 43 3.89 11.17 1.17
CA ILE A 43 3.20 10.87 2.42
C ILE A 43 3.94 9.78 3.20
N PRO A 44 4.11 9.98 4.51
CA PRO A 44 4.80 9.01 5.38
C PRO A 44 3.99 7.72 5.58
N PRO A 45 4.62 6.68 6.14
CA PRO A 45 3.97 5.40 6.39
C PRO A 45 2.87 5.50 7.45
N TYR A 46 2.94 6.53 8.28
CA TYR A 46 1.95 6.72 9.35
C TYR A 46 0.82 7.65 8.90
N LEU A 47 0.76 7.94 7.61
CA LEU A 47 -0.28 8.82 7.07
C LEU A 47 -0.84 8.27 5.76
N GLN A 48 -0.44 7.06 5.38
CA GLN A 48 -0.92 6.46 4.15
C GLN A 48 -1.87 5.29 4.44
N CYS A 49 -3.13 5.47 4.10
CA CYS A 49 -4.13 4.43 4.30
C CYS A 49 -4.46 3.75 2.97
N ILE A 50 -3.95 2.54 2.78
CA ILE A 50 -4.15 1.79 1.55
C ILE A 50 -5.56 1.19 1.48
N ARG A 51 -6.06 1.05 0.25
CA ARG A 51 -7.38 0.48 0.02
C ARG A 51 -7.40 -0.30 -1.29
N TYR A 52 -8.01 -1.47 -1.27
CA TYR A 52 -8.09 -2.32 -2.45
C TYR A 52 -9.50 -2.87 -2.63
N GLY A 53 -9.83 -3.20 -3.88
CA GLY A 53 -11.14 -3.75 -4.18
C GLY A 53 -12.24 -2.70 -4.15
N PHE A 54 -13.42 -3.07 -4.65
CA PHE A 54 -14.55 -2.16 -4.69
C PHE A 54 -15.76 -2.78 -3.96
N PRO A 55 -16.27 -2.14 -2.89
CA PRO A 55 -15.73 -0.87 -2.36
C PRO A 55 -14.30 -1.01 -1.83
N PRO A 56 -13.58 0.11 -1.69
CA PRO A 56 -12.21 0.11 -1.19
C PRO A 56 -12.13 -0.19 0.30
N LYS A 57 -11.25 -1.11 0.65
CA LYS A 57 -11.06 -1.50 2.04
C LYS A 57 -10.02 -0.63 2.71
N GLU A 58 -9.80 -0.84 4.00
CA GLU A 58 -8.82 -0.07 4.75
C GLU A 58 -7.48 -0.79 4.86
N LEU A 59 -7.50 -2.10 4.59
CA LEU A 59 -6.29 -2.91 4.67
C LEU A 59 -5.55 -2.66 5.98
N MET A 60 -5.93 -3.40 7.01
CA MET A 60 -5.32 -3.26 8.33
C MET A 60 -3.97 -3.96 8.41
N PRO A 61 -3.08 -3.48 9.30
CA PRO A 61 -1.75 -4.05 9.49
C PRO A 61 -1.81 -5.47 10.04
N PRO A 62 -0.80 -6.30 9.69
CA PRO A 62 -0.73 -7.69 10.16
C PRO A 62 -0.60 -7.79 11.68
N GLN A 63 -0.35 -9.00 12.16
CA GLN A 63 -0.19 -9.23 13.59
C GLN A 63 0.79 -10.38 13.84
N ALA A 64 0.90 -10.79 15.10
CA ALA A 64 1.80 -11.87 15.48
C ALA A 64 1.55 -13.12 14.62
N GLY A 65 2.33 -13.26 13.56
CA GLY A 65 2.18 -14.41 12.69
C GLY A 65 1.93 -14.01 11.25
N MET A 66 1.33 -12.83 11.05
CA MET A 66 1.03 -12.34 9.71
C MET A 66 1.96 -11.19 9.33
N GLU A 67 2.70 -10.67 10.31
CA GLU A 67 3.63 -9.57 10.07
C GLU A 67 4.60 -9.90 8.94
N LYS A 68 4.93 -11.19 8.81
CA LYS A 68 5.84 -11.65 7.77
C LYS A 68 5.11 -11.89 6.45
N GLU A 69 3.78 -12.01 6.53
CA GLU A 69 2.96 -12.25 5.34
C GLU A 69 2.90 -10.99 4.47
N PRO A 70 2.97 -11.16 3.13
CA PRO A 70 2.93 -10.02 2.20
C PRO A 70 1.52 -9.42 2.08
N VAL A 71 1.45 -8.27 1.43
CA VAL A 71 0.18 -7.58 1.24
C VAL A 71 -0.78 -8.40 0.39
N PRO A 72 -2.09 -8.07 0.43
CA PRO A 72 -3.12 -8.78 -0.35
C PRO A 72 -3.08 -8.44 -1.83
N LEU A 73 -2.12 -7.60 -2.22
CA LEU A 73 -2.00 -7.17 -3.61
C LEU A 73 -0.85 -7.91 -4.31
N GLN A 74 -1.04 -8.19 -5.59
CA GLN A 74 -0.03 -8.89 -6.38
C GLN A 74 0.32 -8.12 -7.65
N HIS A 75 1.24 -8.69 -8.44
CA HIS A 75 1.67 -8.07 -9.69
C HIS A 75 0.49 -7.81 -10.61
N GLY A 76 0.14 -6.55 -10.77
CA GLY A 76 -0.97 -6.18 -11.64
C GLY A 76 -2.19 -5.71 -10.87
N ASP A 77 -2.04 -5.51 -9.57
CA ASP A 77 -3.16 -5.07 -8.73
C ASP A 77 -3.21 -3.55 -8.68
N ARG A 78 -4.22 -3.02 -7.98
CA ARG A 78 -4.39 -1.58 -7.84
C ARG A 78 -4.88 -1.25 -6.44
N ILE A 79 -4.44 -0.11 -5.92
CA ILE A 79 -4.83 0.31 -4.59
C ILE A 79 -5.06 1.81 -4.50
N THR A 80 -5.63 2.24 -3.38
CA THR A 80 -5.90 3.65 -3.16
C THR A 80 -5.43 4.06 -1.76
N ILE A 81 -4.65 5.12 -1.70
CA ILE A 81 -4.13 5.61 -0.43
C ILE A 81 -4.92 6.83 0.06
N GLU A 82 -4.91 7.04 1.36
CA GLU A 82 -5.62 8.16 1.96
C GLU A 82 -4.73 8.88 2.98
N ILE A 83 -4.42 10.13 2.71
CA ILE A 83 -3.59 10.93 3.60
C ILE A 83 -4.28 11.14 4.95
N LEU A 84 -3.79 10.45 5.96
CA LEU A 84 -4.35 10.56 7.30
C LEU A 84 -4.03 11.92 7.92
N LYS A 85 -4.61 12.19 9.08
CA LYS A 85 -4.37 13.45 9.78
C LYS A 85 -3.29 13.29 10.84
N GLY A 86 -2.07 13.67 10.49
CA GLY A 86 -0.97 13.55 11.41
C GLY A 86 -0.88 14.74 12.36
N LYS A 6 12.75 -10.93 -9.25
CA LYS A 6 11.91 -9.82 -9.68
C LYS A 6 10.65 -9.73 -8.84
N GLU A 7 10.48 -8.62 -8.14
CA GLU A 7 9.31 -8.41 -7.28
C GLU A 7 8.07 -8.14 -8.14
N LYS A 8 6.99 -7.72 -7.50
CA LYS A 8 5.75 -7.43 -8.21
C LYS A 8 5.54 -5.93 -8.34
N LYS A 9 4.82 -5.53 -9.38
CA LYS A 9 4.53 -4.12 -9.64
C LYS A 9 3.05 -3.85 -9.42
N ILE A 10 2.74 -2.76 -8.74
CA ILE A 10 1.36 -2.40 -8.46
C ILE A 10 1.12 -0.91 -8.65
N ARG A 11 -0.14 -0.53 -8.77
CA ARG A 11 -0.51 0.87 -8.97
C ARG A 11 -0.94 1.52 -7.65
N ILE A 12 -0.73 2.82 -7.55
CA ILE A 12 -1.10 3.56 -6.35
C ILE A 12 -1.85 4.84 -6.73
N THR A 13 -2.80 5.23 -5.89
CA THR A 13 -3.57 6.44 -6.13
C THR A 13 -4.05 7.08 -4.84
N THR A 14 -3.59 8.30 -4.59
CA THR A 14 -3.98 9.02 -3.37
C THR A 14 -5.24 9.84 -3.59
N ASN A 15 -6.07 9.85 -2.56
CA ASN A 15 -7.34 10.59 -2.58
C ASN A 15 -7.15 12.02 -3.05
N ASP A 16 -5.96 12.57 -2.83
CA ASP A 16 -5.69 13.95 -3.24
C ASP A 16 -5.86 14.10 -4.75
N GLY A 17 -5.80 12.98 -5.47
CA GLY A 17 -5.96 13.02 -6.91
C GLY A 17 -4.68 12.70 -7.66
N ARG A 18 -3.81 11.88 -7.05
CA ARG A 18 -2.55 11.53 -7.68
C ARG A 18 -2.33 10.02 -7.66
N GLN A 19 -1.56 9.52 -8.61
CA GLN A 19 -1.28 8.09 -8.69
C GLN A 19 0.15 7.82 -9.14
N SER A 20 0.68 6.65 -8.78
CA SER A 20 2.03 6.26 -9.14
C SER A 20 2.23 4.76 -8.95
N MET A 21 3.02 4.15 -9.84
CA MET A 21 3.28 2.73 -9.77
C MET A 21 4.48 2.44 -8.87
N VAL A 22 4.60 1.19 -8.45
CA VAL A 22 5.70 0.79 -7.58
C VAL A 22 6.14 -0.63 -7.87
N THR A 23 7.24 -1.03 -7.23
CA THR A 23 7.78 -2.37 -7.41
C THR A 23 7.71 -3.15 -6.10
N LEU A 24 6.54 -3.14 -5.48
CA LEU A 24 6.31 -3.84 -4.22
C LEU A 24 7.02 -5.20 -4.19
N LYS A 25 7.79 -5.44 -3.14
CA LYS A 25 8.51 -6.70 -2.98
C LYS A 25 7.54 -7.86 -2.78
N SER A 26 7.93 -9.03 -3.28
CA SER A 26 7.09 -10.22 -3.16
C SER A 26 6.70 -10.48 -1.70
N SER A 27 7.65 -10.26 -0.79
CA SER A 27 7.39 -10.46 0.63
C SER A 27 7.17 -9.13 1.33
N THR A 28 6.46 -8.22 0.65
CA THR A 28 6.17 -6.90 1.20
C THR A 28 4.91 -6.93 2.04
N THR A 29 5.07 -6.93 3.36
CA THR A 29 3.94 -6.93 4.27
C THR A 29 3.33 -5.54 4.37
N PHE A 30 2.18 -5.44 5.04
CA PHE A 30 1.50 -4.17 5.20
C PHE A 30 2.46 -3.06 5.61
N PHE A 31 3.52 -3.44 6.33
CA PHE A 31 4.52 -2.48 6.76
C PHE A 31 5.42 -2.06 5.60
N GLU A 32 5.92 -3.06 4.87
CA GLU A 32 6.79 -2.80 3.73
C GLU A 32 6.05 -1.98 2.67
N LEU A 33 4.75 -2.21 2.56
CA LEU A 33 3.94 -1.48 1.60
C LEU A 33 3.81 -0.02 2.00
N GLN A 34 3.55 0.22 3.28
CA GLN A 34 3.41 1.57 3.79
C GLN A 34 4.68 2.38 3.56
N GLU A 35 5.81 1.69 3.48
CA GLU A 35 7.10 2.33 3.25
C GLU A 35 7.33 2.57 1.77
N SER A 36 6.67 1.77 0.92
CA SER A 36 6.80 1.90 -0.52
C SER A 36 6.14 3.18 -1.00
N ILE A 37 4.84 3.30 -0.70
CA ILE A 37 4.07 4.47 -1.10
C ILE A 37 4.74 5.75 -0.61
N ALA A 38 5.31 5.69 0.59
CA ALA A 38 5.99 6.84 1.17
C ALA A 38 7.13 7.32 0.27
N ARG A 39 7.57 6.45 -0.63
CA ARG A 39 8.65 6.80 -1.55
C ARG A 39 8.09 7.39 -2.84
N GLU A 40 7.13 6.67 -3.43
CA GLU A 40 6.52 7.12 -4.67
C GLU A 40 5.74 8.42 -4.48
N PHE A 41 5.22 8.64 -3.27
CA PHE A 41 4.45 9.84 -2.98
C PHE A 41 5.12 10.66 -1.88
N ASN A 42 4.48 11.77 -1.51
CA ASN A 42 5.02 12.66 -0.48
C ASN A 42 4.25 12.54 0.83
N ILE A 43 3.88 11.31 1.18
CA ILE A 43 3.14 11.06 2.41
C ILE A 43 3.80 9.94 3.23
N PRO A 44 3.94 10.13 4.55
CA PRO A 44 4.55 9.13 5.42
C PRO A 44 3.70 7.87 5.53
N PRO A 45 4.22 6.84 6.22
CA PRO A 45 3.51 5.57 6.39
C PRO A 45 2.35 5.69 7.37
N TYR A 46 2.48 6.60 8.32
CA TYR A 46 1.45 6.82 9.32
C TYR A 46 0.35 7.74 8.81
N LEU A 47 0.47 8.21 7.57
CA LEU A 47 -0.52 9.10 6.97
C LEU A 47 -1.07 8.53 5.67
N GLN A 48 -0.55 7.39 5.24
CA GLN A 48 -1.00 6.76 4.00
C GLN A 48 -1.92 5.58 4.29
N CYS A 49 -3.20 5.73 3.94
CA CYS A 49 -4.17 4.68 4.14
C CYS A 49 -4.46 4.00 2.81
N ILE A 50 -3.95 2.78 2.65
CA ILE A 50 -4.14 2.02 1.41
C ILE A 50 -5.53 1.41 1.33
N ARG A 51 -6.00 1.22 0.09
CA ARG A 51 -7.32 0.64 -0.14
C ARG A 51 -7.29 -0.24 -1.39
N TYR A 52 -8.00 -1.36 -1.33
CA TYR A 52 -8.06 -2.29 -2.45
C TYR A 52 -9.45 -2.91 -2.57
N GLY A 53 -9.72 -3.53 -3.72
CA GLY A 53 -11.00 -4.17 -3.94
C GLY A 53 -12.13 -3.17 -4.06
N PHE A 54 -13.33 -3.66 -4.33
CA PHE A 54 -14.51 -2.80 -4.48
C PHE A 54 -15.68 -3.36 -3.67
N PRO A 55 -16.20 -2.58 -2.69
CA PRO A 55 -15.71 -1.24 -2.36
C PRO A 55 -14.32 -1.27 -1.73
N PRO A 56 -13.47 -0.29 -2.04
CA PRO A 56 -12.11 -0.21 -1.50
C PRO A 56 -12.08 -0.35 0.02
N LYS A 57 -11.30 -1.32 0.50
CA LYS A 57 -11.17 -1.57 1.93
C LYS A 57 -10.06 -0.71 2.52
N GLU A 58 -9.89 -0.80 3.84
CA GLU A 58 -8.86 -0.02 4.53
C GLU A 58 -7.57 -0.83 4.71
N LEU A 59 -7.59 -2.09 4.27
CA LEU A 59 -6.42 -2.96 4.40
C LEU A 59 -5.86 -2.91 5.82
N MET A 60 -6.30 -3.85 6.65
CA MET A 60 -5.85 -3.91 8.04
C MET A 60 -4.43 -4.44 8.13
N PRO A 61 -3.69 -4.01 9.18
CA PRO A 61 -2.31 -4.44 9.41
C PRO A 61 -2.22 -5.84 10.00
N PRO A 62 -1.15 -6.57 9.69
CA PRO A 62 -0.94 -7.93 10.20
C PRO A 62 -0.70 -7.96 11.70
N GLN A 63 -0.34 -9.13 12.21
CA GLN A 63 -0.08 -9.29 13.64
C GLN A 63 1.06 -10.28 13.87
N ALA A 64 1.26 -10.65 15.14
CA ALA A 64 2.32 -11.59 15.49
C ALA A 64 2.17 -12.90 14.73
N GLY A 65 2.93 -13.03 13.65
CA GLY A 65 2.88 -14.24 12.84
C GLY A 65 2.50 -13.95 11.40
N MET A 66 1.71 -12.91 11.19
CA MET A 66 1.27 -12.52 9.86
C MET A 66 2.09 -11.35 9.33
N GLU A 67 2.75 -10.62 10.23
CA GLU A 67 3.56 -9.47 9.85
C GLU A 67 4.61 -9.86 8.82
N LYS A 68 5.02 -11.13 8.84
CA LYS A 68 6.01 -11.62 7.90
C LYS A 68 5.38 -11.90 6.53
N GLU A 69 4.06 -12.01 6.49
CA GLU A 69 3.36 -12.27 5.24
C GLU A 69 3.24 -11.00 4.41
N PRO A 70 3.28 -11.13 3.07
CA PRO A 70 3.17 -9.98 2.17
C PRO A 70 1.76 -9.40 2.10
N VAL A 71 1.62 -8.29 1.39
CA VAL A 71 0.33 -7.62 1.26
C VAL A 71 -0.62 -8.43 0.38
N PRO A 72 -1.94 -8.15 0.47
CA PRO A 72 -2.96 -8.86 -0.32
C PRO A 72 -2.90 -8.52 -1.81
N LEU A 73 -2.01 -7.62 -2.18
CA LEU A 73 -1.87 -7.20 -3.57
C LEU A 73 -0.71 -7.91 -4.24
N GLN A 74 -0.84 -8.16 -5.54
CA GLN A 74 0.20 -8.85 -6.31
C GLN A 74 0.52 -8.10 -7.59
N HIS A 75 1.45 -8.65 -8.36
CA HIS A 75 1.87 -8.05 -9.63
C HIS A 75 0.69 -7.84 -10.56
N GLY A 76 0.30 -6.58 -10.75
CA GLY A 76 -0.81 -6.26 -11.62
C GLY A 76 -2.03 -5.76 -10.87
N ASP A 77 -1.89 -5.56 -9.57
CA ASP A 77 -3.00 -5.08 -8.75
C ASP A 77 -3.04 -3.56 -8.71
N ARG A 78 -4.02 -3.02 -7.99
CA ARG A 78 -4.18 -1.57 -7.88
C ARG A 78 -4.65 -1.21 -6.48
N ILE A 79 -4.24 -0.04 -6.01
CA ILE A 79 -4.62 0.40 -4.68
C ILE A 79 -4.82 1.92 -4.62
N THR A 80 -5.48 2.37 -3.56
CA THR A 80 -5.75 3.78 -3.36
C THR A 80 -5.33 4.21 -1.97
N ILE A 81 -4.54 5.27 -1.90
CA ILE A 81 -4.06 5.79 -0.63
C ILE A 81 -4.87 7.00 -0.18
N GLU A 82 -4.88 7.25 1.12
CA GLU A 82 -5.61 8.39 1.66
C GLU A 82 -4.77 9.13 2.70
N ILE A 83 -4.44 10.38 2.42
CA ILE A 83 -3.63 11.19 3.33
C ILE A 83 -4.38 11.42 4.64
N LEU A 84 -3.96 10.73 5.69
CA LEU A 84 -4.58 10.88 7.00
C LEU A 84 -4.24 12.23 7.61
N LYS A 85 -4.88 12.54 8.74
CA LYS A 85 -4.66 13.81 9.42
C LYS A 85 -3.63 13.63 10.54
N GLY A 86 -2.38 13.98 10.23
CA GLY A 86 -1.33 13.87 11.21
C GLY A 86 -1.28 15.04 12.17
N LYS A 6 13.14 -10.48 -8.25
CA LYS A 6 11.94 -10.34 -9.08
C LYS A 6 10.73 -9.99 -8.23
N GLU A 7 10.33 -8.72 -8.28
CA GLU A 7 9.18 -8.25 -7.52
C GLU A 7 8.01 -7.95 -8.45
N LYS A 8 6.86 -7.61 -7.85
CA LYS A 8 5.67 -7.30 -8.62
C LYS A 8 5.45 -5.80 -8.72
N LYS A 9 4.67 -5.38 -9.71
CA LYS A 9 4.38 -3.97 -9.92
C LYS A 9 2.90 -3.69 -9.67
N ILE A 10 2.62 -2.63 -8.94
CA ILE A 10 1.24 -2.27 -8.63
C ILE A 10 1.02 -0.76 -8.76
N ARG A 11 -0.24 -0.36 -8.84
CA ARG A 11 -0.58 1.05 -8.98
C ARG A 11 -1.01 1.64 -7.65
N ILE A 12 -0.88 2.96 -7.52
CA ILE A 12 -1.26 3.65 -6.29
C ILE A 12 -1.99 4.95 -6.59
N THR A 13 -2.92 5.31 -5.72
CA THR A 13 -3.68 6.55 -5.89
C THR A 13 -4.13 7.12 -4.56
N THR A 14 -3.64 8.30 -4.22
CA THR A 14 -3.99 8.94 -2.96
C THR A 14 -5.26 9.78 -3.10
N ASN A 15 -6.09 9.71 -2.06
CA ASN A 15 -7.35 10.44 -2.00
C ASN A 15 -7.18 11.90 -2.41
N ASP A 16 -5.98 12.44 -2.20
CA ASP A 16 -5.72 13.83 -2.55
C ASP A 16 -5.96 14.06 -4.03
N GLY A 17 -5.85 12.99 -4.81
CA GLY A 17 -6.08 13.08 -6.24
C GLY A 17 -4.81 12.82 -7.03
N ARG A 18 -3.92 12.00 -6.48
CA ARG A 18 -2.66 11.69 -7.15
C ARG A 18 -2.42 10.19 -7.19
N GLN A 19 -1.62 9.73 -8.16
CA GLN A 19 -1.33 8.31 -8.30
C GLN A 19 0.11 8.06 -8.71
N SER A 20 0.58 6.84 -8.47
CA SER A 20 1.95 6.45 -8.80
C SER A 20 2.08 4.93 -8.80
N MET A 21 3.11 4.41 -9.46
CA MET A 21 3.34 2.97 -9.52
C MET A 21 4.54 2.57 -8.68
N VAL A 22 4.57 1.31 -8.29
CA VAL A 22 5.66 0.80 -7.47
C VAL A 22 6.05 -0.62 -7.87
N THR A 23 7.13 -1.12 -7.30
CA THR A 23 7.62 -2.45 -7.59
C THR A 23 7.57 -3.33 -6.34
N LEU A 24 6.43 -3.28 -5.65
CA LEU A 24 6.23 -4.05 -4.41
C LEU A 24 6.87 -5.43 -4.50
N LYS A 25 7.62 -5.79 -3.47
CA LYS A 25 8.30 -7.07 -3.42
C LYS A 25 7.30 -8.21 -3.14
N SER A 26 7.66 -9.41 -3.55
CA SER A 26 6.80 -10.58 -3.36
C SER A 26 6.45 -10.77 -1.88
N SER A 27 7.47 -10.71 -1.03
CA SER A 27 7.28 -10.87 0.40
C SER A 27 7.15 -9.52 1.10
N THR A 28 6.45 -8.59 0.45
CA THR A 28 6.25 -7.26 0.99
C THR A 28 4.99 -7.20 1.85
N THR A 29 5.18 -7.06 3.17
CA THR A 29 4.06 -6.98 4.09
C THR A 29 3.54 -5.55 4.16
N PHE A 30 2.47 -5.34 4.93
CA PHE A 30 1.88 -4.01 5.08
C PHE A 30 2.96 -2.97 5.34
N PHE A 31 3.92 -3.31 6.19
CA PHE A 31 5.01 -2.39 6.52
C PHE A 31 5.80 -2.04 5.26
N GLU A 32 6.37 -3.06 4.63
CA GLU A 32 7.15 -2.87 3.41
C GLU A 32 6.36 -2.07 2.38
N LEU A 33 5.04 -2.25 2.38
CA LEU A 33 4.18 -1.55 1.44
C LEU A 33 4.05 -0.08 1.83
N GLN A 34 3.80 0.18 3.11
CA GLN A 34 3.66 1.54 3.61
C GLN A 34 4.92 2.35 3.32
N GLU A 35 6.05 1.66 3.27
CA GLU A 35 7.33 2.31 3.00
C GLU A 35 7.48 2.63 1.51
N SER A 36 6.82 1.85 0.68
CA SER A 36 6.88 2.05 -0.76
C SER A 36 6.11 3.30 -1.18
N ILE A 37 4.86 3.38 -0.75
CA ILE A 37 4.01 4.53 -1.07
C ILE A 37 4.65 5.82 -0.56
N ALA A 38 5.26 5.74 0.61
CA ALA A 38 5.92 6.90 1.20
C ALA A 38 7.02 7.44 0.27
N ARG A 39 7.45 6.62 -0.67
CA ARG A 39 8.48 7.01 -1.62
C ARG A 39 7.85 7.61 -2.87
N GLU A 40 6.94 6.87 -3.47
CA GLU A 40 6.25 7.31 -4.68
C GLU A 40 5.48 8.60 -4.43
N PHE A 41 5.07 8.81 -3.19
CA PHE A 41 4.32 10.01 -2.83
C PHE A 41 4.99 10.76 -1.68
N ASN A 42 4.29 11.75 -1.13
CA ASN A 42 4.83 12.54 -0.03
C ASN A 42 4.03 12.33 1.26
N ILE A 43 3.79 11.07 1.62
CA ILE A 43 3.05 10.76 2.83
C ILE A 43 3.75 9.64 3.61
N PRO A 44 3.88 9.81 4.93
CA PRO A 44 4.53 8.82 5.80
C PRO A 44 3.71 7.54 5.94
N PRO A 45 4.32 6.46 6.46
CA PRO A 45 3.64 5.18 6.64
C PRO A 45 2.52 5.25 7.69
N TYR A 46 2.57 6.27 8.53
CA TYR A 46 1.56 6.43 9.58
C TYR A 46 0.44 7.38 9.13
N LEU A 47 0.43 7.73 7.85
CA LEU A 47 -0.59 8.62 7.31
C LEU A 47 -1.12 8.13 5.97
N GLN A 48 -0.69 6.93 5.56
CA GLN A 48 -1.13 6.37 4.29
C GLN A 48 -2.07 5.20 4.51
N CYS A 49 -3.34 5.39 4.15
CA CYS A 49 -4.34 4.33 4.29
C CYS A 49 -4.62 3.72 2.92
N ILE A 50 -4.11 2.51 2.71
CA ILE A 50 -4.28 1.81 1.44
C ILE A 50 -5.65 1.14 1.34
N ARG A 51 -6.14 1.01 0.10
CA ARG A 51 -7.42 0.39 -0.16
C ARG A 51 -7.37 -0.41 -1.46
N TYR A 52 -7.97 -1.59 -1.46
CA TYR A 52 -7.98 -2.44 -2.64
C TYR A 52 -9.34 -3.10 -2.84
N GLY A 53 -9.55 -3.66 -4.02
CA GLY A 53 -10.81 -4.32 -4.32
C GLY A 53 -11.98 -3.36 -4.40
N PHE A 54 -13.07 -3.79 -5.04
CA PHE A 54 -14.25 -2.97 -5.18
C PHE A 54 -15.43 -3.57 -4.39
N PRO A 55 -15.97 -2.83 -3.40
CA PRO A 55 -15.50 -1.49 -3.03
C PRO A 55 -14.10 -1.50 -2.41
N PRO A 56 -13.49 -0.33 -2.24
CA PRO A 56 -12.16 -0.20 -1.65
C PRO A 56 -12.14 -0.55 -0.18
N LYS A 57 -11.26 -1.48 0.19
CA LYS A 57 -11.14 -1.92 1.56
C LYS A 57 -10.14 -1.06 2.32
N GLU A 58 -10.00 -1.33 3.62
CA GLU A 58 -9.07 -0.57 4.45
C GLU A 58 -7.93 -1.47 4.95
N LEU A 59 -7.03 -1.82 4.04
CA LEU A 59 -5.89 -2.68 4.36
C LEU A 59 -5.19 -2.22 5.63
N MET A 60 -5.69 -2.70 6.77
CA MET A 60 -5.13 -2.34 8.07
C MET A 60 -3.82 -3.08 8.31
N PRO A 61 -2.97 -2.55 9.22
CA PRO A 61 -1.67 -3.16 9.53
C PRO A 61 -1.83 -4.47 10.30
N PRO A 62 -1.01 -5.48 9.96
CA PRO A 62 -1.06 -6.79 10.62
C PRO A 62 -0.50 -6.75 12.03
N GLN A 63 -0.33 -7.93 12.62
CA GLN A 63 0.20 -8.03 13.98
C GLN A 63 1.20 -9.18 14.08
N ALA A 64 1.54 -9.56 15.30
CA ALA A 64 2.49 -10.65 15.53
C ALA A 64 2.03 -11.94 14.85
N GLY A 65 2.63 -12.24 13.70
CA GLY A 65 2.27 -13.44 12.97
C GLY A 65 1.82 -13.15 11.55
N MET A 66 1.27 -11.95 11.34
CA MET A 66 0.80 -11.55 10.03
C MET A 66 1.75 -10.55 9.38
N GLU A 67 2.49 -9.82 10.22
CA GLU A 67 3.44 -8.82 9.73
C GLU A 67 4.43 -9.44 8.75
N LYS A 68 4.70 -10.73 8.93
CA LYS A 68 5.64 -11.43 8.06
C LYS A 68 4.99 -11.76 6.72
N GLU A 69 3.67 -11.86 6.71
CA GLU A 69 2.93 -12.16 5.49
C GLU A 69 2.92 -10.95 4.54
N PRO A 70 2.98 -11.21 3.23
CA PRO A 70 2.98 -10.13 2.22
C PRO A 70 1.59 -9.50 2.04
N VAL A 71 1.57 -8.36 1.36
CA VAL A 71 0.32 -7.66 1.11
C VAL A 71 -0.63 -8.48 0.24
N PRO A 72 -1.93 -8.12 0.23
CA PRO A 72 -2.95 -8.84 -0.55
C PRO A 72 -2.93 -8.45 -2.03
N LEU A 73 -1.98 -7.61 -2.41
CA LEU A 73 -1.87 -7.16 -3.79
C LEU A 73 -0.76 -7.91 -4.53
N GLN A 74 -0.93 -8.06 -5.84
CA GLN A 74 0.06 -8.76 -6.66
C GLN A 74 0.37 -7.97 -7.93
N HIS A 75 1.27 -8.53 -8.75
CA HIS A 75 1.67 -7.89 -9.99
C HIS A 75 0.47 -7.62 -10.89
N GLY A 76 0.11 -6.35 -11.03
CA GLY A 76 -1.01 -5.97 -11.87
C GLY A 76 -2.22 -5.49 -11.08
N ASP A 77 -2.07 -5.40 -9.76
CA ASP A 77 -3.17 -4.95 -8.91
C ASP A 77 -3.21 -3.43 -8.85
N ARG A 78 -4.14 -2.90 -8.06
CA ARG A 78 -4.29 -1.46 -7.90
C ARG A 78 -4.75 -1.14 -6.48
N ILE A 79 -4.34 0.02 -5.98
CA ILE A 79 -4.71 0.42 -4.63
C ILE A 79 -4.91 1.93 -4.53
N THR A 80 -5.55 2.33 -3.44
CA THR A 80 -5.81 3.75 -3.20
C THR A 80 -5.37 4.14 -1.79
N ILE A 81 -4.60 5.21 -1.69
CA ILE A 81 -4.11 5.68 -0.40
C ILE A 81 -4.92 6.87 0.09
N GLU A 82 -4.95 7.05 1.40
CA GLU A 82 -5.69 8.16 1.99
C GLU A 82 -4.86 8.84 3.07
N ILE A 83 -4.53 10.10 2.85
CA ILE A 83 -3.74 10.87 3.80
C ILE A 83 -4.50 11.04 5.11
N LEU A 84 -4.03 10.35 6.14
CA LEU A 84 -4.65 10.42 7.45
C LEU A 84 -4.32 11.74 8.16
N LYS A 85 -4.94 11.96 9.31
CA LYS A 85 -4.72 13.18 10.07
C LYS A 85 -3.67 12.96 11.15
N GLY A 86 -2.43 13.34 10.84
CA GLY A 86 -1.35 13.17 11.79
C GLY A 86 -1.25 14.34 12.76
N LYS A 6 13.09 -10.53 -8.68
CA LYS A 6 11.80 -10.57 -9.37
C LYS A 6 10.65 -10.25 -8.42
N GLU A 7 10.29 -8.99 -8.36
CA GLU A 7 9.20 -8.55 -7.48
C GLU A 7 7.94 -8.22 -8.29
N LYS A 8 6.91 -7.76 -7.61
CA LYS A 8 5.65 -7.43 -8.27
C LYS A 8 5.46 -5.92 -8.36
N LYS A 9 4.69 -5.49 -9.34
CA LYS A 9 4.42 -4.06 -9.54
C LYS A 9 2.93 -3.78 -9.37
N ILE A 10 2.62 -2.75 -8.61
CA ILE A 10 1.22 -2.38 -8.37
C ILE A 10 1.00 -0.88 -8.55
N ARG A 11 -0.26 -0.50 -8.70
CA ARG A 11 -0.61 0.90 -8.88
C ARG A 11 -1.04 1.53 -7.56
N ILE A 12 -0.88 2.85 -7.47
CA ILE A 12 -1.25 3.58 -6.26
C ILE A 12 -1.96 4.87 -6.59
N THR A 13 -2.89 5.27 -5.73
CA THR A 13 -3.65 6.50 -5.94
C THR A 13 -4.09 7.11 -4.62
N THR A 14 -3.56 8.29 -4.30
CA THR A 14 -3.91 8.97 -3.06
C THR A 14 -5.19 9.79 -3.21
N ASN A 15 -5.97 9.77 -2.14
CA ASN A 15 -7.25 10.48 -2.09
C ASN A 15 -7.08 11.95 -2.49
N ASP A 16 -5.89 12.50 -2.30
CA ASP A 16 -5.63 13.89 -2.66
C ASP A 16 -5.86 14.11 -4.15
N GLY A 17 -5.81 13.03 -4.92
CA GLY A 17 -6.02 13.13 -6.35
C GLY A 17 -4.77 12.84 -7.15
N ARG A 18 -3.89 12.00 -6.60
CA ARG A 18 -2.65 11.66 -7.29
C ARG A 18 -2.44 10.14 -7.35
N GLN A 19 -1.67 9.68 -8.32
CA GLN A 19 -1.40 8.25 -8.45
C GLN A 19 0.04 7.98 -8.87
N SER A 20 0.48 6.74 -8.62
CA SER A 20 1.84 6.32 -8.96
C SER A 20 1.94 4.81 -8.97
N MET A 21 3.13 4.28 -9.26
CA MET A 21 3.33 2.85 -9.29
C MET A 21 4.59 2.45 -8.54
N VAL A 22 4.58 1.24 -8.00
CA VAL A 22 5.71 0.73 -7.24
C VAL A 22 6.10 -0.68 -7.69
N THR A 23 7.22 -1.16 -7.16
CA THR A 23 7.71 -2.49 -7.50
C THR A 23 7.65 -3.40 -6.28
N LEU A 24 6.62 -3.21 -5.44
CA LEU A 24 6.43 -4.00 -4.22
C LEU A 24 7.16 -5.34 -4.29
N LYS A 25 8.00 -5.60 -3.28
CA LYS A 25 8.77 -6.83 -3.23
C LYS A 25 7.84 -8.04 -3.19
N SER A 26 8.40 -9.22 -3.47
CA SER A 26 7.62 -10.44 -3.49
C SER A 26 7.07 -10.76 -2.11
N SER A 27 7.73 -10.27 -1.07
CA SER A 27 7.29 -10.51 0.30
C SER A 27 7.11 -9.21 1.07
N THR A 28 6.38 -8.27 0.47
CA THR A 28 6.12 -6.99 1.10
C THR A 28 4.83 -7.01 1.92
N THR A 29 4.97 -6.94 3.24
CA THR A 29 3.81 -6.94 4.13
C THR A 29 3.23 -5.53 4.22
N PHE A 30 2.12 -5.39 4.94
CA PHE A 30 1.47 -4.09 5.10
C PHE A 30 2.48 -3.02 5.47
N PHE A 31 3.39 -3.35 6.38
CA PHE A 31 4.40 -2.41 6.82
C PHE A 31 5.35 -2.07 5.68
N GLU A 32 5.78 -3.10 4.94
CA GLU A 32 6.68 -2.90 3.81
C GLU A 32 6.00 -2.10 2.71
N LEU A 33 4.68 -2.26 2.60
CA LEU A 33 3.90 -1.55 1.59
C LEU A 33 3.81 -0.07 1.95
N GLN A 34 3.58 0.21 3.23
CA GLN A 34 3.47 1.59 3.70
C GLN A 34 4.76 2.35 3.43
N GLU A 35 5.87 1.64 3.42
CA GLU A 35 7.18 2.25 3.17
C GLU A 35 7.37 2.51 1.68
N SER A 36 6.72 1.70 0.85
CA SER A 36 6.84 1.85 -0.60
C SER A 36 6.10 3.10 -1.08
N ILE A 37 4.84 3.24 -0.66
CA ILE A 37 4.04 4.39 -1.04
C ILE A 37 4.70 5.68 -0.60
N ALA A 38 5.30 5.66 0.59
CA ALA A 38 5.98 6.83 1.12
C ALA A 38 7.09 7.31 0.19
N ARG A 39 7.53 6.42 -0.71
CA ARG A 39 8.57 6.76 -1.66
C ARG A 39 7.98 7.31 -2.95
N GLU A 40 6.97 6.61 -3.47
CA GLU A 40 6.32 7.02 -4.70
C GLU A 40 5.57 8.34 -4.52
N PHE A 41 5.08 8.57 -3.30
CA PHE A 41 4.34 9.79 -3.01
C PHE A 41 5.02 10.58 -1.89
N ASN A 42 4.35 11.64 -1.44
CA ASN A 42 4.90 12.49 -0.39
C ASN A 42 4.11 12.35 0.91
N ILE A 43 3.86 11.10 1.32
CA ILE A 43 3.13 10.84 2.54
C ILE A 43 3.82 9.77 3.38
N PRO A 44 3.94 10.00 4.69
CA PRO A 44 4.60 9.05 5.60
C PRO A 44 3.77 7.79 5.82
N PRO A 45 4.40 6.74 6.39
CA PRO A 45 3.72 5.46 6.65
C PRO A 45 2.62 5.58 7.69
N TYR A 46 2.72 6.60 8.55
CA TYR A 46 1.71 6.81 9.59
C TYR A 46 0.59 7.73 9.11
N LEU A 47 0.56 8.01 7.81
CA LEU A 47 -0.48 8.89 7.24
C LEU A 47 -0.97 8.34 5.90
N GLN A 48 -0.55 7.13 5.54
CA GLN A 48 -0.96 6.53 4.28
C GLN A 48 -1.94 5.37 4.51
N CYS A 49 -3.18 5.57 4.11
CA CYS A 49 -4.20 4.55 4.26
C CYS A 49 -4.49 3.92 2.90
N ILE A 50 -3.98 2.70 2.69
CA ILE A 50 -4.16 1.99 1.44
C ILE A 50 -5.53 1.35 1.34
N ARG A 51 -6.03 1.21 0.12
CA ARG A 51 -7.33 0.59 -0.12
C ARG A 51 -7.28 -0.30 -1.34
N TYR A 52 -8.12 -1.33 -1.35
CA TYR A 52 -8.17 -2.27 -2.47
C TYR A 52 -9.55 -2.92 -2.58
N GLY A 53 -9.82 -3.52 -3.74
CA GLY A 53 -11.10 -4.17 -3.96
C GLY A 53 -12.26 -3.18 -4.00
N PHE A 54 -13.43 -3.68 -4.37
CA PHE A 54 -14.62 -2.85 -4.46
C PHE A 54 -15.74 -3.40 -3.57
N PRO A 55 -16.23 -2.62 -2.59
CA PRO A 55 -15.75 -1.27 -2.32
C PRO A 55 -14.34 -1.25 -1.74
N PRO A 56 -13.58 -0.16 -1.96
CA PRO A 56 -12.22 -0.03 -1.46
C PRO A 56 -12.11 -0.34 0.03
N LYS A 57 -11.17 -1.19 0.36
CA LYS A 57 -10.95 -1.59 1.74
C LYS A 57 -9.95 -0.65 2.42
N GLU A 58 -9.72 -0.87 3.71
CA GLU A 58 -8.80 -0.04 4.47
C GLU A 58 -7.45 -0.73 4.64
N LEU A 59 -7.41 -2.03 4.36
CA LEU A 59 -6.17 -2.80 4.49
C LEU A 59 -5.51 -2.56 5.85
N MET A 60 -6.02 -3.23 6.87
CA MET A 60 -5.49 -3.09 8.22
C MET A 60 -4.12 -3.76 8.35
N PRO A 61 -3.32 -3.34 9.34
CA PRO A 61 -1.99 -3.89 9.56
C PRO A 61 -2.02 -5.25 10.26
N PRO A 62 -1.13 -6.17 9.87
CA PRO A 62 -1.07 -7.51 10.45
C PRO A 62 -0.60 -7.49 11.90
N GLN A 63 -0.35 -8.67 12.46
CA GLN A 63 0.11 -8.79 13.83
C GLN A 63 1.15 -9.90 13.96
N ALA A 64 1.49 -10.25 15.20
CA ALA A 64 2.47 -11.29 15.46
C ALA A 64 2.11 -12.59 14.75
N GLY A 65 2.77 -12.86 13.63
CA GLY A 65 2.51 -14.07 12.87
C GLY A 65 2.05 -13.77 11.45
N MET A 66 1.43 -12.61 11.27
CA MET A 66 0.94 -12.21 9.95
C MET A 66 1.83 -11.12 9.35
N GLU A 67 2.56 -10.40 10.20
CA GLU A 67 3.45 -9.34 9.75
C GLU A 67 4.43 -9.85 8.71
N LYS A 68 4.78 -11.13 8.80
CA LYS A 68 5.72 -11.74 7.86
C LYS A 68 5.05 -12.01 6.51
N GLU A 69 3.73 -12.06 6.51
CA GLU A 69 2.98 -12.30 5.28
C GLU A 69 2.91 -11.05 4.42
N PRO A 70 3.00 -11.19 3.08
CA PRO A 70 2.95 -10.05 2.16
C PRO A 70 1.57 -9.45 2.05
N VAL A 71 1.48 -8.31 1.39
CA VAL A 71 0.21 -7.62 1.20
C VAL A 71 -0.74 -8.43 0.32
N PRO A 72 -2.06 -8.11 0.38
CA PRO A 72 -3.07 -8.82 -0.42
C PRO A 72 -3.01 -8.48 -1.90
N LEU A 73 -2.09 -7.58 -2.27
CA LEU A 73 -1.95 -7.17 -3.66
C LEU A 73 -0.80 -7.90 -4.35
N GLN A 74 -0.91 -8.05 -5.66
CA GLN A 74 0.12 -8.74 -6.43
C GLN A 74 0.46 -7.97 -7.71
N HIS A 75 1.39 -8.53 -8.48
CA HIS A 75 1.82 -7.92 -9.74
C HIS A 75 0.63 -7.63 -10.65
N GLY A 76 0.32 -6.34 -10.81
CA GLY A 76 -0.78 -5.95 -11.66
C GLY A 76 -2.01 -5.51 -10.89
N ASP A 77 -1.86 -5.32 -9.57
CA ASP A 77 -2.97 -4.91 -8.73
C ASP A 77 -3.08 -3.38 -8.69
N ARG A 78 -4.09 -2.88 -7.99
CA ARG A 78 -4.31 -1.45 -7.86
C ARG A 78 -4.81 -1.11 -6.47
N ILE A 79 -4.37 0.03 -5.96
CA ILE A 79 -4.77 0.46 -4.63
C ILE A 79 -4.96 1.96 -4.55
N THR A 80 -5.57 2.42 -3.46
CA THR A 80 -5.80 3.83 -3.25
C THR A 80 -5.38 4.24 -1.85
N ILE A 81 -4.56 5.27 -1.76
CA ILE A 81 -4.07 5.76 -0.48
C ILE A 81 -4.89 6.95 0.00
N GLU A 82 -4.86 7.19 1.30
CA GLU A 82 -5.59 8.31 1.88
C GLU A 82 -4.74 9.00 2.96
N ILE A 83 -4.42 10.26 2.72
CA ILE A 83 -3.63 11.02 3.67
C ILE A 83 -4.38 11.22 4.98
N LEU A 84 -3.90 10.56 6.03
CA LEU A 84 -4.53 10.64 7.34
C LEU A 84 -4.14 11.93 8.05
N LYS A 85 -4.75 12.18 9.21
CA LYS A 85 -4.46 13.37 9.98
C LYS A 85 -3.42 13.08 11.05
N GLY A 86 -2.17 13.42 10.74
CA GLY A 86 -1.09 13.21 11.67
C GLY A 86 -1.24 14.03 12.95
N LYS A 6 13.19 -10.49 -8.51
CA LYS A 6 12.01 -10.13 -9.29
C LYS A 6 10.80 -9.95 -8.38
N GLU A 7 10.30 -8.72 -8.30
CA GLU A 7 9.14 -8.40 -7.46
C GLU A 7 7.92 -8.08 -8.32
N LYS A 8 6.83 -7.67 -7.66
CA LYS A 8 5.61 -7.34 -8.37
C LYS A 8 5.41 -5.82 -8.44
N LYS A 9 4.63 -5.39 -9.42
CA LYS A 9 4.35 -3.97 -9.61
C LYS A 9 2.86 -3.71 -9.45
N ILE A 10 2.52 -2.67 -8.70
CA ILE A 10 1.13 -2.33 -8.47
C ILE A 10 0.89 -0.82 -8.65
N ARG A 11 -0.37 -0.44 -8.81
CA ARG A 11 -0.74 0.96 -8.99
C ARG A 11 -1.13 1.60 -7.67
N ILE A 12 -0.94 2.92 -7.57
CA ILE A 12 -1.29 3.64 -6.35
C ILE A 12 -2.01 4.94 -6.68
N THR A 13 -2.92 5.33 -5.81
CA THR A 13 -3.67 6.57 -5.99
C THR A 13 -4.09 7.16 -4.66
N THR A 14 -3.60 8.36 -4.36
CA THR A 14 -3.92 9.02 -3.10
C THR A 14 -5.17 9.89 -3.24
N ASN A 15 -5.98 9.86 -2.19
CA ASN A 15 -7.23 10.61 -2.13
C ASN A 15 -7.02 12.07 -2.55
N ASP A 16 -5.82 12.58 -2.35
CA ASP A 16 -5.51 13.96 -2.72
C ASP A 16 -5.77 14.18 -4.20
N GLY A 17 -5.71 13.10 -4.98
CA GLY A 17 -5.94 13.19 -6.40
C GLY A 17 -4.68 12.90 -7.20
N ARG A 18 -3.81 12.06 -6.65
CA ARG A 18 -2.56 11.71 -7.33
C ARG A 18 -2.37 10.19 -7.36
N GLN A 19 -1.56 9.71 -8.31
CA GLN A 19 -1.31 8.28 -8.43
C GLN A 19 0.12 8.00 -8.91
N SER A 20 0.57 6.77 -8.68
CA SER A 20 1.90 6.35 -9.08
C SER A 20 2.01 4.82 -9.06
N MET A 21 3.16 4.30 -9.45
CA MET A 21 3.38 2.86 -9.47
C MET A 21 4.58 2.47 -8.63
N VAL A 22 4.55 1.26 -8.10
CA VAL A 22 5.62 0.77 -7.26
C VAL A 22 6.04 -0.65 -7.65
N THR A 23 7.12 -1.12 -7.05
CA THR A 23 7.63 -2.46 -7.32
C THR A 23 7.59 -3.32 -6.06
N LEU A 24 6.45 -3.28 -5.37
CA LEU A 24 6.25 -4.05 -4.13
C LEU A 24 6.95 -5.40 -4.19
N LYS A 25 7.72 -5.71 -3.15
CA LYS A 25 8.44 -6.98 -3.08
C LYS A 25 7.48 -8.15 -3.05
N SER A 26 8.00 -9.35 -3.32
CA SER A 26 7.19 -10.56 -3.32
C SER A 26 6.67 -10.86 -1.92
N SER A 27 7.46 -10.50 -0.91
CA SER A 27 7.08 -10.74 0.48
C SER A 27 7.04 -9.43 1.26
N THR A 28 6.32 -8.45 0.72
CA THR A 28 6.20 -7.14 1.36
C THR A 28 4.91 -7.07 2.17
N THR A 29 5.05 -7.02 3.49
CA THR A 29 3.90 -6.93 4.38
C THR A 29 3.36 -5.51 4.42
N PHE A 30 2.25 -5.32 5.14
CA PHE A 30 1.65 -3.99 5.26
C PHE A 30 2.68 -2.92 5.57
N PHE A 31 3.68 -3.29 6.38
CA PHE A 31 4.74 -2.37 6.75
C PHE A 31 5.61 -2.03 5.55
N GLU A 32 6.09 -3.05 4.86
CA GLU A 32 6.94 -2.87 3.69
C GLU A 32 6.20 -2.07 2.61
N LEU A 33 4.88 -2.23 2.57
CA LEU A 33 4.06 -1.51 1.60
C LEU A 33 3.97 -0.04 1.95
N GLN A 34 3.73 0.25 3.23
CA GLN A 34 3.62 1.63 3.71
C GLN A 34 4.90 2.41 3.40
N GLU A 35 6.02 1.70 3.33
CA GLU A 35 7.30 2.32 3.05
C GLU A 35 7.48 2.56 1.55
N SER A 36 6.78 1.77 0.74
CA SER A 36 6.85 1.91 -0.71
C SER A 36 6.12 3.16 -1.17
N ILE A 37 4.87 3.29 -0.76
CA ILE A 37 4.06 4.46 -1.13
C ILE A 37 4.73 5.75 -0.68
N ALA A 38 5.34 5.70 0.50
CA ALA A 38 6.03 6.86 1.05
C ALA A 38 7.13 7.35 0.11
N ARG A 39 7.55 6.48 -0.81
CA ARG A 39 8.60 6.83 -1.77
C ARG A 39 7.98 7.40 -3.04
N GLU A 40 6.99 6.70 -3.57
CA GLU A 40 6.31 7.13 -4.79
C GLU A 40 5.58 8.45 -4.58
N PHE A 41 5.18 8.72 -3.34
CA PHE A 41 4.47 9.94 -3.01
C PHE A 41 5.16 10.69 -1.87
N ASN A 42 4.49 11.72 -1.35
CA ASN A 42 5.04 12.51 -0.26
C ASN A 42 4.24 12.34 1.03
N ILE A 43 3.97 11.10 1.38
CA ILE A 43 3.22 10.80 2.61
C ILE A 43 3.91 9.69 3.41
N PRO A 44 4.04 9.88 4.73
CA PRO A 44 4.68 8.90 5.60
C PRO A 44 3.84 7.63 5.78
N PRO A 45 4.44 6.56 6.31
CA PRO A 45 3.74 5.28 6.54
C PRO A 45 2.63 5.39 7.59
N TYR A 46 2.70 6.42 8.43
CA TYR A 46 1.70 6.62 9.47
C TYR A 46 0.60 7.58 9.01
N LEU A 47 0.58 7.91 7.72
CA LEU A 47 -0.42 8.81 7.17
C LEU A 47 -0.96 8.31 5.83
N GLN A 48 -0.57 7.09 5.45
CA GLN A 48 -1.02 6.51 4.19
C GLN A 48 -2.01 5.38 4.44
N CYS A 49 -3.26 5.59 4.07
CA CYS A 49 -4.30 4.59 4.23
C CYS A 49 -4.61 3.95 2.88
N ILE A 50 -4.11 2.74 2.69
CA ILE A 50 -4.31 2.01 1.43
C ILE A 50 -5.71 1.42 1.34
N ARG A 51 -6.16 1.18 0.11
CA ARG A 51 -7.47 0.61 -0.14
C ARG A 51 -7.44 -0.26 -1.40
N TYR A 52 -8.06 -1.43 -1.33
CA TYR A 52 -8.10 -2.35 -2.47
C TYR A 52 -9.44 -3.07 -2.55
N GLY A 53 -9.70 -3.70 -3.70
CA GLY A 53 -10.93 -4.43 -3.89
C GLY A 53 -12.15 -3.53 -3.89
N PHE A 54 -13.27 -4.07 -4.38
CA PHE A 54 -14.52 -3.32 -4.42
C PHE A 54 -15.60 -4.02 -3.59
N PRO A 55 -16.17 -3.33 -2.58
CA PRO A 55 -15.82 -1.95 -2.22
C PRO A 55 -14.38 -1.83 -1.73
N PRO A 56 -13.84 -0.60 -1.72
CA PRO A 56 -12.47 -0.34 -1.26
C PRO A 56 -12.31 -0.52 0.24
N LYS A 57 -11.36 -1.35 0.62
CA LYS A 57 -11.10 -1.63 2.03
C LYS A 57 -10.09 -0.63 2.59
N GLU A 58 -9.82 -0.72 3.88
CA GLU A 58 -8.88 0.18 4.54
C GLU A 58 -7.50 -0.46 4.66
N LEU A 59 -7.44 -1.78 4.51
CA LEU A 59 -6.17 -2.52 4.62
C LEU A 59 -5.40 -2.08 5.86
N MET A 60 -5.61 -2.81 6.96
CA MET A 60 -4.93 -2.50 8.21
C MET A 60 -3.67 -3.33 8.36
N PRO A 61 -2.81 -2.95 9.34
CA PRO A 61 -1.56 -3.65 9.60
C PRO A 61 -1.79 -5.03 10.22
N PRO A 62 -0.89 -5.98 9.94
CA PRO A 62 -0.99 -7.34 10.47
C PRO A 62 -0.77 -7.40 11.97
N GLN A 63 -0.67 -8.62 12.51
CA GLN A 63 -0.45 -8.81 13.93
C GLN A 63 0.61 -9.87 14.18
N ALA A 64 0.79 -10.24 15.45
CA ALA A 64 1.78 -11.25 15.81
C ALA A 64 1.53 -12.56 15.08
N GLY A 65 2.16 -12.71 13.91
CA GLY A 65 1.99 -13.92 13.13
C GLY A 65 1.75 -13.64 11.66
N MET A 66 1.17 -12.48 11.37
CA MET A 66 0.88 -12.08 10.00
C MET A 66 1.85 -11.02 9.51
N GLU A 67 2.62 -10.44 10.44
CA GLU A 67 3.59 -9.40 10.08
C GLU A 67 4.55 -9.90 9.00
N LYS A 68 4.74 -11.22 8.93
CA LYS A 68 5.63 -11.81 7.94
C LYS A 68 4.90 -12.08 6.64
N GLU A 69 3.58 -12.01 6.66
CA GLU A 69 2.76 -12.24 5.48
C GLU A 69 2.72 -10.99 4.60
N PRO A 70 2.79 -11.16 3.27
CA PRO A 70 2.76 -10.04 2.33
C PRO A 70 1.38 -9.42 2.20
N VAL A 71 1.31 -8.27 1.54
CA VAL A 71 0.05 -7.57 1.34
C VAL A 71 -0.92 -8.38 0.48
N PRO A 72 -2.22 -8.03 0.50
CA PRO A 72 -3.25 -8.73 -0.28
C PRO A 72 -3.21 -8.40 -1.76
N LEU A 73 -2.25 -7.58 -2.17
CA LEU A 73 -2.12 -7.17 -3.56
C LEU A 73 -1.00 -7.95 -4.26
N GLN A 74 -1.11 -8.05 -5.58
CA GLN A 74 -0.12 -8.78 -6.37
C GLN A 74 0.26 -8.00 -7.63
N HIS A 75 1.15 -8.57 -8.43
CA HIS A 75 1.61 -7.95 -9.66
C HIS A 75 0.45 -7.67 -10.61
N GLY A 76 0.12 -6.40 -10.75
CA GLY A 76 -0.97 -6.02 -11.64
C GLY A 76 -2.21 -5.57 -10.89
N ASP A 77 -2.07 -5.33 -9.59
CA ASP A 77 -3.19 -4.90 -8.77
C ASP A 77 -3.28 -3.38 -8.73
N ARG A 78 -4.24 -2.87 -7.98
CA ARG A 78 -4.44 -1.43 -7.85
C ARG A 78 -4.86 -1.09 -6.43
N ILE A 79 -4.42 0.08 -5.96
CA ILE A 79 -4.75 0.50 -4.60
C ILE A 79 -4.94 2.01 -4.51
N THR A 80 -5.59 2.43 -3.44
CA THR A 80 -5.83 3.85 -3.21
C THR A 80 -5.37 4.25 -1.81
N ILE A 81 -4.60 5.32 -1.73
CA ILE A 81 -4.09 5.80 -0.46
C ILE A 81 -4.87 7.03 0.01
N GLU A 82 -4.89 7.23 1.32
CA GLU A 82 -5.59 8.37 1.89
C GLU A 82 -4.74 9.05 2.96
N ILE A 83 -4.39 10.31 2.71
CA ILE A 83 -3.57 11.07 3.64
C ILE A 83 -4.31 11.27 4.97
N LEU A 84 -3.84 10.61 6.00
CA LEU A 84 -4.44 10.71 7.32
C LEU A 84 -4.07 12.02 8.00
N LYS A 85 -4.68 12.29 9.15
CA LYS A 85 -4.41 13.51 9.89
C LYS A 85 -3.37 13.26 10.98
N GLY A 86 -2.12 13.60 10.68
CA GLY A 86 -1.06 13.41 11.64
C GLY A 86 -1.17 14.34 12.82
N LYS A 6 11.75 -5.93 -11.19
CA LYS A 6 11.65 -7.07 -10.28
C LYS A 6 10.32 -7.07 -9.53
N GLU A 7 10.16 -8.03 -8.63
CA GLU A 7 8.95 -8.16 -7.84
C GLU A 7 7.70 -7.94 -8.69
N LYS A 8 6.60 -7.64 -8.01
CA LYS A 8 5.34 -7.37 -8.68
C LYS A 8 5.11 -5.87 -8.79
N LYS A 9 4.38 -5.46 -9.82
CA LYS A 9 4.09 -4.06 -10.03
C LYS A 9 2.63 -3.76 -9.75
N ILE A 10 2.38 -2.73 -8.96
CA ILE A 10 1.03 -2.35 -8.61
C ILE A 10 0.80 -0.86 -8.79
N ARG A 11 -0.46 -0.46 -8.83
CA ARG A 11 -0.81 0.95 -8.99
C ARG A 11 -1.22 1.57 -7.67
N ILE A 12 -0.96 2.86 -7.51
CA ILE A 12 -1.32 3.56 -6.29
C ILE A 12 -2.04 4.87 -6.60
N THR A 13 -2.96 5.24 -5.74
CA THR A 13 -3.72 6.48 -5.91
C THR A 13 -4.16 7.07 -4.58
N THR A 14 -3.70 8.29 -4.30
CA THR A 14 -4.07 8.96 -3.06
C THR A 14 -5.33 9.79 -3.22
N ASN A 15 -6.14 9.78 -2.17
CA ASN A 15 -7.40 10.51 -2.14
C ASN A 15 -7.21 11.96 -2.57
N ASP A 16 -6.02 12.51 -2.36
CA ASP A 16 -5.75 13.89 -2.73
C ASP A 16 -5.94 14.09 -4.23
N GLY A 17 -5.92 12.99 -4.98
CA GLY A 17 -6.10 13.08 -6.42
C GLY A 17 -4.83 12.79 -7.19
N ARG A 18 -3.96 11.96 -6.62
CA ARG A 18 -2.70 11.62 -7.28
C ARG A 18 -2.49 10.11 -7.32
N GLN A 19 -1.69 9.63 -8.27
CA GLN A 19 -1.42 8.20 -8.39
C GLN A 19 0.02 7.94 -8.81
N SER A 20 0.48 6.72 -8.54
CA SER A 20 1.85 6.32 -8.89
C SER A 20 1.97 4.79 -8.87
N MET A 21 2.95 4.28 -9.62
CA MET A 21 3.17 2.83 -9.69
C MET A 21 4.42 2.44 -8.90
N VAL A 22 4.49 1.17 -8.54
CA VAL A 22 5.63 0.67 -7.77
C VAL A 22 5.96 -0.77 -8.14
N THR A 23 7.08 -1.25 -7.61
CA THR A 23 7.52 -2.62 -7.86
C THR A 23 7.50 -3.44 -6.58
N LEU A 24 6.41 -3.30 -5.83
CA LEU A 24 6.22 -3.98 -4.55
C LEU A 24 6.87 -5.37 -4.54
N LYS A 25 7.59 -5.67 -3.46
CA LYS A 25 8.27 -6.95 -3.31
C LYS A 25 7.25 -8.07 -3.06
N SER A 26 7.56 -9.26 -3.58
CA SER A 26 6.68 -10.41 -3.41
C SER A 26 6.33 -10.63 -1.94
N SER A 27 7.34 -10.51 -1.08
CA SER A 27 7.14 -10.69 0.36
C SER A 27 6.96 -9.35 1.05
N THR A 28 6.28 -8.42 0.38
CA THR A 28 6.04 -7.10 0.93
C THR A 28 4.79 -7.07 1.81
N THR A 29 5.00 -7.03 3.12
CA THR A 29 3.89 -6.98 4.06
C THR A 29 3.33 -5.56 4.15
N PHE A 30 2.27 -5.39 4.92
CA PHE A 30 1.65 -4.08 5.07
C PHE A 30 2.69 -3.00 5.36
N PHE A 31 3.61 -3.31 6.26
CA PHE A 31 4.67 -2.37 6.62
C PHE A 31 5.55 -2.07 5.42
N GLU A 32 5.93 -3.12 4.69
CA GLU A 32 6.78 -2.96 3.51
C GLU A 32 6.07 -2.13 2.45
N LEU A 33 4.75 -2.25 2.40
CA LEU A 33 3.95 -1.51 1.42
C LEU A 33 3.84 -0.04 1.83
N GLN A 34 3.64 0.20 3.11
CA GLN A 34 3.53 1.57 3.62
C GLN A 34 4.79 2.37 3.31
N GLU A 35 5.91 1.67 3.22
CA GLU A 35 7.19 2.31 2.91
C GLU A 35 7.34 2.56 1.42
N SER A 36 6.62 1.78 0.61
CA SER A 36 6.68 1.92 -0.84
C SER A 36 5.97 3.19 -1.29
N ILE A 37 4.73 3.36 -0.84
CA ILE A 37 3.95 4.54 -1.19
C ILE A 37 4.66 5.81 -0.75
N ALA A 38 5.30 5.75 0.41
CA ALA A 38 6.02 6.88 0.95
C ALA A 38 7.11 7.35 -0.02
N ARG A 39 7.49 6.48 -0.95
CA ARG A 39 8.52 6.81 -1.92
C ARG A 39 7.89 7.40 -3.18
N GLU A 40 6.86 6.73 -3.68
CA GLU A 40 6.16 7.18 -4.88
C GLU A 40 5.39 8.47 -4.62
N PHE A 41 4.95 8.66 -3.38
CA PHE A 41 4.20 9.85 -3.01
C PHE A 41 4.92 10.63 -1.92
N ASN A 42 4.25 11.66 -1.39
CA ASN A 42 4.82 12.50 -0.35
C ASN A 42 4.08 12.33 0.98
N ILE A 43 3.88 11.08 1.38
CA ILE A 43 3.19 10.79 2.63
C ILE A 43 3.90 9.67 3.39
N PRO A 44 4.07 9.83 4.71
CA PRO A 44 4.74 8.82 5.55
C PRO A 44 3.89 7.56 5.71
N PRO A 45 4.50 6.48 6.23
CA PRO A 45 3.80 5.20 6.44
C PRO A 45 2.71 5.29 7.51
N TYR A 46 2.80 6.31 8.36
CA TYR A 46 1.81 6.49 9.42
C TYR A 46 0.70 7.46 9.00
N LEU A 47 0.69 7.83 7.73
CA LEU A 47 -0.33 8.74 7.20
C LEU A 47 -0.92 8.24 5.89
N GLN A 48 -0.51 7.05 5.46
CA GLN A 48 -1.01 6.48 4.21
C GLN A 48 -1.93 5.29 4.49
N CYS A 49 -3.21 5.47 4.18
CA CYS A 49 -4.19 4.41 4.37
C CYS A 49 -4.52 3.77 3.02
N ILE A 50 -4.05 2.53 2.84
CA ILE A 50 -4.25 1.82 1.59
C ILE A 50 -5.64 1.17 1.52
N ARG A 51 -6.15 1.03 0.30
CA ARG A 51 -7.45 0.44 0.06
C ARG A 51 -7.44 -0.36 -1.24
N TYR A 52 -8.13 -1.50 -1.26
CA TYR A 52 -8.18 -2.35 -2.45
C TYR A 52 -9.58 -2.93 -2.65
N GLY A 53 -9.85 -3.36 -3.88
CA GLY A 53 -11.14 -3.94 -4.20
C GLY A 53 -12.26 -2.93 -4.20
N PHE A 54 -13.40 -3.32 -4.76
CA PHE A 54 -14.56 -2.43 -4.81
C PHE A 54 -15.76 -3.07 -4.11
N PRO A 55 -16.30 -2.45 -3.05
CA PRO A 55 -15.80 -1.17 -2.52
C PRO A 55 -14.36 -1.27 -1.98
N PRO A 56 -13.72 -0.12 -1.75
CA PRO A 56 -12.35 -0.07 -1.24
C PRO A 56 -12.25 -0.52 0.21
N LYS A 57 -11.24 -1.32 0.49
CA LYS A 57 -11.01 -1.82 1.85
C LYS A 57 -10.05 -0.92 2.60
N GLU A 58 -9.83 -1.24 3.87
CA GLU A 58 -8.91 -0.46 4.70
C GLU A 58 -7.77 -1.33 5.20
N LEU A 59 -6.88 -1.70 4.28
CA LEU A 59 -5.72 -2.54 4.61
C LEU A 59 -5.10 -2.15 5.95
N MET A 60 -5.60 -2.74 7.02
CA MET A 60 -5.12 -2.46 8.35
C MET A 60 -3.82 -3.24 8.63
N PRO A 61 -3.02 -2.78 9.60
CA PRO A 61 -1.75 -3.44 9.95
C PRO A 61 -1.97 -4.79 10.61
N PRO A 62 -1.21 -5.81 10.18
CA PRO A 62 -1.33 -7.17 10.73
C PRO A 62 -0.74 -7.29 12.12
N GLN A 63 -0.63 -8.52 12.60
CA GLN A 63 -0.08 -8.78 13.93
C GLN A 63 0.93 -9.92 13.88
N ALA A 64 1.37 -10.37 15.05
CA ALA A 64 2.34 -11.46 15.14
C ALA A 64 1.88 -12.68 14.33
N GLY A 65 2.44 -12.81 13.13
CA GLY A 65 2.08 -13.93 12.27
C GLY A 65 1.64 -13.48 10.89
N MET A 66 0.94 -12.36 10.82
CA MET A 66 0.46 -11.83 9.56
C MET A 66 1.45 -10.81 8.99
N GLU A 67 2.16 -10.12 9.88
CA GLU A 67 3.14 -9.12 9.46
C GLU A 67 4.19 -9.74 8.54
N LYS A 68 4.52 -11.00 8.80
CA LYS A 68 5.51 -11.71 7.99
C LYS A 68 4.96 -12.02 6.60
N GLU A 69 3.63 -11.99 6.46
CA GLU A 69 2.99 -12.27 5.19
C GLU A 69 2.91 -11.02 4.33
N PRO A 70 2.96 -11.18 2.99
CA PRO A 70 2.90 -10.05 2.07
C PRO A 70 1.50 -9.46 1.95
N VAL A 71 1.41 -8.30 1.29
CA VAL A 71 0.15 -7.61 1.11
C VAL A 71 -0.82 -8.45 0.28
N PRO A 72 -2.13 -8.11 0.32
CA PRO A 72 -3.17 -8.83 -0.42
C PRO A 72 -3.18 -8.50 -1.90
N LEU A 73 -2.23 -7.68 -2.34
CA LEU A 73 -2.15 -7.28 -3.72
C LEU A 73 -1.06 -8.06 -4.47
N GLN A 74 -1.16 -8.09 -5.79
CA GLN A 74 -0.20 -8.81 -6.62
C GLN A 74 0.13 -8.03 -7.89
N HIS A 75 0.99 -8.60 -8.71
CA HIS A 75 1.41 -7.97 -9.96
C HIS A 75 0.20 -7.71 -10.87
N GLY A 76 -0.17 -6.44 -10.99
CA GLY A 76 -1.29 -6.08 -11.84
C GLY A 76 -2.51 -5.63 -11.05
N ASP A 77 -2.34 -5.41 -9.75
CA ASP A 77 -3.44 -4.98 -8.90
C ASP A 77 -3.51 -3.45 -8.84
N ARG A 78 -4.38 -2.94 -7.97
CA ARG A 78 -4.54 -1.50 -7.81
C ARG A 78 -4.97 -1.17 -6.40
N ILE A 79 -4.52 -0.04 -5.90
CA ILE A 79 -4.86 0.38 -4.54
C ILE A 79 -5.06 1.89 -4.44
N THR A 80 -5.66 2.31 -3.35
CA THR A 80 -5.90 3.73 -3.11
C THR A 80 -5.43 4.13 -1.72
N ILE A 81 -4.64 5.19 -1.66
CA ILE A 81 -4.11 5.67 -0.39
C ILE A 81 -4.90 6.88 0.11
N GLU A 82 -4.89 7.09 1.42
CA GLU A 82 -5.59 8.21 2.01
C GLU A 82 -4.71 8.91 3.04
N ILE A 83 -4.39 10.17 2.78
CA ILE A 83 -3.55 10.94 3.71
C ILE A 83 -4.26 11.14 5.05
N LEU A 84 -3.80 10.41 6.06
CA LEU A 84 -4.38 10.51 7.39
C LEU A 84 -4.03 11.85 8.04
N LYS A 85 -4.68 12.13 9.17
CA LYS A 85 -4.43 13.37 9.89
C LYS A 85 -3.40 13.16 11.00
N GLY A 86 -2.15 13.49 10.71
CA GLY A 86 -1.09 13.32 11.68
C GLY A 86 -1.28 14.20 12.90
N LYS A 6 12.10 -11.82 -8.88
CA LYS A 6 11.30 -10.87 -9.64
C LYS A 6 10.27 -10.19 -8.73
N GLU A 7 10.16 -8.87 -8.86
CA GLU A 7 9.22 -8.10 -8.07
C GLU A 7 7.87 -8.01 -8.76
N LYS A 8 6.89 -7.45 -8.06
CA LYS A 8 5.55 -7.27 -8.62
C LYS A 8 5.21 -5.79 -8.69
N LYS A 9 4.74 -5.35 -9.84
CA LYS A 9 4.38 -3.95 -10.03
C LYS A 9 2.91 -3.74 -9.76
N ILE A 10 2.60 -2.69 -9.01
CA ILE A 10 1.22 -2.38 -8.67
C ILE A 10 0.95 -0.88 -8.79
N ARG A 11 -0.33 -0.52 -8.84
CA ARG A 11 -0.71 0.88 -8.97
C ARG A 11 -1.13 1.46 -7.62
N ILE A 12 -0.90 2.76 -7.46
CA ILE A 12 -1.26 3.46 -6.24
C ILE A 12 -2.01 4.75 -6.54
N THR A 13 -2.92 5.11 -5.65
CA THR A 13 -3.70 6.33 -5.83
C THR A 13 -4.12 6.92 -4.49
N THR A 14 -3.67 8.14 -4.22
CA THR A 14 -4.01 8.81 -2.97
C THR A 14 -5.25 9.67 -3.13
N ASN A 15 -6.06 9.68 -2.07
CA ASN A 15 -7.30 10.44 -2.03
C ASN A 15 -7.08 11.89 -2.43
N ASP A 16 -5.88 12.40 -2.23
CA ASP A 16 -5.56 13.78 -2.58
C ASP A 16 -5.84 14.02 -4.07
N GLY A 17 -5.83 12.95 -4.84
CA GLY A 17 -6.09 13.05 -6.27
C GLY A 17 -4.85 12.74 -7.08
N ARG A 18 -3.99 11.89 -6.54
CA ARG A 18 -2.75 11.52 -7.23
C ARG A 18 -2.58 10.00 -7.29
N GLN A 19 -1.81 9.54 -8.27
CA GLN A 19 -1.56 8.11 -8.44
C GLN A 19 -0.14 7.85 -8.93
N SER A 20 0.37 6.66 -8.66
CA SER A 20 1.70 6.28 -9.09
C SER A 20 1.84 4.76 -9.13
N MET A 21 3.01 4.28 -9.55
CA MET A 21 3.25 2.85 -9.64
C MET A 21 4.50 2.47 -8.86
N VAL A 22 4.57 1.20 -8.47
CA VAL A 22 5.69 0.69 -7.71
C VAL A 22 6.03 -0.73 -8.11
N THR A 23 7.15 -1.23 -7.58
CA THR A 23 7.58 -2.59 -7.86
C THR A 23 7.62 -3.39 -6.57
N LEU A 24 6.57 -3.23 -5.77
CA LEU A 24 6.45 -3.91 -4.47
C LEU A 24 7.14 -5.27 -4.49
N LYS A 25 7.88 -5.56 -3.42
CA LYS A 25 8.61 -6.82 -3.33
C LYS A 25 7.62 -7.97 -3.17
N SER A 26 7.87 -9.05 -3.88
CA SER A 26 7.00 -10.22 -3.83
C SER A 26 6.63 -10.57 -2.39
N SER A 27 7.53 -10.25 -1.46
CA SER A 27 7.28 -10.54 -0.05
C SER A 27 7.17 -9.24 0.75
N THR A 28 6.37 -8.31 0.24
CA THR A 28 6.18 -7.02 0.91
C THR A 28 4.97 -7.05 1.82
N THR A 29 5.20 -6.91 3.13
CA THR A 29 4.11 -6.90 4.10
C THR A 29 3.53 -5.50 4.21
N PHE A 30 2.45 -5.36 4.96
CA PHE A 30 1.79 -4.07 5.14
C PHE A 30 2.82 -2.96 5.42
N PHE A 31 3.78 -3.27 6.29
CA PHE A 31 4.81 -2.31 6.65
C PHE A 31 5.67 -1.95 5.44
N GLU A 32 6.15 -2.98 4.75
CA GLU A 32 6.98 -2.78 3.57
C GLU A 32 6.24 -2.00 2.50
N LEU A 33 4.92 -2.20 2.44
CA LEU A 33 4.08 -1.52 1.46
C LEU A 33 3.95 -0.04 1.82
N GLN A 34 3.75 0.23 3.10
CA GLN A 34 3.61 1.61 3.56
C GLN A 34 4.86 2.42 3.25
N GLU A 35 6.00 1.75 3.22
CA GLU A 35 7.27 2.40 2.93
C GLU A 35 7.42 2.67 1.43
N SER A 36 6.74 1.87 0.61
CA SER A 36 6.81 2.03 -0.82
C SER A 36 6.06 3.28 -1.28
N ILE A 37 4.81 3.40 -0.84
CA ILE A 37 4.00 4.56 -1.19
C ILE A 37 4.66 5.85 -0.71
N ALA A 38 5.27 5.78 0.46
CA ALA A 38 5.94 6.94 1.03
C ALA A 38 7.03 7.46 0.09
N ARG A 39 7.45 6.61 -0.85
CA ARG A 39 8.49 6.98 -1.81
C ARG A 39 7.86 7.56 -3.07
N GLU A 40 6.93 6.80 -3.65
CA GLU A 40 6.24 7.22 -4.85
C GLU A 40 5.41 8.49 -4.61
N PHE A 41 5.02 8.70 -3.36
CA PHE A 41 4.22 9.87 -2.99
C PHE A 41 4.90 10.66 -1.87
N ASN A 42 4.19 11.64 -1.34
CA ASN A 42 4.73 12.48 -0.27
C ASN A 42 3.95 12.29 1.03
N ILE A 43 3.77 11.04 1.43
CA ILE A 43 3.05 10.73 2.67
C ILE A 43 3.77 9.63 3.45
N PRO A 44 3.90 9.82 4.78
CA PRO A 44 4.58 8.84 5.64
C PRO A 44 3.76 7.57 5.81
N PRO A 45 4.40 6.49 6.32
CA PRO A 45 3.73 5.20 6.54
C PRO A 45 2.65 5.28 7.61
N TYR A 46 2.71 6.30 8.45
CA TYR A 46 1.72 6.47 9.52
C TYR A 46 0.59 7.40 9.09
N LEU A 47 0.56 7.77 7.82
CA LEU A 47 -0.47 8.67 7.30
C LEU A 47 -1.05 8.14 5.99
N GLN A 48 -0.62 6.94 5.57
CA GLN A 48 -1.10 6.36 4.32
C GLN A 48 -2.02 5.18 4.58
N CYS A 49 -3.30 5.35 4.25
CA CYS A 49 -4.27 4.29 4.42
C CYS A 49 -4.54 3.63 3.07
N ILE A 50 -4.02 2.43 2.90
CA ILE A 50 -4.17 1.69 1.64
C ILE A 50 -5.55 1.07 1.49
N ARG A 51 -5.94 0.86 0.24
CA ARG A 51 -7.25 0.27 -0.08
C ARG A 51 -7.15 -0.56 -1.35
N TYR A 52 -7.88 -1.67 -1.39
CA TYR A 52 -7.86 -2.54 -2.56
C TYR A 52 -9.23 -3.17 -2.80
N GLY A 53 -9.50 -3.50 -4.06
CA GLY A 53 -10.77 -4.11 -4.41
C GLY A 53 -11.90 -3.10 -4.49
N PHE A 54 -12.99 -3.49 -5.15
CA PHE A 54 -14.16 -2.62 -5.28
C PHE A 54 -15.36 -3.21 -4.54
N PRO A 55 -15.90 -2.49 -3.53
CA PRO A 55 -15.39 -1.18 -3.11
C PRO A 55 -14.01 -1.26 -2.48
N PRO A 56 -13.36 -0.10 -2.27
CA PRO A 56 -12.02 -0.04 -1.67
C PRO A 56 -12.03 -0.46 -0.21
N LYS A 57 -11.12 -1.38 0.12
CA LYS A 57 -11.00 -1.88 1.47
C LYS A 57 -10.04 -1.02 2.29
N GLU A 58 -9.91 -1.34 3.57
CA GLU A 58 -9.01 -0.61 4.45
C GLU A 58 -7.90 -1.51 4.96
N LEU A 59 -6.97 -1.86 4.07
CA LEU A 59 -5.85 -2.72 4.41
C LEU A 59 -5.19 -2.30 5.73
N MET A 60 -5.74 -2.81 6.82
CA MET A 60 -5.23 -2.50 8.15
C MET A 60 -3.94 -3.25 8.42
N PRO A 61 -3.13 -2.77 9.38
CA PRO A 61 -1.85 -3.40 9.73
C PRO A 61 -2.05 -4.79 10.34
N PRO A 62 -1.21 -5.76 9.94
CA PRO A 62 -1.30 -7.13 10.45
C PRO A 62 -0.93 -7.23 11.92
N GLN A 63 -0.81 -8.46 12.41
CA GLN A 63 -0.46 -8.71 13.80
C GLN A 63 0.61 -9.79 13.91
N ALA A 64 0.81 -10.30 15.11
CA ALA A 64 1.80 -11.33 15.36
C ALA A 64 1.57 -12.55 14.46
N GLY A 65 2.42 -12.72 13.45
CA GLY A 65 2.27 -13.83 12.55
C GLY A 65 1.92 -13.40 11.13
N MET A 66 1.26 -12.25 11.02
CA MET A 66 0.86 -11.73 9.72
C MET A 66 1.81 -10.63 9.26
N GLU A 67 2.46 -9.96 10.22
CA GLU A 67 3.39 -8.88 9.90
C GLU A 67 4.46 -9.36 8.92
N LYS A 68 4.80 -10.64 9.00
CA LYS A 68 5.81 -11.22 8.12
C LYS A 68 5.21 -11.60 6.77
N GLU A 69 3.88 -11.71 6.72
CA GLU A 69 3.19 -12.07 5.49
C GLU A 69 3.12 -10.88 4.53
N PRO A 70 3.13 -11.15 3.21
CA PRO A 70 3.07 -10.10 2.20
C PRO A 70 1.67 -9.51 2.04
N VAL A 71 1.59 -8.37 1.36
CA VAL A 71 0.32 -7.69 1.13
C VAL A 71 -0.62 -8.55 0.27
N PRO A 72 -1.93 -8.24 0.29
CA PRO A 72 -2.94 -8.98 -0.48
C PRO A 72 -2.90 -8.65 -1.97
N LEU A 73 -1.95 -7.81 -2.37
CA LEU A 73 -1.83 -7.40 -3.76
C LEU A 73 -0.69 -8.12 -4.46
N GLN A 74 -0.78 -8.26 -5.78
CA GLN A 74 0.25 -8.94 -6.55
C GLN A 74 0.57 -8.17 -7.82
N HIS A 75 1.50 -8.71 -8.62
CA HIS A 75 1.92 -8.07 -9.87
C HIS A 75 0.73 -7.83 -10.78
N GLY A 76 0.36 -6.55 -10.93
CA GLY A 76 -0.76 -6.21 -11.79
C GLY A 76 -1.97 -5.73 -11.01
N ASP A 77 -1.80 -5.52 -9.71
CA ASP A 77 -2.91 -5.05 -8.87
C ASP A 77 -2.91 -3.54 -8.79
N ARG A 78 -3.86 -3.00 -8.03
CA ARG A 78 -3.97 -1.56 -7.85
C ARG A 78 -4.51 -1.23 -6.46
N ILE A 79 -3.98 -0.18 -5.87
CA ILE A 79 -4.38 0.22 -4.53
C ILE A 79 -4.62 1.72 -4.43
N THR A 80 -5.36 2.12 -3.41
CA THR A 80 -5.66 3.53 -3.17
C THR A 80 -5.28 3.92 -1.75
N ILE A 81 -4.51 4.98 -1.62
CA ILE A 81 -4.06 5.46 -0.32
C ILE A 81 -4.88 6.66 0.14
N GLU A 82 -4.89 6.89 1.43
CA GLU A 82 -5.63 8.01 2.01
C GLU A 82 -4.79 8.72 3.06
N ILE A 83 -4.47 9.98 2.81
CA ILE A 83 -3.68 10.77 3.74
C ILE A 83 -4.42 10.96 5.06
N LEU A 84 -3.92 10.29 6.10
CA LEU A 84 -4.53 10.38 7.42
C LEU A 84 -4.15 11.68 8.11
N LYS A 85 -4.75 11.93 9.27
CA LYS A 85 -4.47 13.14 10.02
C LYS A 85 -3.39 12.88 11.07
N GLY A 86 -2.17 13.24 10.73
CA GLY A 86 -1.05 13.05 11.65
C GLY A 86 -1.00 14.12 12.73
N LYS A 6 13.59 -8.80 -9.01
CA LYS A 6 12.52 -9.56 -9.67
C LYS A 6 11.32 -9.74 -8.75
N GLU A 7 10.47 -8.72 -8.70
CA GLU A 7 9.29 -8.75 -7.85
C GLU A 7 8.03 -8.38 -8.65
N LYS A 8 6.97 -7.98 -7.93
CA LYS A 8 5.72 -7.60 -8.57
C LYS A 8 5.56 -6.09 -8.66
N LYS A 9 4.61 -5.65 -9.47
CA LYS A 9 4.34 -4.23 -9.66
C LYS A 9 2.85 -3.93 -9.45
N ILE A 10 2.56 -2.90 -8.67
CA ILE A 10 1.18 -2.52 -8.40
C ILE A 10 0.98 -1.02 -8.57
N ARG A 11 -0.28 -0.60 -8.69
CA ARG A 11 -0.61 0.81 -8.87
C ARG A 11 -1.00 1.46 -7.55
N ILE A 12 -0.89 2.78 -7.47
CA ILE A 12 -1.25 3.52 -6.27
C ILE A 12 -1.99 4.80 -6.61
N THR A 13 -2.92 5.20 -5.74
CA THR A 13 -3.67 6.42 -5.95
C THR A 13 -4.12 7.03 -4.63
N THR A 14 -3.61 8.23 -4.33
CA THR A 14 -3.96 8.91 -3.09
C THR A 14 -5.26 9.71 -3.24
N ASN A 15 -6.04 9.69 -2.17
CA ASN A 15 -7.32 10.39 -2.12
C ASN A 15 -7.19 11.85 -2.56
N ASP A 16 -6.00 12.41 -2.39
CA ASP A 16 -5.77 13.80 -2.78
C ASP A 16 -6.00 13.99 -4.27
N GLY A 17 -5.97 12.88 -5.02
CA GLY A 17 -6.18 12.96 -6.45
C GLY A 17 -4.93 12.69 -7.26
N ARG A 18 -4.04 11.86 -6.71
CA ARG A 18 -2.80 11.52 -7.40
C ARG A 18 -2.57 10.01 -7.42
N GLN A 19 -1.80 9.54 -8.41
CA GLN A 19 -1.52 8.12 -8.54
C GLN A 19 -0.07 7.87 -8.96
N SER A 20 0.41 6.67 -8.65
CA SER A 20 1.77 6.27 -8.98
C SER A 20 1.93 4.75 -8.87
N MET A 21 2.85 4.20 -9.65
CA MET A 21 3.09 2.76 -9.61
C MET A 21 4.33 2.42 -8.79
N VAL A 22 4.41 1.17 -8.37
CA VAL A 22 5.54 0.73 -7.57
C VAL A 22 5.94 -0.70 -7.91
N THR A 23 7.06 -1.13 -7.34
CA THR A 23 7.57 -2.49 -7.58
C THR A 23 7.49 -3.32 -6.31
N LEU A 24 6.33 -3.28 -5.66
CA LEU A 24 6.10 -4.02 -4.42
C LEU A 24 6.68 -5.43 -4.49
N LYS A 25 7.46 -5.80 -3.48
CA LYS A 25 8.08 -7.12 -3.42
C LYS A 25 7.03 -8.20 -3.21
N SER A 26 7.34 -9.42 -3.65
CA SER A 26 6.43 -10.55 -3.50
C SER A 26 6.16 -10.85 -2.04
N SER A 27 7.17 -10.61 -1.20
CA SER A 27 7.04 -10.85 0.23
C SER A 27 7.00 -9.54 1.01
N THR A 28 6.28 -8.56 0.45
CA THR A 28 6.16 -7.26 1.10
C THR A 28 4.85 -7.17 1.90
N THR A 29 4.99 -6.95 3.20
CA THR A 29 3.84 -6.84 4.09
C THR A 29 3.36 -5.39 4.15
N PHE A 30 2.27 -5.16 4.89
CA PHE A 30 1.71 -3.81 5.04
C PHE A 30 2.81 -2.80 5.37
N PHE A 31 3.69 -3.17 6.29
CA PHE A 31 4.77 -2.29 6.69
C PHE A 31 5.66 -1.95 5.49
N GLU A 32 6.07 -2.97 4.76
CA GLU A 32 6.92 -2.78 3.59
C GLU A 32 6.19 -1.97 2.53
N LEU A 33 4.87 -2.09 2.49
CA LEU A 33 4.06 -1.36 1.52
C LEU A 33 3.93 0.10 1.92
N GLN A 34 3.72 0.35 3.20
CA GLN A 34 3.59 1.72 3.71
C GLN A 34 4.84 2.52 3.43
N GLU A 35 5.98 1.84 3.38
CA GLU A 35 7.26 2.50 3.12
C GLU A 35 7.46 2.72 1.63
N SER A 36 6.81 1.89 0.81
CA SER A 36 6.93 2.01 -0.64
C SER A 36 6.19 3.25 -1.14
N ILE A 37 4.93 3.40 -0.74
CA ILE A 37 4.12 4.54 -1.14
C ILE A 37 4.78 5.84 -0.73
N ALA A 38 5.40 5.84 0.45
CA ALA A 38 6.08 7.02 0.96
C ALA A 38 7.19 7.46 0.02
N ARG A 39 7.61 6.56 -0.87
CA ARG A 39 8.67 6.87 -1.83
C ARG A 39 8.07 7.42 -3.12
N GLU A 40 7.01 6.78 -3.59
CA GLU A 40 6.34 7.20 -4.81
C GLU A 40 5.55 8.50 -4.60
N PHE A 41 5.09 8.71 -3.38
CA PHE A 41 4.32 9.91 -3.05
C PHE A 41 5.00 10.72 -1.96
N ASN A 42 4.32 11.78 -1.51
CA ASN A 42 4.87 12.64 -0.47
C ASN A 42 4.11 12.48 0.84
N ILE A 43 3.89 11.23 1.26
CA ILE A 43 3.19 10.96 2.50
C ILE A 43 3.89 9.85 3.29
N PRO A 44 4.05 10.04 4.61
CA PRO A 44 4.71 9.06 5.47
C PRO A 44 3.88 7.80 5.67
N PRO A 45 4.46 6.77 6.30
CA PRO A 45 3.78 5.50 6.55
C PRO A 45 2.67 5.62 7.59
N TYR A 46 2.74 6.67 8.40
CA TYR A 46 1.74 6.90 9.44
C TYR A 46 0.63 7.84 8.96
N LEU A 47 0.61 8.13 7.67
CA LEU A 47 -0.40 9.01 7.09
C LEU A 47 -0.94 8.46 5.78
N GLN A 48 -0.51 7.25 5.41
CA GLN A 48 -0.96 6.62 4.17
C GLN A 48 -1.91 5.45 4.44
N CYS A 49 -3.18 5.63 4.08
CA CYS A 49 -4.17 4.58 4.27
C CYS A 49 -4.48 3.93 2.92
N ILE A 50 -3.97 2.72 2.73
CA ILE A 50 -4.18 1.98 1.48
C ILE A 50 -5.57 1.36 1.41
N ARG A 51 -6.04 1.14 0.18
CA ARG A 51 -7.35 0.55 -0.05
C ARG A 51 -7.33 -0.29 -1.34
N TYR A 52 -8.00 -1.43 -1.30
CA TYR A 52 -8.05 -2.32 -2.45
C TYR A 52 -9.44 -2.92 -2.63
N GLY A 53 -9.71 -3.41 -3.84
CA GLY A 53 -11.01 -4.01 -4.11
C GLY A 53 -12.13 -3.00 -4.18
N PHE A 54 -13.24 -3.39 -4.80
CA PHE A 54 -14.39 -2.50 -4.94
C PHE A 54 -15.58 -3.03 -4.13
N PRO A 55 -16.07 -2.26 -3.14
CA PRO A 55 -15.54 -0.94 -2.80
C PRO A 55 -14.15 -1.01 -2.18
N PRO A 56 -13.47 0.15 -2.04
CA PRO A 56 -12.12 0.21 -1.46
C PRO A 56 -12.13 -0.10 0.02
N LYS A 57 -11.31 -1.08 0.41
CA LYS A 57 -11.19 -1.49 1.80
C LYS A 57 -10.13 -0.67 2.52
N GLU A 58 -10.00 -0.91 3.82
CA GLU A 58 -9.01 -0.20 4.61
C GLU A 58 -7.92 -1.15 5.10
N LEU A 59 -7.06 -1.57 4.16
CA LEU A 59 -5.96 -2.48 4.47
C LEU A 59 -5.22 -2.07 5.74
N MET A 60 -5.73 -2.53 6.87
CA MET A 60 -5.13 -2.22 8.17
C MET A 60 -3.84 -3.01 8.37
N PRO A 61 -2.95 -2.53 9.25
CA PRO A 61 -1.68 -3.19 9.54
C PRO A 61 -1.88 -4.55 10.22
N PRO A 62 -1.08 -5.56 9.84
CA PRO A 62 -1.17 -6.90 10.42
C PRO A 62 -0.77 -6.93 11.89
N GLN A 63 -0.66 -8.13 12.44
CA GLN A 63 -0.30 -8.30 13.84
C GLN A 63 0.74 -9.41 14.00
N ALA A 64 0.94 -9.86 15.24
CA ALA A 64 1.90 -10.91 15.52
C ALA A 64 1.60 -12.18 14.72
N GLY A 65 2.31 -12.35 13.61
CA GLY A 65 2.09 -13.52 12.76
C GLY A 65 1.76 -13.15 11.33
N MET A 66 0.97 -12.10 11.16
CA MET A 66 0.58 -11.64 9.83
C MET A 66 1.58 -10.63 9.29
N GLU A 67 2.32 -9.99 10.19
CA GLU A 67 3.31 -8.99 9.79
C GLU A 67 4.28 -9.57 8.76
N LYS A 68 4.53 -10.86 8.85
CA LYS A 68 5.43 -11.54 7.93
C LYS A 68 4.75 -11.80 6.59
N GLU A 69 3.42 -11.86 6.60
CA GLU A 69 2.65 -12.11 5.39
C GLU A 69 2.65 -10.88 4.49
N PRO A 70 2.71 -11.09 3.16
CA PRO A 70 2.72 -9.99 2.19
C PRO A 70 1.36 -9.33 2.03
N VAL A 71 1.32 -8.19 1.36
CA VAL A 71 0.09 -7.45 1.14
C VAL A 71 -0.90 -8.26 0.30
N PRO A 72 -2.18 -7.87 0.32
CA PRO A 72 -3.23 -8.57 -0.44
C PRO A 72 -3.19 -8.27 -1.94
N LEU A 73 -2.20 -7.47 -2.36
CA LEU A 73 -2.06 -7.09 -3.75
C LEU A 73 -0.95 -7.90 -4.42
N GLN A 74 -1.06 -8.08 -5.74
CA GLN A 74 -0.07 -8.84 -6.50
C GLN A 74 0.34 -8.08 -7.75
N HIS A 75 1.24 -8.68 -8.52
CA HIS A 75 1.73 -8.07 -9.76
C HIS A 75 0.57 -7.75 -10.71
N GLY A 76 0.28 -6.47 -10.86
CA GLY A 76 -0.79 -6.05 -11.73
C GLY A 76 -2.03 -5.62 -10.97
N ASP A 77 -1.89 -5.39 -9.67
CA ASP A 77 -3.01 -4.98 -8.84
C ASP A 77 -3.07 -3.45 -8.74
N ARG A 78 -4.06 -2.96 -8.02
CA ARG A 78 -4.23 -1.52 -7.85
C ARG A 78 -4.73 -1.19 -6.45
N ILE A 79 -4.33 -0.04 -5.93
CA ILE A 79 -4.72 0.37 -4.59
C ILE A 79 -4.92 1.87 -4.52
N THR A 80 -5.56 2.32 -3.44
CA THR A 80 -5.81 3.74 -3.23
C THR A 80 -5.38 4.16 -1.83
N ILE A 81 -4.57 5.19 -1.76
CA ILE A 81 -4.08 5.69 -0.48
C ILE A 81 -4.90 6.90 -0.02
N GLU A 82 -4.87 7.15 1.27
CA GLU A 82 -5.60 8.28 1.84
C GLU A 82 -4.77 8.99 2.90
N ILE A 83 -4.42 10.24 2.65
CA ILE A 83 -3.63 11.01 3.59
C ILE A 83 -4.33 11.14 4.93
N LEU A 84 -3.75 10.52 5.94
CA LEU A 84 -4.29 10.57 7.28
C LEU A 84 -3.80 11.83 7.99
N LYS A 85 -4.69 12.43 8.76
CA LYS A 85 -4.37 13.65 9.49
C LYS A 85 -3.48 13.33 10.69
N GLY A 86 -2.19 13.52 10.50
CA GLY A 86 -1.23 13.24 11.54
C GLY A 86 -0.92 14.47 12.39
N LYS A 6 12.97 -10.74 -8.79
CA LYS A 6 11.79 -10.32 -9.54
C LYS A 6 10.62 -10.02 -8.61
N GLU A 7 10.23 -8.75 -8.55
CA GLU A 7 9.12 -8.34 -7.69
C GLU A 7 7.89 -8.02 -8.53
N LYS A 8 6.79 -7.67 -7.85
CA LYS A 8 5.55 -7.34 -8.54
C LYS A 8 5.35 -5.83 -8.61
N LYS A 9 4.59 -5.39 -9.59
CA LYS A 9 4.32 -3.96 -9.77
C LYS A 9 2.83 -3.68 -9.56
N ILE A 10 2.53 -2.65 -8.80
CA ILE A 10 1.15 -2.28 -8.52
C ILE A 10 0.95 -0.78 -8.67
N ARG A 11 -0.31 -0.36 -8.78
CA ARG A 11 -0.63 1.05 -8.95
C ARG A 11 -1.08 1.68 -7.63
N ILE A 12 -0.88 2.98 -7.50
CA ILE A 12 -1.27 3.70 -6.29
C ILE A 12 -1.97 5.00 -6.62
N THR A 13 -2.90 5.41 -5.77
CA THR A 13 -3.63 6.65 -5.98
C THR A 13 -4.08 7.26 -4.66
N THR A 14 -3.59 8.46 -4.36
CA THR A 14 -3.94 9.15 -3.13
C THR A 14 -5.23 9.95 -3.29
N ASN A 15 -6.04 9.94 -2.23
CA ASN A 15 -7.31 10.66 -2.19
C ASN A 15 -7.14 12.11 -2.64
N ASP A 16 -5.95 12.66 -2.45
CA ASP A 16 -5.68 14.04 -2.84
C ASP A 16 -5.93 14.22 -4.34
N GLY A 17 -5.86 13.13 -5.09
CA GLY A 17 -6.08 13.18 -6.51
C GLY A 17 -4.82 12.89 -7.31
N ARG A 18 -3.93 12.08 -6.75
CA ARG A 18 -2.68 11.75 -7.43
C ARG A 18 -2.46 10.23 -7.44
N GLN A 19 -1.67 9.76 -8.40
CA GLN A 19 -1.38 8.32 -8.51
C GLN A 19 0.08 8.06 -8.87
N SER A 20 0.54 6.86 -8.56
CA SER A 20 1.91 6.45 -8.85
C SER A 20 2.04 4.93 -8.79
N MET A 21 3.01 4.39 -9.51
CA MET A 21 3.24 2.95 -9.53
C MET A 21 4.47 2.58 -8.71
N VAL A 22 4.53 1.32 -8.30
CA VAL A 22 5.64 0.84 -7.51
C VAL A 22 6.04 -0.58 -7.90
N THR A 23 7.14 -1.04 -7.34
CA THR A 23 7.65 -2.39 -7.63
C THR A 23 7.58 -3.26 -6.38
N LEU A 24 6.46 -3.19 -5.66
CA LEU A 24 6.27 -3.98 -4.44
C LEU A 24 6.89 -5.36 -4.58
N LYS A 25 7.58 -5.81 -3.54
CA LYS A 25 8.22 -7.11 -3.54
C LYS A 25 7.18 -8.19 -3.37
N SER A 26 7.61 -9.43 -3.37
CA SER A 26 6.69 -10.52 -3.19
C SER A 26 6.48 -10.83 -1.70
N SER A 27 7.37 -10.30 -0.87
CA SER A 27 7.29 -10.50 0.57
C SER A 27 7.10 -9.16 1.28
N THR A 28 6.44 -8.22 0.60
CA THR A 28 6.19 -6.91 1.16
C THR A 28 4.95 -6.92 2.04
N THR A 29 5.16 -6.93 3.35
CA THR A 29 4.06 -6.93 4.31
C THR A 29 3.45 -5.54 4.40
N PHE A 30 2.28 -5.44 5.04
CA PHE A 30 1.59 -4.17 5.19
C PHE A 30 2.57 -3.07 5.61
N PHE A 31 3.50 -3.41 6.48
CA PHE A 31 4.50 -2.46 6.94
C PHE A 31 5.44 -2.09 5.80
N GLU A 32 5.78 -3.08 4.98
CA GLU A 32 6.65 -2.85 3.84
C GLU A 32 5.95 -2.04 2.76
N LEU A 33 4.64 -2.22 2.66
CA LEU A 33 3.85 -1.49 1.68
C LEU A 33 3.70 -0.02 2.07
N GLN A 34 3.56 0.21 3.38
CA GLN A 34 3.42 1.57 3.90
C GLN A 34 4.68 2.38 3.63
N GLU A 35 5.82 1.70 3.55
CA GLU A 35 7.10 2.36 3.30
C GLU A 35 7.31 2.59 1.81
N SER A 36 6.61 1.82 0.97
CA SER A 36 6.73 1.95 -0.47
C SER A 36 6.01 3.19 -0.98
N ILE A 37 4.77 3.37 -0.55
CA ILE A 37 3.98 4.52 -0.95
C ILE A 37 4.67 5.82 -0.55
N ALA A 38 5.26 5.81 0.64
CA ALA A 38 5.96 6.99 1.15
C ALA A 38 7.08 7.41 0.21
N ARG A 39 7.50 6.50 -0.67
CA ARG A 39 8.58 6.78 -1.63
C ARG A 39 8.01 7.32 -2.93
N GLU A 40 6.88 6.76 -3.35
CA GLU A 40 6.23 7.18 -4.59
C GLU A 40 5.46 8.49 -4.40
N PHE A 41 5.05 8.75 -3.17
CA PHE A 41 4.30 9.97 -2.87
C PHE A 41 4.99 10.77 -1.78
N ASN A 42 4.35 11.86 -1.35
CA ASN A 42 4.92 12.72 -0.32
C ASN A 42 4.15 12.57 1.00
N ILE A 43 3.83 11.33 1.36
CA ILE A 43 3.12 11.06 2.60
C ILE A 43 3.83 9.98 3.40
N PRO A 44 3.97 10.19 4.73
CA PRO A 44 4.64 9.23 5.62
C PRO A 44 3.80 7.97 5.84
N PRO A 45 4.39 6.94 6.47
CA PRO A 45 3.71 5.68 6.74
C PRO A 45 2.59 5.82 7.78
N TYR A 46 2.64 6.89 8.56
CA TYR A 46 1.63 7.11 9.59
C TYR A 46 0.52 8.04 9.09
N LEU A 47 0.53 8.34 7.78
CA LEU A 47 -0.48 9.21 7.19
C LEU A 47 -0.98 8.65 5.86
N GLN A 48 -0.56 7.43 5.52
CA GLN A 48 -0.98 6.81 4.27
C GLN A 48 -1.94 5.66 4.53
N CYS A 49 -3.19 5.85 4.12
CA CYS A 49 -4.21 4.82 4.28
C CYS A 49 -4.51 4.16 2.94
N ILE A 50 -3.99 2.95 2.75
CA ILE A 50 -4.18 2.21 1.51
C ILE A 50 -5.55 1.54 1.45
N ARG A 51 -6.06 1.36 0.24
CA ARG A 51 -7.35 0.72 0.03
C ARG A 51 -7.33 -0.11 -1.25
N TYR A 52 -8.07 -1.21 -1.26
CA TYR A 52 -8.12 -2.09 -2.42
C TYR A 52 -9.43 -2.89 -2.46
N GLY A 53 -9.70 -3.49 -3.61
CA GLY A 53 -10.91 -4.28 -3.77
C GLY A 53 -12.18 -3.44 -3.71
N PHE A 54 -13.30 -4.04 -4.11
CA PHE A 54 -14.58 -3.36 -4.11
C PHE A 54 -15.59 -4.11 -3.24
N PRO A 55 -16.15 -3.47 -2.19
CA PRO A 55 -15.84 -2.08 -1.83
C PRO A 55 -14.39 -1.89 -1.39
N PRO A 56 -13.88 -0.64 -1.41
CA PRO A 56 -12.51 -0.33 -1.02
C PRO A 56 -12.29 -0.51 0.47
N LYS A 57 -11.33 -1.35 0.82
CA LYS A 57 -11.00 -1.61 2.23
C LYS A 57 -9.95 -0.64 2.73
N GLU A 58 -9.64 -0.71 4.01
CA GLU A 58 -8.65 0.17 4.61
C GLU A 58 -7.30 -0.53 4.78
N LEU A 59 -7.26 -1.83 4.48
CA LEU A 59 -6.04 -2.61 4.60
C LEU A 59 -5.37 -2.38 5.96
N MET A 60 -5.74 -3.20 6.93
CA MET A 60 -5.20 -3.09 8.28
C MET A 60 -3.93 -3.92 8.43
N PRO A 61 -3.07 -3.54 9.39
CA PRO A 61 -1.81 -4.25 9.65
C PRO A 61 -2.04 -5.68 10.09
N PRO A 62 -1.19 -6.61 9.64
CA PRO A 62 -1.30 -8.03 9.99
C PRO A 62 -1.10 -8.27 11.48
N GLN A 63 -1.03 -9.55 11.87
CA GLN A 63 -0.83 -9.92 13.26
C GLN A 63 0.26 -10.97 13.39
N ALA A 64 0.34 -11.60 14.57
CA ALA A 64 1.34 -12.62 14.81
C ALA A 64 1.22 -13.77 13.82
N GLY A 65 2.00 -13.71 12.74
CA GLY A 65 1.96 -14.75 11.74
C GLY A 65 1.81 -14.20 10.33
N MET A 66 1.21 -13.02 10.22
CA MET A 66 1.02 -12.38 8.92
C MET A 66 1.97 -11.21 8.73
N GLU A 67 2.56 -10.74 9.82
CA GLU A 67 3.49 -9.62 9.76
C GLU A 67 4.63 -9.89 8.78
N LYS A 68 4.98 -11.17 8.64
CA LYS A 68 6.04 -11.58 7.73
C LYS A 68 5.50 -11.87 6.33
N GLU A 69 4.18 -11.99 6.23
CA GLU A 69 3.54 -12.27 4.94
C GLU A 69 3.35 -10.99 4.14
N PRO A 70 3.34 -11.09 2.80
CA PRO A 70 3.17 -9.93 1.93
C PRO A 70 1.74 -9.45 1.86
N VAL A 71 1.55 -8.26 1.29
CA VAL A 71 0.23 -7.66 1.15
C VAL A 71 -0.69 -8.54 0.30
N PRO A 72 -2.01 -8.29 0.37
CA PRO A 72 -3.01 -9.06 -0.39
C PRO A 72 -3.02 -8.72 -1.88
N LEU A 73 -2.13 -7.83 -2.29
CA LEU A 73 -2.05 -7.40 -3.68
C LEU A 73 -0.91 -8.09 -4.41
N GLN A 74 -0.99 -8.14 -5.74
CA GLN A 74 0.03 -8.78 -6.55
C GLN A 74 0.32 -7.98 -7.81
N HIS A 75 1.24 -8.49 -8.63
CA HIS A 75 1.62 -7.84 -9.87
C HIS A 75 0.41 -7.56 -10.74
N GLY A 76 0.06 -6.29 -10.87
CA GLY A 76 -1.08 -5.91 -11.68
C GLY A 76 -2.27 -5.46 -10.85
N ASP A 77 -2.07 -5.30 -9.56
CA ASP A 77 -3.15 -4.87 -8.67
C ASP A 77 -3.25 -3.35 -8.64
N ARG A 78 -4.16 -2.84 -7.82
CA ARG A 78 -4.35 -1.40 -7.70
C ARG A 78 -4.75 -1.03 -6.27
N ILE A 79 -4.31 0.14 -5.83
CA ILE A 79 -4.62 0.58 -4.48
C ILE A 79 -4.84 2.09 -4.43
N THR A 80 -5.48 2.54 -3.35
CA THR A 80 -5.75 3.95 -3.16
C THR A 80 -5.30 4.39 -1.77
N ILE A 81 -4.54 5.48 -1.73
CA ILE A 81 -4.04 6.00 -0.47
C ILE A 81 -4.87 7.19 0.00
N GLU A 82 -4.87 7.43 1.30
CA GLU A 82 -5.60 8.54 1.87
C GLU A 82 -4.76 9.25 2.93
N ILE A 83 -4.45 10.51 2.67
CA ILE A 83 -3.65 11.31 3.60
C ILE A 83 -4.41 11.54 4.90
N LEU A 84 -3.94 10.89 5.96
CA LEU A 84 -4.56 11.02 7.28
C LEU A 84 -4.19 12.35 7.92
N LYS A 85 -4.81 12.64 9.05
CA LYS A 85 -4.56 13.88 9.77
C LYS A 85 -3.51 13.66 10.87
N GLY A 86 -2.28 13.99 10.56
CA GLY A 86 -1.20 13.82 11.53
C GLY A 86 -1.31 14.80 12.69
N LYS A 6 11.25 -7.47 -12.02
CA LYS A 6 11.55 -7.69 -10.60
C LYS A 6 10.30 -7.53 -9.76
N GLU A 7 10.16 -8.38 -8.74
CA GLU A 7 9.03 -8.35 -7.83
C GLU A 7 7.72 -8.15 -8.58
N LYS A 8 6.66 -7.86 -7.83
CA LYS A 8 5.34 -7.64 -8.40
C LYS A 8 5.07 -6.14 -8.56
N LYS A 9 4.29 -5.80 -9.57
CA LYS A 9 3.97 -4.40 -9.83
C LYS A 9 2.49 -4.13 -9.56
N ILE A 10 2.23 -3.07 -8.81
CA ILE A 10 0.85 -2.71 -8.47
C ILE A 10 0.63 -1.21 -8.66
N ARG A 11 -0.63 -0.81 -8.73
CA ARG A 11 -0.99 0.59 -8.91
C ARG A 11 -1.32 1.25 -7.58
N ILE A 12 -1.16 2.57 -7.51
CA ILE A 12 -1.45 3.31 -6.30
C ILE A 12 -2.19 4.60 -6.62
N THR A 13 -3.07 5.01 -5.71
CA THR A 13 -3.82 6.24 -5.89
C THR A 13 -4.19 6.87 -4.56
N THR A 14 -3.66 8.06 -4.30
CA THR A 14 -3.94 8.76 -3.05
C THR A 14 -5.20 9.60 -3.16
N ASN A 15 -5.95 9.62 -2.06
CA ASN A 15 -7.20 10.37 -1.96
C ASN A 15 -7.02 11.83 -2.39
N ASP A 16 -5.80 12.34 -2.27
CA ASP A 16 -5.52 13.71 -2.66
C ASP A 16 -5.79 13.93 -4.14
N GLY A 17 -5.83 12.82 -4.89
CA GLY A 17 -6.10 12.92 -6.32
C GLY A 17 -4.88 12.59 -7.16
N ARG A 18 -4.01 11.73 -6.64
CA ARG A 18 -2.81 11.35 -7.37
C ARG A 18 -2.65 9.83 -7.41
N GLN A 19 -1.84 9.34 -8.35
CA GLN A 19 -1.61 7.91 -8.48
C GLN A 19 -0.20 7.61 -8.98
N SER A 20 0.25 6.38 -8.75
CA SER A 20 1.58 5.95 -9.19
C SER A 20 1.67 4.43 -9.18
N MET A 21 2.84 3.91 -9.55
CA MET A 21 3.04 2.47 -9.57
C MET A 21 4.30 2.08 -8.81
N VAL A 22 4.32 0.85 -8.33
CA VAL A 22 5.45 0.35 -7.56
C VAL A 22 5.76 -1.09 -7.94
N THR A 23 6.88 -1.59 -7.43
CA THR A 23 7.30 -2.96 -7.69
C THR A 23 7.29 -3.79 -6.40
N LEU A 24 6.20 -3.64 -5.63
CA LEU A 24 6.04 -4.36 -4.36
C LEU A 24 6.82 -5.67 -4.35
N LYS A 25 7.62 -5.88 -3.30
CA LYS A 25 8.43 -7.09 -3.20
C LYS A 25 7.55 -8.31 -3.09
N SER A 26 8.14 -9.48 -3.29
CA SER A 26 7.40 -10.73 -3.22
C SER A 26 6.86 -10.97 -1.81
N SER A 27 7.59 -10.48 -0.81
CA SER A 27 7.18 -10.64 0.58
C SER A 27 6.96 -9.28 1.24
N THR A 28 6.16 -8.43 0.60
CA THR A 28 5.88 -7.10 1.12
C THR A 28 4.67 -7.11 2.04
N THR A 29 4.91 -7.06 3.35
CA THR A 29 3.83 -7.04 4.31
C THR A 29 3.25 -5.63 4.41
N PHE A 30 2.15 -5.48 5.15
CA PHE A 30 1.50 -4.18 5.29
C PHE A 30 2.53 -3.09 5.59
N PHE A 31 3.61 -3.47 6.29
CA PHE A 31 4.66 -2.53 6.63
C PHE A 31 5.51 -2.22 5.41
N GLU A 32 5.95 -3.27 4.71
CA GLU A 32 6.77 -3.11 3.52
C GLU A 32 6.04 -2.28 2.47
N LEU A 33 4.72 -2.43 2.42
CA LEU A 33 3.89 -1.69 1.48
C LEU A 33 3.85 -0.22 1.85
N GLN A 34 3.62 0.06 3.12
CA GLN A 34 3.56 1.44 3.61
C GLN A 34 4.85 2.20 3.29
N GLU A 35 5.95 1.46 3.18
CA GLU A 35 7.25 2.05 2.88
C GLU A 35 7.40 2.28 1.38
N SER A 36 6.67 1.50 0.58
CA SER A 36 6.73 1.63 -0.86
C SER A 36 6.03 2.90 -1.32
N ILE A 37 4.77 3.06 -0.90
CA ILE A 37 3.99 4.23 -1.25
C ILE A 37 4.70 5.51 -0.81
N ALA A 38 5.32 5.45 0.37
CA ALA A 38 6.04 6.60 0.91
C ALA A 38 7.13 7.05 -0.05
N ARG A 39 7.53 6.18 -0.97
CA ARG A 39 8.56 6.50 -1.95
C ARG A 39 7.93 7.07 -3.21
N GLU A 40 6.96 6.35 -3.77
CA GLU A 40 6.27 6.78 -4.98
C GLU A 40 5.54 8.10 -4.75
N PHE A 41 5.18 8.37 -3.51
CA PHE A 41 4.46 9.59 -3.17
C PHE A 41 5.19 10.37 -2.07
N ASN A 42 4.53 11.39 -1.54
CA ASN A 42 5.13 12.21 -0.49
C ASN A 42 4.36 12.09 0.83
N ILE A 43 4.11 10.86 1.25
CA ILE A 43 3.39 10.61 2.50
C ILE A 43 4.06 9.49 3.29
N PRO A 44 4.22 9.68 4.61
CA PRO A 44 4.85 8.68 5.48
C PRO A 44 3.97 7.45 5.68
N PRO A 45 4.54 6.35 6.21
CA PRO A 45 3.79 5.11 6.45
C PRO A 45 2.72 5.27 7.53
N TYR A 46 2.87 6.28 8.38
CA TYR A 46 1.90 6.51 9.45
C TYR A 46 0.82 7.50 9.02
N LEU A 47 0.80 7.84 7.73
CA LEU A 47 -0.19 8.77 7.19
C LEU A 47 -0.81 8.24 5.89
N GLN A 48 -0.43 7.04 5.49
CA GLN A 48 -0.94 6.46 4.25
C GLN A 48 -1.90 5.31 4.53
N CYS A 49 -3.17 5.52 4.23
CA CYS A 49 -4.19 4.49 4.43
C CYS A 49 -4.49 3.83 3.08
N ILE A 50 -4.06 2.58 2.95
CA ILE A 50 -4.26 1.82 1.71
C ILE A 50 -5.65 1.21 1.61
N ARG A 51 -6.11 1.05 0.37
CA ARG A 51 -7.42 0.47 0.09
C ARG A 51 -7.34 -0.40 -1.16
N TYR A 52 -8.14 -1.46 -1.20
CA TYR A 52 -8.13 -2.35 -2.35
C TYR A 52 -9.54 -2.86 -2.67
N GLY A 53 -9.84 -2.97 -3.95
CA GLY A 53 -11.15 -3.43 -4.38
C GLY A 53 -12.16 -2.30 -4.46
N PHE A 54 -13.32 -2.59 -5.06
CA PHE A 54 -14.37 -1.60 -5.20
C PHE A 54 -15.70 -2.14 -4.65
N PRO A 55 -16.28 -1.48 -3.62
CA PRO A 55 -15.72 -0.28 -3.00
C PRO A 55 -14.34 -0.53 -2.38
N PRO A 56 -13.61 0.55 -2.06
CA PRO A 56 -12.27 0.45 -1.47
C PRO A 56 -12.31 -0.06 -0.03
N LYS A 57 -11.31 -0.85 0.30
CA LYS A 57 -11.19 -1.43 1.64
C LYS A 57 -10.18 -0.65 2.47
N GLU A 58 -10.05 -1.03 3.73
CA GLU A 58 -9.11 -0.38 4.64
C GLU A 58 -8.06 -1.37 5.14
N LEU A 59 -7.13 -1.73 4.26
CA LEU A 59 -6.07 -2.67 4.58
C LEU A 59 -5.43 -2.37 5.92
N MET A 60 -6.01 -2.91 6.98
CA MET A 60 -5.51 -2.71 8.33
C MET A 60 -4.17 -3.42 8.53
N PRO A 61 -3.43 -3.09 9.60
CA PRO A 61 -2.14 -3.70 9.88
C PRO A 61 -2.27 -5.10 10.45
N PRO A 62 -1.33 -6.00 10.11
CA PRO A 62 -1.35 -7.39 10.59
C PRO A 62 -1.04 -7.49 12.08
N GLN A 63 -0.85 -8.72 12.55
CA GLN A 63 -0.55 -8.97 13.96
C GLN A 63 0.50 -10.06 14.10
N ALA A 64 0.70 -10.53 15.33
CA ALA A 64 1.67 -11.59 15.60
C ALA A 64 1.41 -12.82 14.74
N GLY A 65 2.08 -12.89 13.59
CA GLY A 65 1.91 -14.03 12.71
C GLY A 65 1.65 -13.60 11.27
N MET A 66 1.06 -12.42 11.10
CA MET A 66 0.76 -11.90 9.78
C MET A 66 1.73 -10.79 9.38
N GLU A 67 2.36 -10.18 10.38
CA GLU A 67 3.32 -9.11 10.14
C GLU A 67 4.40 -9.55 9.15
N LYS A 68 4.70 -10.85 9.16
CA LYS A 68 5.71 -11.40 8.27
C LYS A 68 5.11 -11.76 6.91
N GLU A 69 3.79 -11.91 6.87
CA GLU A 69 3.09 -12.25 5.64
C GLU A 69 2.98 -11.03 4.72
N PRO A 70 2.99 -11.26 3.40
CA PRO A 70 2.90 -10.18 2.41
C PRO A 70 1.50 -9.58 2.31
N VAL A 71 1.40 -8.48 1.59
CA VAL A 71 0.12 -7.79 1.41
C VAL A 71 -0.85 -8.63 0.59
N PRO A 72 -2.16 -8.29 0.63
CA PRO A 72 -3.19 -9.03 -0.12
C PRO A 72 -3.17 -8.72 -1.61
N LEU A 73 -2.21 -7.90 -2.03
CA LEU A 73 -2.09 -7.50 -3.44
C LEU A 73 -0.98 -8.26 -4.14
N GLN A 74 -1.07 -8.37 -5.46
CA GLN A 74 -0.08 -9.08 -6.26
C GLN A 74 0.21 -8.34 -7.56
N HIS A 75 1.10 -8.90 -8.36
CA HIS A 75 1.47 -8.32 -9.64
C HIS A 75 0.26 -8.08 -10.52
N GLY A 76 -0.11 -6.81 -10.69
CA GLY A 76 -1.25 -6.48 -11.51
C GLY A 76 -2.45 -6.01 -10.71
N ASP A 77 -2.25 -5.76 -9.42
CA ASP A 77 -3.33 -5.30 -8.56
C ASP A 77 -3.38 -3.77 -8.52
N ARG A 78 -4.33 -3.24 -7.76
CA ARG A 78 -4.49 -1.80 -7.63
C ARG A 78 -4.92 -1.43 -6.22
N ILE A 79 -4.50 -0.26 -5.76
CA ILE A 79 -4.83 0.19 -4.41
C ILE A 79 -5.04 1.70 -4.37
N THR A 80 -5.58 2.18 -3.26
CA THR A 80 -5.83 3.59 -3.06
C THR A 80 -5.36 4.02 -1.68
N ILE A 81 -4.56 5.08 -1.63
CA ILE A 81 -4.04 5.59 -0.37
C ILE A 81 -4.81 6.82 0.09
N GLU A 82 -4.74 7.10 1.39
CA GLU A 82 -5.42 8.25 1.96
C GLU A 82 -4.53 8.93 2.99
N ILE A 83 -4.17 10.19 2.73
CA ILE A 83 -3.34 10.95 3.64
C ILE A 83 -4.07 11.19 4.96
N LEU A 84 -3.60 10.51 6.01
CA LEU A 84 -4.20 10.64 7.32
C LEU A 84 -3.80 11.96 7.99
N LYS A 85 -4.43 12.26 9.12
CA LYS A 85 -4.15 13.49 9.85
C LYS A 85 -3.10 13.25 10.92
N GLY A 86 -1.85 13.58 10.59
CA GLY A 86 -0.77 13.39 11.53
C GLY A 86 -0.70 14.50 12.57
N LYS A 6 11.75 -11.92 -7.79
CA LYS A 6 11.47 -10.66 -8.47
C LYS A 6 10.43 -9.84 -7.70
N GLU A 7 10.20 -8.61 -8.15
CA GLU A 7 9.23 -7.73 -7.51
C GLU A 7 7.99 -7.59 -8.38
N LYS A 8 6.85 -7.35 -7.73
CA LYS A 8 5.59 -7.19 -8.44
C LYS A 8 5.29 -5.71 -8.62
N LYS A 9 4.59 -5.37 -9.70
CA LYS A 9 4.26 -3.98 -9.97
C LYS A 9 2.77 -3.75 -9.75
N ILE A 10 2.46 -2.67 -9.03
CA ILE A 10 1.09 -2.32 -8.75
C ILE A 10 0.88 -0.82 -8.88
N ARG A 11 -0.38 -0.40 -8.98
CA ARG A 11 -0.69 1.01 -9.12
C ARG A 11 -1.14 1.58 -7.79
N ILE A 12 -1.05 2.90 -7.67
CA ILE A 12 -1.46 3.58 -6.45
C ILE A 12 -2.20 4.86 -6.76
N THR A 13 -3.11 5.25 -5.88
CA THR A 13 -3.88 6.48 -6.05
C THR A 13 -4.28 7.06 -4.71
N THR A 14 -3.91 8.31 -4.45
CA THR A 14 -4.23 8.93 -3.18
C THR A 14 -5.46 9.83 -3.29
N ASN A 15 -6.23 9.85 -2.20
CA ASN A 15 -7.44 10.65 -2.12
C ASN A 15 -7.22 12.07 -2.59
N ASP A 16 -6.03 12.62 -2.33
CA ASP A 16 -5.75 13.99 -2.75
C ASP A 16 -5.88 14.12 -4.27
N GLY A 17 -5.76 12.98 -4.96
CA GLY A 17 -5.88 12.99 -6.40
C GLY A 17 -4.58 12.58 -7.09
N ARG A 18 -3.77 11.79 -6.40
CA ARG A 18 -2.50 11.35 -6.97
C ARG A 18 -2.57 9.90 -7.42
N GLN A 19 -1.50 9.45 -8.07
CA GLN A 19 -1.42 8.08 -8.52
C GLN A 19 -0.02 7.76 -9.03
N SER A 20 0.52 6.65 -8.57
CA SER A 20 1.86 6.23 -8.96
C SER A 20 2.01 4.72 -8.86
N MET A 21 2.91 4.17 -9.65
CA MET A 21 3.16 2.73 -9.64
C MET A 21 4.37 2.39 -8.79
N VAL A 22 4.44 1.14 -8.36
CA VAL A 22 5.53 0.69 -7.53
C VAL A 22 5.92 -0.74 -7.88
N THR A 23 7.00 -1.21 -7.30
CA THR A 23 7.48 -2.57 -7.55
C THR A 23 7.41 -3.41 -6.27
N LEU A 24 6.27 -3.36 -5.61
CA LEU A 24 6.06 -4.10 -4.36
C LEU A 24 6.69 -5.50 -4.43
N LYS A 25 7.41 -5.87 -3.38
CA LYS A 25 8.07 -7.17 -3.33
C LYS A 25 7.05 -8.27 -3.06
N SER A 26 7.30 -9.44 -3.63
CA SER A 26 6.39 -10.58 -3.46
C SER A 26 6.13 -10.85 -1.98
N SER A 27 7.16 -10.65 -1.15
CA SER A 27 7.05 -10.86 0.28
C SER A 27 6.95 -9.52 1.02
N THR A 28 6.31 -8.55 0.37
CA THR A 28 6.15 -7.23 0.95
C THR A 28 4.94 -7.18 1.88
N THR A 29 5.20 -6.99 3.17
CA THR A 29 4.13 -6.91 4.16
C THR A 29 3.57 -5.50 4.21
N PHE A 30 2.53 -5.30 5.01
CA PHE A 30 1.89 -3.99 5.15
C PHE A 30 2.94 -2.89 5.38
N PHE A 31 3.88 -3.17 6.28
CA PHE A 31 4.94 -2.22 6.59
C PHE A 31 5.81 -1.96 5.37
N GLU A 32 6.16 -3.02 4.65
CA GLU A 32 6.97 -2.90 3.45
C GLU A 32 6.24 -2.12 2.37
N LEU A 33 4.92 -2.26 2.35
CA LEU A 33 4.09 -1.56 1.36
C LEU A 33 4.01 -0.08 1.69
N GLN A 34 3.86 0.23 2.98
CA GLN A 34 3.77 1.61 3.44
C GLN A 34 5.04 2.38 3.09
N GLU A 35 6.16 1.67 3.01
CA GLU A 35 7.44 2.28 2.70
C GLU A 35 7.53 2.63 1.22
N SER A 36 6.79 1.91 0.39
CA SER A 36 6.79 2.15 -1.05
C SER A 36 6.00 3.41 -1.38
N ILE A 37 4.75 3.45 -0.97
CA ILE A 37 3.89 4.60 -1.22
C ILE A 37 4.54 5.88 -0.75
N ALA A 38 5.20 5.81 0.41
CA ALA A 38 5.87 6.97 0.97
C ALA A 38 6.93 7.53 0.02
N ARG A 39 7.35 6.70 -0.94
CA ARG A 39 8.35 7.11 -1.91
C ARG A 39 7.67 7.71 -3.14
N GLU A 40 6.69 6.99 -3.65
CA GLU A 40 5.94 7.42 -4.83
C GLU A 40 5.17 8.71 -4.55
N PHE A 41 4.75 8.89 -3.30
CA PHE A 41 3.99 10.08 -2.92
C PHE A 41 4.71 10.86 -1.82
N ASN A 42 4.01 11.84 -1.24
CA ASN A 42 4.60 12.67 -0.19
C ASN A 42 3.95 12.44 1.17
N ILE A 43 3.80 11.19 1.55
CA ILE A 43 3.20 10.86 2.85
C ILE A 43 3.94 9.70 3.53
N PRO A 44 4.19 9.82 4.85
CA PRO A 44 4.88 8.79 5.62
C PRO A 44 4.07 7.50 5.73
N PRO A 45 4.67 6.44 6.29
CA PRO A 45 3.99 5.15 6.47
C PRO A 45 2.88 5.19 7.52
N TYR A 46 2.93 6.19 8.39
CA TYR A 46 1.92 6.33 9.44
C TYR A 46 0.82 7.30 9.04
N LEU A 47 0.78 7.67 7.76
CA LEU A 47 -0.24 8.59 7.26
C LEU A 47 -0.82 8.12 5.93
N GLN A 48 -0.40 6.95 5.47
CA GLN A 48 -0.90 6.41 4.20
C GLN A 48 -1.83 5.20 4.44
N CYS A 49 -3.10 5.39 4.14
CA CYS A 49 -4.09 4.33 4.30
C CYS A 49 -4.37 3.67 2.96
N ILE A 50 -3.87 2.46 2.78
CA ILE A 50 -4.05 1.71 1.53
C ILE A 50 -5.43 1.08 1.44
N ARG A 51 -5.90 0.90 0.21
CA ARG A 51 -7.21 0.30 -0.04
C ARG A 51 -7.18 -0.50 -1.34
N TYR A 52 -7.90 -1.61 -1.37
CA TYR A 52 -7.96 -2.46 -2.55
C TYR A 52 -9.34 -3.06 -2.74
N GLY A 53 -9.60 -3.55 -3.95
CA GLY A 53 -10.89 -4.16 -4.25
C GLY A 53 -12.00 -3.13 -4.37
N PHE A 54 -13.20 -3.60 -4.69
CA PHE A 54 -14.35 -2.72 -4.83
C PHE A 54 -15.58 -3.32 -4.14
N PRO A 55 -16.14 -2.63 -3.13
CA PRO A 55 -15.64 -1.33 -2.66
C PRO A 55 -14.28 -1.44 -1.99
N PRO A 56 -13.37 -0.47 -2.23
CA PRO A 56 -12.03 -0.46 -1.65
C PRO A 56 -12.05 -0.69 -0.15
N LYS A 57 -11.21 -1.62 0.29
CA LYS A 57 -11.12 -1.96 1.71
C LYS A 57 -10.08 -1.07 2.40
N GLU A 58 -9.96 -1.22 3.70
CA GLU A 58 -8.99 -0.45 4.48
C GLU A 58 -7.88 -1.34 5.01
N LEU A 59 -7.00 -1.77 4.12
CA LEU A 59 -5.87 -2.63 4.47
C LEU A 59 -5.20 -2.15 5.75
N MET A 60 -5.69 -2.64 6.87
CA MET A 60 -5.15 -2.28 8.17
C MET A 60 -3.84 -3.01 8.46
N PRO A 61 -2.99 -2.43 9.32
CA PRO A 61 -1.70 -3.03 9.69
C PRO A 61 -1.87 -4.36 10.42
N PRO A 62 -1.03 -5.35 10.08
CA PRO A 62 -1.09 -6.68 10.72
C PRO A 62 -0.65 -6.65 12.17
N GLN A 63 -0.53 -7.83 12.77
CA GLN A 63 -0.12 -7.94 14.16
C GLN A 63 0.95 -9.03 14.32
N ALA A 64 1.25 -9.37 15.58
CA ALA A 64 2.25 -10.40 15.86
C ALA A 64 1.92 -11.70 15.15
N GLY A 65 2.65 -11.96 14.07
CA GLY A 65 2.43 -13.18 13.30
C GLY A 65 2.01 -12.89 11.86
N MET A 66 1.40 -11.74 11.65
CA MET A 66 0.96 -11.35 10.31
C MET A 66 1.92 -10.34 9.69
N GLU A 67 2.68 -9.65 10.53
CA GLU A 67 3.63 -8.65 10.06
C GLU A 67 4.58 -9.24 9.02
N LYS A 68 4.76 -10.57 9.07
CA LYS A 68 5.64 -11.24 8.13
C LYS A 68 4.90 -11.66 6.86
N GLU A 69 3.57 -11.58 6.90
CA GLU A 69 2.76 -11.95 5.76
C GLU A 69 2.74 -10.80 4.73
N PRO A 70 2.82 -11.14 3.42
CA PRO A 70 2.82 -10.14 2.35
C PRO A 70 1.46 -9.50 2.15
N VAL A 71 1.45 -8.36 1.46
CA VAL A 71 0.22 -7.63 1.19
C VAL A 71 -0.73 -8.44 0.32
N PRO A 72 -2.02 -8.08 0.30
CA PRO A 72 -3.04 -8.78 -0.50
C PRO A 72 -2.99 -8.42 -1.98
N LEU A 73 -2.02 -7.60 -2.35
CA LEU A 73 -1.87 -7.16 -3.74
C LEU A 73 -0.73 -7.89 -4.43
N GLN A 74 -0.86 -8.07 -5.74
CA GLN A 74 0.16 -8.75 -6.52
C GLN A 74 0.45 -7.99 -7.82
N HIS A 75 1.38 -8.53 -8.61
CA HIS A 75 1.76 -7.92 -9.87
C HIS A 75 0.55 -7.72 -10.79
N GLY A 76 0.14 -6.47 -10.96
CA GLY A 76 -0.99 -6.16 -11.81
C GLY A 76 -2.21 -5.70 -11.03
N ASP A 77 -2.06 -5.51 -9.73
CA ASP A 77 -3.18 -5.06 -8.90
C ASP A 77 -3.25 -3.53 -8.85
N ARG A 78 -4.17 -3.02 -8.04
CA ARG A 78 -4.34 -1.58 -7.88
C ARG A 78 -4.79 -1.26 -6.46
N ILE A 79 -4.39 -0.08 -5.98
CA ILE A 79 -4.75 0.32 -4.63
C ILE A 79 -5.00 1.82 -4.53
N THR A 80 -5.56 2.23 -3.39
CA THR A 80 -5.86 3.63 -3.13
C THR A 80 -5.35 4.04 -1.76
N ILE A 81 -4.64 5.17 -1.70
CA ILE A 81 -4.09 5.66 -0.46
C ILE A 81 -4.90 6.83 0.07
N GLU A 82 -4.89 7.00 1.39
CA GLU A 82 -5.61 8.09 2.03
C GLU A 82 -4.75 8.75 3.10
N ILE A 83 -4.44 10.02 2.89
CA ILE A 83 -3.63 10.77 3.84
C ILE A 83 -4.33 10.89 5.18
N LEU A 84 -3.80 10.20 6.18
CA LEU A 84 -4.37 10.24 7.52
C LEU A 84 -4.05 11.58 8.19
N LYS A 85 -4.70 11.84 9.31
CA LYS A 85 -4.49 13.07 10.06
C LYS A 85 -3.43 12.89 11.13
N GLY A 86 -2.20 13.29 10.81
CA GLY A 86 -1.10 13.16 11.75
C GLY A 86 -1.03 14.34 12.71
#